data_4E5Y
#
_entry.id   4E5Y
#
_cell.length_a   85.772
_cell.length_b   136.440
_cell.length_c   139.849
_cell.angle_alpha   90.00
_cell.angle_beta   90.00
_cell.angle_gamma   90.00
#
_symmetry.space_group_name_H-M   'P 21 21 21'
#
loop_
_entity.id
_entity.type
_entity.pdbx_description
1 polymer 'GDP-L-fucose synthase'
2 non-polymer 'NADPH DIHYDRO-NICOTINAMIDE-ADENINE-DINUCLEOTIDE PHOSPHATE'
3 water water
#
_entity_poly.entity_id   1
_entity_poly.type   'polypeptide(L)'
_entity_poly.pdbx_seq_one_letter_code
;MGEPQGSMRILVTGGSGLVGKAIQKVVADGAGLPGEDWVFVSSKDADLTDTAQTRALFEKVQPTHVIHLAAMVGGLFRNI
KYNLDFWRKNVHMNDNVLHSAFEVGARKVVSCLSTCIFPDKTTYPIDETMIHNGPPHNSNFGYSYAKRMIDVQNRAYFQQ
YGCTFTAVIPTNVFGPHDNFNIEDGHVLPGLIHKVHLAKSSGSALTVWGTGNPRRQFIYSLDLAQLFIWVLREYNEVEPI
ILSVGEEDEVSIKEAAEAVVEAMDFHGEVTFDTTKSDGQFKKTASNSKLRTYLPDFRFTPFKQAVKETCAWFTDNYEQAR
K
;
_entity_poly.pdbx_strand_id   A,B,C,D
#
loop_
_chem_comp.id
_chem_comp.type
_chem_comp.name
_chem_comp.formula
NDP non-polymer 'NADPH DIHYDRO-NICOTINAMIDE-ADENINE-DINUCLEOTIDE PHOSPHATE' 'C21 H30 N7 O17 P3'
#
# COMPACT_ATOMS: atom_id res chain seq x y z
N SER A 7 -40.76 17.15 -23.16
CA SER A 7 -40.39 18.53 -22.85
C SER A 7 -39.33 18.67 -21.73
N MET A 8 -38.07 18.87 -22.13
CA MET A 8 -36.98 19.08 -21.19
C MET A 8 -36.14 20.32 -21.55
N ARG A 9 -35.66 21.02 -20.53
CA ARG A 9 -34.74 22.14 -20.69
C ARG A 9 -33.30 21.76 -20.21
N ILE A 10 -32.33 21.75 -21.12
CA ILE A 10 -30.94 21.42 -20.77
C ILE A 10 -30.09 22.65 -20.56
N LEU A 11 -29.52 22.77 -19.36
CA LEU A 11 -28.61 23.85 -19.04
C LEU A 11 -27.14 23.40 -19.21
N VAL A 12 -26.40 24.05 -20.11
CA VAL A 12 -25.01 23.70 -20.33
C VAL A 12 -24.08 24.73 -19.69
N THR A 13 -23.42 24.37 -18.59
CA THR A 13 -22.36 25.23 -18.04
C THR A 13 -21.10 25.11 -18.90
N GLY A 14 -20.27 26.15 -18.91
CA GLY A 14 -19.09 26.22 -19.76
C GLY A 14 -19.43 25.91 -21.22
N GLY A 15 -20.44 26.59 -21.75
CA GLY A 15 -20.91 26.36 -23.09
C GLY A 15 -20.07 27.10 -24.11
N SER A 16 -19.17 27.95 -23.64
CA SER A 16 -18.33 28.78 -24.49
C SER A 16 -16.88 28.25 -24.64
N GLY A 17 -16.61 27.08 -24.10
CA GLY A 17 -15.28 26.49 -24.25
C GLY A 17 -15.24 25.48 -25.38
N LEU A 18 -14.14 24.74 -25.45
CA LEU A 18 -13.95 23.71 -26.48
C LEU A 18 -15.12 22.72 -26.59
N VAL A 19 -15.48 22.09 -25.48
CA VAL A 19 -16.56 21.10 -25.48
C VAL A 19 -17.95 21.73 -25.67
N GLY A 20 -18.16 22.90 -25.06
CA GLY A 20 -19.43 23.61 -25.16
C GLY A 20 -19.75 24.13 -26.54
N LYS A 21 -18.76 24.74 -27.18
CA LYS A 21 -18.94 25.21 -28.55
C LYS A 21 -19.27 24.07 -29.49
N ALA A 22 -18.69 22.90 -29.26
CA ALA A 22 -18.98 21.73 -30.09
C ALA A 22 -20.41 21.23 -29.90
N ILE A 23 -20.90 21.28 -28.67
CA ILE A 23 -22.25 20.84 -28.38
C ILE A 23 -23.26 21.80 -29.00
N GLN A 24 -23.01 23.11 -28.90
CA GLN A 24 -23.82 24.11 -29.60
C GLN A 24 -24.01 23.80 -31.09
N LYS A 25 -23.73 22.56 -31.49
CA LYS A 25 -24.21 22.04 -32.77
C LYS A 25 -24.35 20.50 -32.75
N VAL A 26 -25.57 19.96 -32.58
CA VAL A 26 -26.83 20.65 -32.28
C VAL A 26 -27.46 21.43 -33.44
N VAL A 27 -26.75 21.43 -34.58
CA VAL A 27 -27.23 21.95 -35.87
C VAL A 27 -26.20 21.72 -37.00
N ALA A 28 -26.36 20.68 -37.83
CA ALA A 28 -27.45 19.69 -37.83
C ALA A 28 -28.65 19.97 -36.94
N ASP A 29 -28.76 19.18 -35.87
CA ASP A 29 -29.76 19.43 -34.84
C ASP A 29 -29.70 18.42 -33.70
N GLY A 30 -29.79 18.92 -32.48
CA GLY A 30 -29.99 18.08 -31.31
C GLY A 30 -31.38 17.52 -31.48
N ALA A 31 -32.39 18.29 -31.04
CA ALA A 31 -33.78 18.18 -31.51
C ALA A 31 -34.79 17.39 -30.67
N GLY A 32 -35.87 18.07 -30.26
CA GLY A 32 -37.00 17.43 -29.63
C GLY A 32 -38.30 18.19 -29.77
N GLU A 36 -36.84 19.81 -26.86
CA GLU A 36 -35.79 20.27 -25.94
C GLU A 36 -35.52 21.76 -26.07
N ASP A 37 -35.42 22.43 -24.94
CA ASP A 37 -34.96 23.82 -24.88
C ASP A 37 -33.51 23.80 -24.37
N TRP A 38 -32.55 24.19 -25.21
CA TRP A 38 -31.12 24.17 -24.83
C TRP A 38 -30.61 25.52 -24.40
N VAL A 39 -30.08 25.60 -23.17
CA VAL A 39 -29.56 26.86 -22.64
C VAL A 39 -28.06 26.78 -22.40
N PHE A 40 -27.30 27.60 -23.11
CA PHE A 40 -25.86 27.60 -22.98
C PHE A 40 -25.39 28.78 -22.17
N VAL A 41 -24.56 28.52 -21.19
CA VAL A 41 -24.15 29.57 -20.29
C VAL A 41 -22.66 29.48 -20.18
N SER A 42 -22.01 30.59 -19.88
CA SER A 42 -20.56 30.64 -19.99
C SER A 42 -20.07 32.01 -19.62
N SER A 43 -19.47 32.10 -18.44
CA SER A 43 -19.65 33.30 -17.66
C SER A 43 -18.48 33.76 -16.78
N LYS A 44 -18.61 34.87 -16.06
CA LYS A 44 -19.83 35.70 -15.85
C LYS A 44 -20.91 35.87 -16.94
N ASP A 45 -22.10 36.21 -16.43
CA ASP A 45 -23.37 35.67 -16.87
C ASP A 45 -23.78 34.80 -15.66
N ALA A 46 -22.76 34.25 -15.00
CA ALA A 46 -22.88 33.57 -13.72
C ALA A 46 -21.53 32.95 -13.38
N ASP A 47 -20.82 33.55 -12.42
CA ASP A 47 -19.59 33.02 -11.87
C ASP A 47 -19.96 31.81 -11.01
N LEU A 48 -19.78 30.60 -11.54
CA LEU A 48 -20.13 29.37 -10.82
C LEU A 48 -19.35 29.18 -9.50
N THR A 49 -18.44 30.10 -9.21
CA THR A 49 -17.70 30.11 -7.95
C THR A 49 -18.52 30.78 -6.84
N ASP A 50 -19.51 31.56 -7.23
CA ASP A 50 -20.38 32.21 -6.28
C ASP A 50 -21.66 31.43 -6.13
N THR A 51 -21.96 31.06 -4.88
CA THR A 51 -23.16 30.30 -4.58
C THR A 51 -24.40 31.13 -4.85
N ALA A 52 -24.33 32.41 -4.50
CA ALA A 52 -25.51 33.26 -4.69
C ALA A 52 -25.85 33.39 -6.18
N GLN A 53 -24.87 33.81 -6.99
CA GLN A 53 -25.05 33.91 -8.44
C GLN A 53 -25.46 32.59 -9.07
N THR A 54 -24.92 31.48 -8.57
CA THR A 54 -25.23 30.19 -9.13
C THR A 54 -26.67 29.71 -8.86
N ARG A 55 -27.17 29.95 -7.65
CA ARG A 55 -28.52 29.50 -7.34
C ARG A 55 -29.50 30.38 -8.11
N ALA A 56 -29.23 31.69 -8.08
CA ALA A 56 -29.95 32.63 -8.92
C ALA A 56 -30.05 32.16 -10.37
N LEU A 57 -28.93 31.71 -10.94
CA LEU A 57 -28.94 31.25 -12.33
C LEU A 57 -29.87 30.07 -12.51
N PHE A 58 -29.78 29.11 -11.59
CA PHE A 58 -30.68 27.96 -11.63
C PHE A 58 -32.13 28.33 -11.35
N GLU A 59 -32.37 29.39 -10.58
CA GLU A 59 -33.74 29.80 -10.26
C GLU A 59 -34.43 30.39 -11.49
N LYS A 60 -33.65 31.15 -12.26
CA LYS A 60 -34.12 31.80 -13.49
C LYS A 60 -34.50 30.78 -14.56
N VAL A 61 -33.49 30.16 -15.16
CA VAL A 61 -33.73 29.05 -16.04
C VAL A 61 -34.09 27.95 -15.08
N GLN A 62 -34.91 27.01 -15.49
CA GLN A 62 -35.35 26.00 -14.55
C GLN A 62 -35.05 24.71 -15.24
N PRO A 63 -33.76 24.35 -15.27
CA PRO A 63 -33.28 23.15 -15.97
C PRO A 63 -33.94 21.89 -15.47
N THR A 64 -34.20 21.00 -16.40
CA THR A 64 -34.64 19.67 -16.07
C THR A 64 -33.39 18.75 -16.12
N HIS A 65 -32.36 19.22 -16.82
CA HIS A 65 -31.17 18.43 -17.14
C HIS A 65 -29.98 19.36 -17.19
N VAL A 66 -28.84 18.90 -16.70
CA VAL A 66 -27.64 19.74 -16.70
C VAL A 66 -26.40 19.02 -17.22
N ILE A 67 -25.76 19.65 -18.20
CA ILE A 67 -24.45 19.22 -18.66
C ILE A 67 -23.46 20.21 -18.11
N HIS A 68 -22.61 19.72 -17.20
CA HIS A 68 -21.68 20.55 -16.45
C HIS A 68 -20.27 20.44 -17.01
N LEU A 69 -19.86 21.44 -17.77
CA LEU A 69 -18.55 21.47 -18.40
C LEU A 69 -17.65 22.46 -17.68
N ALA A 70 -18.24 23.49 -17.08
CA ALA A 70 -17.43 24.52 -16.42
C ALA A 70 -16.43 23.96 -15.39
N ALA A 71 -15.22 24.52 -15.42
CA ALA A 71 -14.13 24.11 -14.54
C ALA A 71 -13.05 25.16 -14.58
N MET A 72 -12.34 25.31 -13.47
CA MET A 72 -11.12 26.09 -13.43
C MET A 72 -10.00 25.21 -13.97
N VAL A 73 -9.53 25.55 -15.16
CA VAL A 73 -8.56 24.73 -15.84
C VAL A 73 -7.60 25.69 -16.54
N GLY A 74 -6.43 25.21 -16.94
CA GLY A 74 -5.56 26.10 -17.70
C GLY A 74 -4.65 26.97 -16.85
N GLY A 75 -3.35 26.84 -17.11
CA GLY A 75 -2.30 27.14 -16.16
C GLY A 75 -2.00 25.73 -15.67
N LEU A 76 -2.94 24.85 -16.00
CA LEU A 76 -2.93 23.48 -15.56
C LEU A 76 -1.71 22.78 -16.14
N PHE A 77 -1.40 23.11 -17.39
CA PHE A 77 -0.23 22.50 -18.03
C PHE A 77 0.95 23.46 -18.07
N ARG A 78 0.82 24.60 -17.39
CA ARG A 78 1.94 25.52 -17.18
C ARG A 78 2.73 25.09 -15.94
N ASN A 79 4.04 25.31 -15.96
CA ASN A 79 4.91 24.75 -14.93
C ASN A 79 4.74 25.33 -13.54
N ILE A 80 4.37 26.61 -13.45
CA ILE A 80 4.06 27.21 -12.17
C ILE A 80 2.65 26.81 -11.74
N LYS A 81 2.55 26.17 -10.57
CA LYS A 81 1.32 25.56 -10.13
C LYS A 81 0.64 26.34 -8.99
N TYR A 82 -0.68 26.34 -9.01
CA TYR A 82 -1.47 26.99 -7.97
C TYR A 82 -2.49 25.99 -7.45
N ASN A 83 -2.01 24.94 -6.79
CA ASN A 83 -2.88 23.85 -6.37
C ASN A 83 -4.01 24.20 -5.40
N LEU A 84 -3.84 25.25 -4.62
CA LEU A 84 -4.92 25.69 -3.76
C LEU A 84 -6.06 26.24 -4.61
N ASP A 85 -5.70 26.99 -5.65
CA ASP A 85 -6.68 27.58 -6.56
C ASP A 85 -7.44 26.56 -7.41
N PHE A 86 -6.73 25.58 -7.97
CA PHE A 86 -7.38 24.53 -8.74
C PHE A 86 -8.32 23.74 -7.83
N TRP A 87 -7.94 23.62 -6.56
CA TRP A 87 -8.76 22.89 -5.64
C TRP A 87 -9.97 23.69 -5.16
N ARG A 88 -9.73 24.85 -4.56
CA ARG A 88 -10.83 25.64 -4.00
C ARG A 88 -11.84 26.06 -5.06
N LYS A 89 -11.37 26.65 -6.16
CA LYS A 89 -12.25 27.13 -7.22
C LYS A 89 -13.10 26.03 -7.85
N ASN A 90 -12.48 24.91 -8.19
CA ASN A 90 -13.22 23.79 -8.75
C ASN A 90 -14.23 23.11 -7.82
N VAL A 91 -13.84 22.87 -6.56
CA VAL A 91 -14.77 22.31 -5.59
C VAL A 91 -16.02 23.21 -5.39
N HIS A 92 -15.82 24.51 -5.19
CA HIS A 92 -16.95 25.45 -5.08
C HIS A 92 -17.87 25.36 -6.27
N MET A 93 -17.31 25.43 -7.47
CA MET A 93 -18.11 25.41 -8.70
C MET A 93 -18.92 24.12 -8.74
N ASN A 94 -18.27 23.00 -8.43
CA ASN A 94 -18.94 21.71 -8.60
C ASN A 94 -20.08 21.53 -7.60
N ASP A 95 -19.83 21.91 -6.33
CA ASP A 95 -20.85 21.93 -5.28
C ASP A 95 -22.02 22.88 -5.63
N ASN A 96 -21.68 24.13 -5.94
CA ASN A 96 -22.66 25.12 -6.39
C ASN A 96 -23.54 24.58 -7.49
N VAL A 97 -22.93 24.08 -8.56
CA VAL A 97 -23.67 23.54 -9.70
C VAL A 97 -24.51 22.31 -9.34
N LEU A 98 -23.90 21.27 -8.78
CA LEU A 98 -24.62 20.04 -8.44
C LEU A 98 -25.76 20.30 -7.45
N HIS A 99 -25.45 21.06 -6.41
CA HIS A 99 -26.47 21.24 -5.40
C HIS A 99 -27.56 22.22 -5.80
N SER A 100 -27.24 23.20 -6.63
CA SER A 100 -28.29 24.06 -7.19
C SER A 100 -29.19 23.24 -8.10
N ALA A 101 -28.58 22.37 -8.91
CA ALA A 101 -29.34 21.46 -9.76
C ALA A 101 -30.33 20.62 -8.94
N PHE A 102 -29.86 20.12 -7.81
CA PHE A 102 -30.66 19.28 -6.92
C PHE A 102 -31.84 20.07 -6.38
N GLU A 103 -31.53 21.27 -5.89
CA GLU A 103 -32.48 22.14 -5.25
C GLU A 103 -33.62 22.60 -6.14
N VAL A 104 -33.39 22.70 -7.45
CA VAL A 104 -34.47 23.09 -8.37
C VAL A 104 -35.06 21.85 -8.98
N GLY A 105 -34.62 20.68 -8.53
CA GLY A 105 -35.25 19.44 -8.94
C GLY A 105 -34.78 18.85 -10.26
N ALA A 106 -33.54 19.15 -10.65
CA ALA A 106 -33.02 18.57 -11.89
C ALA A 106 -33.07 17.06 -11.82
N ARG A 107 -33.40 16.45 -12.95
CA ARG A 107 -33.58 15.01 -13.01
C ARG A 107 -32.25 14.31 -13.28
N LYS A 108 -31.35 14.98 -14.01
CA LYS A 108 -30.05 14.43 -14.37
C LYS A 108 -28.97 15.50 -14.51
N VAL A 109 -27.81 15.24 -13.93
CA VAL A 109 -26.64 16.07 -14.16
C VAL A 109 -25.50 15.20 -14.64
N VAL A 110 -24.89 15.61 -15.75
CA VAL A 110 -23.72 14.94 -16.28
C VAL A 110 -22.54 15.90 -16.29
N SER A 111 -21.58 15.60 -15.43
CA SER A 111 -20.35 16.36 -15.31
C SER A 111 -19.21 15.75 -16.15
N CYS A 112 -18.06 16.39 -16.09
CA CYS A 112 -16.94 16.00 -16.95
C CYS A 112 -15.63 15.82 -16.15
N LEU A 113 -15.08 14.62 -16.15
CA LEU A 113 -13.77 14.37 -15.52
C LEU A 113 -12.72 14.16 -16.60
N SER A 114 -11.45 14.06 -16.21
CA SER A 114 -10.39 13.78 -17.17
C SER A 114 -9.55 12.57 -16.75
N THR A 115 -8.92 11.92 -17.72
CA THR A 115 -8.13 10.72 -17.42
C THR A 115 -6.90 11.01 -16.55
N CYS A 116 -6.49 12.28 -16.49
CA CYS A 116 -5.25 12.62 -15.78
C CYS A 116 -5.44 12.63 -14.27
N ILE A 117 -6.65 12.35 -13.81
CA ILE A 117 -6.92 12.31 -12.39
C ILE A 117 -6.88 10.89 -11.84
N PHE A 118 -6.56 9.93 -12.70
CA PHE A 118 -6.50 8.54 -12.27
C PHE A 118 -5.23 8.29 -11.44
N PRO A 119 -5.18 7.17 -10.69
CA PRO A 119 -3.96 6.90 -9.92
C PRO A 119 -2.70 6.93 -10.80
N ASP A 120 -1.70 7.71 -10.42
CA ASP A 120 -0.40 7.77 -11.10
C ASP A 120 0.21 6.38 -11.38
N LYS A 121 0.18 5.52 -10.38
CA LYS A 121 0.61 4.13 -10.52
C LYS A 121 -0.19 3.43 -11.60
N THR A 122 -1.16 2.62 -11.18
CA THR A 122 -2.10 1.92 -12.05
C THR A 122 -1.53 1.07 -13.20
N THR A 123 -2.22 -0.04 -13.47
CA THR A 123 -1.93 -0.88 -14.63
C THR A 123 -2.76 -0.37 -15.79
N TYR A 124 -2.32 -0.62 -17.02
CA TYR A 124 -3.07 -0.12 -18.20
C TYR A 124 -3.74 -1.27 -18.96
N PRO A 125 -4.93 -1.03 -19.55
CA PRO A 125 -5.66 0.25 -19.59
C PRO A 125 -6.51 0.54 -18.36
N ILE A 126 -6.62 1.82 -18.02
CA ILE A 126 -7.51 2.24 -16.96
C ILE A 126 -8.98 2.10 -17.37
N ASP A 127 -9.83 1.74 -16.43
CA ASP A 127 -11.27 1.80 -16.68
C ASP A 127 -12.00 2.56 -15.58
N GLU A 128 -13.31 2.66 -15.75
CA GLU A 128 -14.14 3.52 -14.93
C GLU A 128 -14.15 3.15 -13.45
N THR A 129 -13.76 1.93 -13.11
CA THR A 129 -13.75 1.48 -11.72
C THR A 129 -12.49 1.86 -10.94
N MET A 130 -11.50 2.42 -11.63
CA MET A 130 -10.18 2.57 -11.02
C MET A 130 -9.90 3.97 -10.58
N ILE A 131 -10.86 4.86 -10.67
CA ILE A 131 -10.55 6.26 -10.41
C ILE A 131 -9.99 6.53 -9.00
N HIS A 132 -10.47 5.83 -7.98
CA HIS A 132 -10.05 6.12 -6.60
C HIS A 132 -8.95 5.21 -6.06
N ASN A 133 -8.34 4.41 -6.92
CA ASN A 133 -7.49 3.31 -6.48
C ASN A 133 -6.03 3.69 -6.19
N GLY A 134 -5.81 4.87 -5.64
CA GLY A 134 -4.47 5.37 -5.40
C GLY A 134 -4.39 6.85 -5.70
N PRO A 135 -3.38 7.54 -5.16
CA PRO A 135 -3.31 8.99 -5.34
C PRO A 135 -2.95 9.39 -6.78
N PRO A 136 -3.47 10.54 -7.26
CA PRO A 136 -3.17 10.99 -8.62
C PRO A 136 -1.72 11.46 -8.66
N HIS A 137 -1.19 11.72 -9.85
CA HIS A 137 0.11 12.35 -9.97
C HIS A 137 0.10 13.64 -9.17
N ASN A 138 1.20 13.97 -8.51
CA ASN A 138 1.15 15.09 -7.56
C ASN A 138 1.24 16.49 -8.21
N SER A 139 1.60 16.52 -9.49
CA SER A 139 1.63 17.76 -10.27
C SER A 139 0.45 18.68 -10.04
N ASN A 140 -0.71 18.19 -10.45
CA ASN A 140 -1.94 18.96 -10.36
C ASN A 140 -2.94 18.33 -9.37
N PHE A 141 -2.45 17.86 -8.24
CA PHE A 141 -3.29 17.11 -7.31
C PHE A 141 -4.57 17.86 -6.89
N GLY A 142 -4.47 19.17 -6.73
CA GLY A 142 -5.62 19.98 -6.36
C GLY A 142 -6.75 19.84 -7.36
N TYR A 143 -6.40 20.02 -8.63
CA TYR A 143 -7.33 19.80 -9.73
C TYR A 143 -7.83 18.36 -9.79
N SER A 144 -6.92 17.41 -9.61
CA SER A 144 -7.26 15.99 -9.73
C SER A 144 -8.24 15.58 -8.65
N TYR A 145 -7.97 15.96 -7.41
CA TYR A 145 -8.88 15.62 -6.32
C TYR A 145 -10.21 16.37 -6.39
N ALA A 146 -10.21 17.65 -6.79
CA ALA A 146 -11.49 18.32 -7.05
C ALA A 146 -12.34 17.53 -8.04
N LYS A 147 -11.73 17.06 -9.14
CA LYS A 147 -12.50 16.31 -10.14
C LYS A 147 -12.97 14.96 -9.61
N ARG A 148 -12.13 14.31 -8.82
CA ARG A 148 -12.50 13.03 -8.23
C ARG A 148 -13.71 13.19 -7.32
N MET A 149 -13.74 14.32 -6.61
CA MET A 149 -14.79 14.58 -5.66
C MET A 149 -16.15 14.67 -6.34
N ILE A 150 -16.18 15.09 -7.60
CA ILE A 150 -17.40 15.04 -8.40
C ILE A 150 -18.04 13.66 -8.34
N ASP A 151 -17.24 12.60 -8.57
CA ASP A 151 -17.75 11.24 -8.54
C ASP A 151 -18.27 10.90 -7.15
N VAL A 152 -17.60 11.46 -6.13
CA VAL A 152 -18.00 11.28 -4.74
C VAL A 152 -19.37 11.96 -4.48
N GLN A 153 -19.52 13.23 -4.88
CA GLN A 153 -20.82 13.90 -4.83
C GLN A 153 -21.92 13.11 -5.55
N ASN A 154 -21.66 12.75 -6.80
CA ASN A 154 -22.58 11.92 -7.55
C ASN A 154 -23.08 10.68 -6.81
N ARG A 155 -22.16 9.95 -6.18
CA ARG A 155 -22.52 8.74 -5.47
C ARG A 155 -23.32 9.04 -4.18
N ALA A 156 -23.07 10.20 -3.59
CA ALA A 156 -23.76 10.61 -2.38
C ALA A 156 -25.21 10.97 -2.69
N TYR A 157 -25.41 11.88 -3.66
CA TYR A 157 -26.75 12.20 -4.13
C TYR A 157 -27.53 10.91 -4.38
N PHE A 158 -26.86 9.92 -4.95
CA PHE A 158 -27.53 8.68 -5.29
C PHE A 158 -27.89 7.83 -4.05
N GLN A 159 -27.00 7.80 -3.08
CA GLN A 159 -27.16 6.95 -1.91
C GLN A 159 -28.32 7.50 -1.07
N GLN A 160 -28.28 8.80 -0.81
CA GLN A 160 -29.18 9.45 0.13
C GLN A 160 -30.54 9.83 -0.47
N TYR A 161 -30.58 10.23 -1.75
CA TYR A 161 -31.84 10.63 -2.39
C TYR A 161 -32.16 9.82 -3.65
N GLY A 162 -31.25 8.95 -4.06
CA GLY A 162 -31.49 8.15 -5.24
C GLY A 162 -31.54 8.95 -6.53
N CYS A 163 -31.00 10.17 -6.52
CA CYS A 163 -30.82 10.98 -7.73
C CYS A 163 -29.78 10.38 -8.70
N THR A 164 -30.03 10.54 -9.99
CA THR A 164 -29.10 10.05 -10.99
C THR A 164 -28.26 11.18 -11.61
N PHE A 165 -27.02 11.26 -11.11
CA PHE A 165 -26.03 12.24 -11.52
C PHE A 165 -24.81 11.38 -11.90
N THR A 166 -24.29 11.58 -13.10
CA THR A 166 -23.12 10.85 -13.62
C THR A 166 -22.04 11.80 -14.07
N ALA A 167 -21.05 11.21 -14.71
CA ALA A 167 -19.97 11.97 -15.33
C ALA A 167 -19.44 11.23 -16.56
N VAL A 168 -18.86 11.98 -17.49
CA VAL A 168 -18.16 11.34 -18.57
C VAL A 168 -16.69 11.64 -18.41
N ILE A 169 -15.87 10.76 -18.98
CA ILE A 169 -14.43 10.86 -18.85
C ILE A 169 -13.85 10.82 -20.25
N PRO A 170 -13.75 11.99 -20.89
CA PRO A 170 -13.15 12.08 -22.22
C PRO A 170 -11.65 11.88 -22.13
N THR A 171 -11.02 11.33 -23.16
CA THR A 171 -9.56 11.38 -23.21
C THR A 171 -9.15 12.78 -23.67
N ASN A 172 -8.06 12.90 -24.39
CA ASN A 172 -7.63 14.24 -24.81
C ASN A 172 -8.51 14.84 -25.92
N VAL A 173 -9.33 15.81 -25.57
CA VAL A 173 -10.22 16.44 -26.54
C VAL A 173 -9.47 17.48 -27.36
N PHE A 174 -9.74 17.52 -28.65
CA PHE A 174 -9.20 18.58 -29.50
C PHE A 174 -10.26 19.02 -30.51
N GLY A 175 -10.09 20.20 -31.09
CA GLY A 175 -10.98 20.68 -32.13
C GLY A 175 -11.10 22.19 -32.20
N PRO A 176 -12.06 22.70 -32.98
CA PRO A 176 -12.25 24.15 -33.05
C PRO A 176 -12.50 24.72 -31.65
N HIS A 177 -12.03 25.95 -31.42
CA HIS A 177 -12.31 26.66 -30.16
C HIS A 177 -11.45 26.16 -29.01
N ASP A 178 -10.46 25.34 -29.34
CA ASP A 178 -9.49 24.86 -28.36
C ASP A 178 -8.62 25.99 -27.84
N ASN A 179 -7.76 25.70 -26.85
CA ASN A 179 -6.74 26.64 -26.43
C ASN A 179 -5.45 26.48 -27.23
N PHE A 180 -5.22 27.38 -28.19
CA PHE A 180 -4.07 27.27 -29.10
C PHE A 180 -2.83 27.99 -28.57
N ASN A 181 -2.94 28.57 -27.38
CA ASN A 181 -1.81 29.24 -26.77
C ASN A 181 -0.70 28.21 -26.51
N ILE A 182 0.45 28.43 -27.14
CA ILE A 182 1.54 27.46 -27.11
C ILE A 182 2.09 27.26 -25.68
N GLU A 183 2.24 28.36 -24.95
CA GLU A 183 2.73 28.37 -23.57
C GLU A 183 1.92 27.51 -22.59
N ASP A 184 0.60 27.44 -22.73
CA ASP A 184 -0.12 26.69 -21.71
C ASP A 184 -0.41 25.20 -22.01
N GLY A 185 0.07 24.76 -23.16
CA GLY A 185 0.51 23.38 -23.30
C GLY A 185 -0.45 22.28 -23.70
N HIS A 186 -1.63 22.61 -24.19
CA HIS A 186 -2.42 21.58 -24.86
C HIS A 186 -1.61 21.24 -26.11
N VAL A 187 -1.26 19.97 -26.28
CA VAL A 187 -0.20 19.60 -27.22
C VAL A 187 -0.66 19.66 -28.68
N LEU A 188 -1.86 19.17 -28.95
CA LEU A 188 -2.35 19.18 -30.32
C LEU A 188 -2.54 20.62 -30.88
N PRO A 189 -3.36 21.47 -30.21
CA PRO A 189 -3.49 22.85 -30.68
C PRO A 189 -2.19 23.63 -30.54
N GLY A 190 -1.33 23.21 -29.64
CA GLY A 190 0.02 23.76 -29.57
C GLY A 190 0.75 23.54 -30.88
N LEU A 191 0.61 22.31 -31.41
CA LEU A 191 1.27 21.92 -32.65
C LEU A 191 0.74 22.70 -33.86
N ILE A 192 -0.56 22.95 -33.88
CA ILE A 192 -1.20 23.61 -34.98
C ILE A 192 -0.72 25.05 -35.07
N HIS A 193 -0.63 25.69 -33.92
CA HIS A 193 -0.17 27.07 -33.80
C HIS A 193 1.31 27.18 -34.20
N LYS A 194 2.13 26.23 -33.76
CA LYS A 194 3.54 26.23 -34.08
C LYS A 194 3.73 26.08 -35.58
N VAL A 195 3.04 25.12 -36.17
CA VAL A 195 3.16 24.91 -37.59
C VAL A 195 2.76 26.17 -38.34
N HIS A 196 1.81 26.90 -37.78
CA HIS A 196 1.30 28.12 -38.40
C HIS A 196 2.32 29.26 -38.30
N LEU A 197 2.97 29.35 -37.14
CA LEU A 197 4.04 30.30 -36.96
C LEU A 197 5.24 29.91 -37.85
N ALA A 198 5.47 28.62 -38.01
CA ALA A 198 6.64 28.13 -38.73
C ALA A 198 6.51 28.40 -40.23
N LYS A 199 5.31 28.25 -40.78
CA LYS A 199 5.07 28.53 -42.19
C LYS A 199 5.44 29.97 -42.55
N SER A 200 4.88 30.93 -41.82
CA SER A 200 5.13 32.34 -42.13
C SER A 200 6.46 32.87 -41.59
N SER A 201 7.38 31.95 -41.26
CA SER A 201 8.77 32.31 -40.97
C SER A 201 9.68 31.25 -41.63
N GLY A 202 10.59 30.65 -40.86
CA GLY A 202 11.41 29.58 -41.39
C GLY A 202 11.55 28.45 -40.40
N SER A 203 12.38 27.45 -40.75
CA SER A 203 12.59 26.24 -39.93
C SER A 203 11.37 25.85 -39.10
N ALA A 204 11.62 25.11 -38.02
CA ALA A 204 10.74 25.08 -36.83
C ALA A 204 10.03 23.79 -36.42
N LEU A 205 10.09 23.53 -35.10
CA LEU A 205 9.41 22.45 -34.37
C LEU A 205 10.41 21.77 -33.41
N THR A 206 9.97 20.84 -32.54
CA THR A 206 8.57 20.55 -32.27
C THR A 206 8.11 21.37 -31.09
N VAL A 207 7.23 20.73 -30.34
CA VAL A 207 6.83 21.13 -29.00
C VAL A 207 7.81 20.43 -28.05
N TRP A 208 8.93 19.96 -28.62
CA TRP A 208 10.04 19.40 -27.84
C TRP A 208 9.70 18.18 -26.98
N GLY A 209 10.69 17.32 -26.77
CA GLY A 209 10.47 16.02 -26.17
C GLY A 209 10.76 14.94 -27.20
N THR A 210 10.60 13.68 -26.80
CA THR A 210 10.89 12.54 -27.67
C THR A 210 9.96 12.53 -28.90
N GLY A 211 8.68 12.78 -28.65
CA GLY A 211 7.66 12.56 -29.66
C GLY A 211 7.15 11.14 -29.53
N ASN A 212 7.70 10.44 -28.55
CA ASN A 212 7.36 9.03 -28.29
C ASN A 212 6.05 8.81 -27.52
N PRO A 213 5.74 9.69 -26.55
CA PRO A 213 4.51 9.52 -25.76
C PRO A 213 3.22 9.41 -26.59
N ARG A 214 2.32 8.52 -26.18
CA ARG A 214 1.10 8.23 -26.91
C ARG A 214 -0.14 8.72 -26.17
N ARG A 215 -1.09 9.28 -26.92
CA ARG A 215 -2.34 9.70 -26.32
C ARG A 215 -3.52 9.23 -27.15
N GLN A 216 -4.65 9.12 -26.47
CA GLN A 216 -5.91 8.95 -27.13
C GLN A 216 -6.51 10.33 -27.34
N PHE A 217 -6.84 10.66 -28.59
CA PHE A 217 -7.39 11.95 -28.92
C PHE A 217 -8.85 11.74 -29.28
N ILE A 218 -9.69 12.63 -28.79
CA ILE A 218 -11.09 12.57 -29.17
C ILE A 218 -11.50 13.94 -29.73
N TYR A 219 -12.04 13.90 -30.94
CA TYR A 219 -12.43 15.10 -31.67
C TYR A 219 -13.65 15.70 -31.01
N SER A 220 -13.59 17.00 -30.74
CA SER A 220 -14.64 17.65 -29.94
C SER A 220 -16.04 17.39 -30.48
N LEU A 221 -16.18 17.38 -31.81
CA LEU A 221 -17.46 17.17 -32.46
C LEU A 221 -18.05 15.79 -32.19
N ASP A 222 -17.17 14.79 -32.08
CA ASP A 222 -17.55 13.41 -31.76
C ASP A 222 -17.98 13.34 -30.28
N LEU A 223 -17.21 14.02 -29.45
CA LEU A 223 -17.50 14.08 -28.03
C LEU A 223 -18.88 14.72 -27.82
N ALA A 224 -19.17 15.77 -28.57
CA ALA A 224 -20.49 16.41 -28.49
C ALA A 224 -21.63 15.40 -28.76
N GLN A 225 -21.50 14.61 -29.82
CA GLN A 225 -22.48 13.55 -30.13
C GLN A 225 -22.72 12.60 -28.96
N LEU A 226 -21.62 12.08 -28.41
CA LEU A 226 -21.69 11.07 -27.37
C LEU A 226 -22.23 11.67 -26.09
N PHE A 227 -21.99 12.95 -25.90
CA PHE A 227 -22.40 13.64 -24.71
C PHE A 227 -23.93 13.85 -24.73
N ILE A 228 -24.48 14.13 -25.90
CA ILE A 228 -25.93 14.29 -26.02
C ILE A 228 -26.58 12.92 -25.84
N TRP A 229 -25.94 11.86 -26.31
CA TRP A 229 -26.45 10.53 -26.03
C TRP A 229 -26.40 10.18 -24.54
N VAL A 230 -25.26 10.44 -23.89
CA VAL A 230 -25.17 10.22 -22.44
C VAL A 230 -26.29 10.98 -21.70
N LEU A 231 -26.62 12.17 -22.16
CA LEU A 231 -27.64 12.98 -21.52
C LEU A 231 -29.03 12.35 -21.69
N ARG A 232 -29.35 11.97 -22.92
CA ARG A 232 -30.64 11.37 -23.25
C ARG A 232 -30.85 9.96 -22.72
N GLU A 233 -29.77 9.19 -22.66
CA GLU A 233 -29.82 7.79 -22.26
C GLU A 233 -28.65 7.57 -21.31
N TYR A 234 -28.42 6.34 -20.87
CA TYR A 234 -27.33 6.12 -19.91
C TYR A 234 -27.66 6.66 -18.52
N ASN A 235 -27.87 5.75 -17.58
CA ASN A 235 -28.28 6.14 -16.25
C ASN A 235 -27.51 5.45 -15.13
N GLU A 236 -26.25 5.13 -15.39
CA GLU A 236 -25.37 4.70 -14.32
C GLU A 236 -24.95 5.96 -13.58
N VAL A 237 -24.50 5.83 -12.35
CA VAL A 237 -23.84 6.96 -11.70
C VAL A 237 -22.34 6.79 -11.81
N GLU A 238 -21.91 5.54 -12.03
CA GLU A 238 -20.51 5.27 -12.31
C GLU A 238 -20.20 5.92 -13.65
N PRO A 239 -19.07 6.64 -13.74
CA PRO A 239 -18.82 7.39 -14.98
C PRO A 239 -18.57 6.53 -16.20
N ILE A 240 -18.56 7.18 -17.35
CA ILE A 240 -18.27 6.48 -18.58
C ILE A 240 -17.15 7.15 -19.36
N ILE A 241 -16.19 6.33 -19.78
CA ILE A 241 -15.05 6.81 -20.56
C ILE A 241 -15.45 7.00 -22.03
N LEU A 242 -15.33 8.22 -22.53
CA LEU A 242 -15.68 8.54 -23.92
C LEU A 242 -14.40 8.71 -24.74
N SER A 243 -14.12 7.74 -25.58
CA SER A 243 -12.80 7.68 -26.16
C SER A 243 -12.69 6.68 -27.27
N VAL A 244 -11.69 6.89 -28.11
CA VAL A 244 -11.40 6.01 -29.19
C VAL A 244 -10.67 4.80 -28.60
N GLY A 245 -10.62 3.71 -29.35
CA GLY A 245 -10.11 2.45 -28.84
C GLY A 245 -8.67 2.50 -28.35
N GLU A 246 -8.38 1.64 -27.38
CA GLU A 246 -7.09 1.58 -26.74
C GLU A 246 -5.99 1.07 -27.67
N GLU A 247 -6.24 1.15 -28.98
CA GLU A 247 -5.27 0.74 -29.98
C GLU A 247 -5.26 1.77 -31.09
N ASP A 248 -5.97 2.86 -30.83
CA ASP A 248 -6.05 3.96 -31.79
C ASP A 248 -5.38 5.19 -31.20
N GLU A 249 -4.53 4.98 -30.21
CA GLU A 249 -3.70 6.08 -29.77
C GLU A 249 -2.66 6.43 -30.84
N VAL A 250 -2.17 7.65 -30.77
CA VAL A 250 -1.18 8.12 -31.69
C VAL A 250 -0.07 8.66 -30.84
N SER A 251 1.16 8.57 -31.33
CA SER A 251 2.28 9.12 -30.59
C SER A 251 2.28 10.61 -30.92
N ILE A 252 3.01 11.37 -30.13
CA ILE A 252 3.09 12.80 -30.38
C ILE A 252 3.73 13.05 -31.75
N LYS A 253 4.70 12.22 -32.11
CA LYS A 253 5.31 12.29 -33.41
C LYS A 253 4.26 12.10 -34.47
N GLU A 254 3.41 11.09 -34.31
CA GLU A 254 2.35 10.87 -35.29
C GLU A 254 1.30 11.99 -35.32
N ALA A 255 1.16 12.72 -34.20
CA ALA A 255 0.28 13.88 -34.16
C ALA A 255 0.87 15.08 -34.91
N ALA A 256 2.20 15.23 -34.83
CA ALA A 256 2.90 16.28 -35.56
C ALA A 256 2.91 15.99 -37.05
N GLU A 257 3.08 14.72 -37.41
CA GLU A 257 3.02 14.31 -38.80
C GLU A 257 1.67 14.63 -39.42
N ALA A 258 0.59 14.46 -38.66
CA ALA A 258 -0.77 14.73 -39.16
C ALA A 258 -1.04 16.22 -39.31
N VAL A 259 -0.50 17.02 -38.38
CA VAL A 259 -0.65 18.47 -38.42
C VAL A 259 0.17 19.06 -39.57
N VAL A 260 1.41 18.57 -39.73
CA VAL A 260 2.29 19.04 -40.78
C VAL A 260 1.68 18.74 -42.15
N GLU A 261 1.20 17.51 -42.33
CA GLU A 261 0.46 17.10 -43.53
C GLU A 261 -0.72 18.06 -43.74
N ALA A 262 -1.58 18.18 -42.73
CA ALA A 262 -2.81 18.95 -42.90
C ALA A 262 -2.58 20.41 -43.27
N MET A 263 -1.51 21.01 -42.76
CA MET A 263 -1.26 22.43 -42.99
C MET A 263 -0.31 22.68 -44.15
N ASP A 264 0.08 21.60 -44.84
CA ASP A 264 0.92 21.71 -46.01
C ASP A 264 2.24 22.41 -45.66
N PHE A 265 2.76 22.12 -44.48
CA PHE A 265 4.05 22.66 -44.07
C PHE A 265 5.18 21.77 -44.58
N HIS A 266 6.19 22.37 -45.19
CA HIS A 266 7.27 21.60 -45.83
C HIS A 266 8.65 21.86 -45.24
N GLY A 267 8.72 22.50 -44.08
CA GLY A 267 10.00 22.82 -43.48
C GLY A 267 10.52 21.68 -42.62
N GLU A 268 11.59 21.94 -41.87
CA GLU A 268 12.18 20.98 -40.94
C GLU A 268 11.34 20.76 -39.69
N VAL A 269 11.31 19.53 -39.17
CA VAL A 269 10.60 19.25 -37.92
C VAL A 269 11.48 19.22 -36.63
N THR A 270 12.35 18.21 -36.47
CA THR A 270 13.21 18.10 -35.27
C THR A 270 12.50 18.07 -33.90
N PHE A 271 13.13 17.44 -32.90
CA PHE A 271 12.52 17.20 -31.58
C PHE A 271 13.31 17.66 -30.33
N ASP A 272 13.97 16.70 -29.68
CA ASP A 272 14.64 16.91 -28.38
C ASP A 272 13.65 17.20 -27.24
N GLY A 278 6.64 12.25 -20.38
CA GLY A 278 5.47 12.98 -19.93
C GLY A 278 4.40 12.07 -19.34
N GLN A 279 4.38 10.80 -19.75
CA GLN A 279 3.38 9.87 -19.23
C GLN A 279 3.86 8.40 -18.98
N PHE A 280 4.45 7.75 -19.99
CA PHE A 280 4.55 8.24 -21.35
C PHE A 280 3.29 7.80 -22.10
N LYS A 281 2.31 7.34 -21.32
CA LYS A 281 1.02 6.93 -21.86
C LYS A 281 -0.04 6.76 -20.76
N LYS A 282 -1.30 7.06 -21.09
CA LYS A 282 -2.38 6.97 -20.11
C LYS A 282 -3.56 6.18 -20.65
N THR A 283 -3.28 5.04 -21.27
CA THR A 283 -4.27 4.23 -21.97
C THR A 283 -5.60 3.98 -21.22
N ALA A 284 -6.71 4.37 -21.84
CA ALA A 284 -8.02 4.17 -21.24
C ALA A 284 -8.87 3.22 -22.10
N SER A 285 -9.62 2.33 -21.47
CA SER A 285 -10.48 1.40 -22.19
C SER A 285 -11.80 2.08 -22.46
N ASN A 286 -12.39 1.81 -23.62
CA ASN A 286 -13.69 2.39 -23.94
C ASN A 286 -14.71 1.29 -24.18
N SER A 287 -14.50 0.13 -23.54
CA SER A 287 -15.36 -0.99 -23.83
C SER A 287 -16.70 -0.95 -23.08
N LYS A 288 -16.84 -0.07 -22.10
CA LYS A 288 -18.20 0.23 -21.60
C LYS A 288 -18.99 0.99 -22.67
N LEU A 289 -18.35 2.04 -23.20
CA LEU A 289 -18.92 2.74 -24.33
C LEU A 289 -19.30 1.77 -25.45
N ARG A 290 -18.41 0.82 -25.74
CA ARG A 290 -18.65 -0.16 -26.80
C ARG A 290 -19.74 -1.19 -26.46
N THR A 291 -20.07 -1.30 -25.18
CA THR A 291 -21.19 -2.15 -24.77
C THR A 291 -22.50 -1.47 -25.12
N TYR A 292 -22.51 -0.14 -25.08
CA TYR A 292 -23.69 0.66 -25.41
C TYR A 292 -23.79 0.98 -26.90
N LEU A 293 -22.70 1.46 -27.47
CA LEU A 293 -22.72 1.90 -28.87
C LEU A 293 -21.63 1.22 -29.71
N PRO A 294 -21.85 -0.05 -30.08
CA PRO A 294 -20.85 -0.74 -30.90
C PRO A 294 -20.83 -0.22 -32.34
N ASP A 295 -21.90 0.42 -32.80
CA ASP A 295 -21.99 0.89 -34.18
C ASP A 295 -21.62 2.37 -34.37
N PHE A 296 -21.14 3.02 -33.32
CA PHE A 296 -20.70 4.42 -33.43
C PHE A 296 -19.28 4.46 -33.96
N ARG A 297 -19.01 5.43 -34.84
CA ARG A 297 -17.70 5.57 -35.44
C ARG A 297 -17.16 6.96 -35.18
N PHE A 298 -15.90 7.01 -34.73
CA PHE A 298 -15.21 8.29 -34.60
C PHE A 298 -14.71 8.77 -35.97
N THR A 299 -14.82 10.08 -36.19
CA THR A 299 -14.10 10.79 -37.25
C THR A 299 -12.61 10.38 -37.24
N PRO A 300 -12.10 9.95 -38.40
CA PRO A 300 -10.67 9.60 -38.50
C PRO A 300 -9.81 10.76 -37.97
N PHE A 301 -8.78 10.41 -37.21
CA PHE A 301 -7.87 11.39 -36.65
C PHE A 301 -7.35 12.40 -37.69
N LYS A 302 -6.93 11.90 -38.85
CA LYS A 302 -6.33 12.75 -39.85
C LYS A 302 -7.33 13.76 -40.40
N GLN A 303 -8.57 13.33 -40.57
CA GLN A 303 -9.59 14.22 -41.08
C GLN A 303 -9.95 15.22 -39.99
N ALA A 304 -10.04 14.74 -38.75
CA ALA A 304 -10.35 15.62 -37.61
C ALA A 304 -9.28 16.69 -37.41
N VAL A 305 -8.02 16.30 -37.52
CA VAL A 305 -6.92 17.23 -37.49
C VAL A 305 -7.01 18.24 -38.65
N LYS A 306 -7.20 17.75 -39.88
CA LYS A 306 -7.33 18.62 -41.05
C LYS A 306 -8.44 19.66 -40.88
N GLU A 307 -9.57 19.25 -40.29
CA GLU A 307 -10.67 20.18 -40.08
C GLU A 307 -10.35 21.20 -38.98
N THR A 308 -9.66 20.79 -37.93
CA THR A 308 -9.39 21.77 -36.88
C THR A 308 -8.27 22.73 -37.29
N CYS A 309 -7.33 22.22 -38.10
CA CYS A 309 -6.36 23.09 -38.82
C CYS A 309 -7.02 24.16 -39.68
N ALA A 310 -7.86 23.76 -40.63
CA ALA A 310 -8.63 24.73 -41.42
C ALA A 310 -9.41 25.76 -40.58
N TRP A 311 -10.07 25.30 -39.52
CA TRP A 311 -10.72 26.23 -38.58
C TRP A 311 -9.72 27.22 -37.98
N PHE A 312 -8.58 26.74 -37.51
CA PHE A 312 -7.57 27.63 -36.92
C PHE A 312 -7.11 28.72 -37.88
N THR A 313 -6.76 28.34 -39.10
CA THR A 313 -6.31 29.32 -40.10
C THR A 313 -7.42 30.32 -40.49
N ASP A 314 -8.66 29.86 -40.56
CA ASP A 314 -9.78 30.76 -40.90
C ASP A 314 -10.39 31.48 -39.70
N ASN A 315 -9.83 31.24 -38.51
CA ASN A 315 -10.33 31.93 -37.32
C ASN A 315 -9.19 32.44 -36.45
N TYR A 316 -8.00 32.56 -37.05
CA TYR A 316 -6.81 32.99 -36.33
C TYR A 316 -7.02 34.22 -35.42
N GLU A 317 -7.71 35.24 -35.93
CA GLU A 317 -7.97 36.47 -35.16
C GLU A 317 -8.84 36.24 -33.92
N GLN A 318 -9.81 35.34 -34.04
CA GLN A 318 -10.76 35.12 -32.95
C GLN A 318 -10.25 34.11 -31.92
N ALA A 319 -9.36 33.21 -32.33
CA ALA A 319 -8.99 32.05 -31.52
C ALA A 319 -8.18 32.36 -30.26
N ARG A 320 -8.29 31.47 -29.26
CA ARG A 320 -7.50 31.57 -28.03
C ARG A 320 -6.02 31.46 -28.33
N LYS A 321 -5.34 32.60 -28.20
CA LYS A 321 -3.96 32.80 -28.69
C LYS A 321 -3.75 32.36 -30.14
N SER B 7 0.87 37.66 21.97
CA SER B 7 2.01 36.96 21.39
C SER B 7 1.59 35.72 20.63
N MET B 8 0.55 35.05 21.13
CA MET B 8 0.13 33.78 20.57
C MET B 8 -1.31 33.50 20.96
N ARG B 9 -2.25 33.89 20.10
CA ARG B 9 -3.67 33.66 20.34
C ARG B 9 -4.11 32.35 19.68
N ILE B 10 -4.74 31.46 20.45
CA ILE B 10 -5.06 30.13 19.96
C ILE B 10 -6.56 29.86 19.88
N LEU B 11 -7.07 29.62 18.68
CA LEU B 11 -8.49 29.31 18.52
C LEU B 11 -8.76 27.80 18.39
N VAL B 12 -9.71 27.31 19.18
CA VAL B 12 -10.08 25.90 19.13
C VAL B 12 -11.54 25.69 18.79
N THR B 13 -11.79 25.19 17.58
CA THR B 13 -13.14 24.82 17.15
C THR B 13 -13.47 23.48 17.78
N GLY B 14 -14.75 23.13 17.89
CA GLY B 14 -15.11 21.89 18.57
C GLY B 14 -14.52 21.86 19.99
N GLY B 15 -14.49 23.02 20.64
CA GLY B 15 -13.96 23.13 21.98
C GLY B 15 -14.84 22.46 23.02
N SER B 16 -16.10 22.23 22.68
CA SER B 16 -17.05 21.63 23.61
C SER B 16 -17.18 20.11 23.46
N GLY B 17 -16.41 19.54 22.54
CA GLY B 17 -16.42 18.10 22.33
C GLY B 17 -15.49 17.36 23.28
N LEU B 18 -15.51 16.04 23.22
CA LEU B 18 -14.60 15.19 23.98
C LEU B 18 -13.15 15.68 23.92
N VAL B 19 -12.63 15.88 22.71
CA VAL B 19 -11.24 16.29 22.54
C VAL B 19 -11.01 17.72 23.06
N GLY B 20 -11.96 18.60 22.76
CA GLY B 20 -11.89 19.98 23.20
C GLY B 20 -11.94 20.16 24.70
N LYS B 21 -12.86 19.46 25.35
CA LYS B 21 -12.97 19.56 26.79
C LYS B 21 -11.65 19.21 27.47
N ALA B 22 -10.95 18.24 26.89
CA ALA B 22 -9.69 17.74 27.45
C ALA B 22 -8.56 18.72 27.27
N ILE B 23 -8.57 19.43 26.15
CA ILE B 23 -7.56 20.45 25.92
C ILE B 23 -7.73 21.59 26.95
N GLN B 24 -8.96 21.88 27.34
CA GLN B 24 -9.24 22.89 28.34
C GLN B 24 -8.62 22.58 29.71
N LYS B 25 -7.43 21.97 29.70
CA LYS B 25 -6.69 21.65 30.91
C LYS B 25 -5.24 21.29 30.55
N VAL B 26 -4.33 22.26 30.39
CA VAL B 26 -4.53 23.72 30.49
C VAL B 26 -4.75 24.31 31.89
N VAL B 27 -5.40 23.56 32.78
CA VAL B 27 -5.63 24.02 34.14
C VAL B 27 -5.94 22.90 35.16
N ALA B 28 -4.96 22.08 35.55
CA ALA B 28 -3.57 22.07 35.07
C ALA B 28 -2.97 23.40 34.56
N ASP B 29 -2.19 23.32 33.49
CA ASP B 29 -1.58 24.52 32.91
C ASP B 29 -0.81 24.25 31.62
N GLY B 30 -1.28 24.84 30.52
CA GLY B 30 -0.54 24.84 29.27
C GLY B 30 0.52 25.92 29.33
N ALA B 31 0.09 27.17 29.14
CA ALA B 31 0.90 28.36 29.47
C ALA B 31 2.10 28.71 28.57
N GLY B 32 2.28 30.00 28.35
CA GLY B 32 3.43 30.50 27.63
C GLY B 32 4.47 31.10 28.57
N GLU B 36 0.48 32.71 26.59
CA GLU B 36 -0.19 32.29 25.36
C GLU B 36 -1.55 32.97 25.16
N ASP B 37 -2.62 32.25 25.48
CA ASP B 37 -4.01 32.70 25.33
C ASP B 37 -4.86 31.72 24.52
N TRP B 38 -5.69 30.95 25.20
CA TRP B 38 -6.46 29.89 24.57
C TRP B 38 -7.93 30.27 24.46
N VAL B 39 -8.38 30.45 23.22
CA VAL B 39 -9.76 30.84 22.97
C VAL B 39 -10.60 29.64 22.57
N PHE B 40 -11.24 29.03 23.57
CA PHE B 40 -12.08 27.87 23.29
C PHE B 40 -13.46 28.31 22.89
N VAL B 41 -13.82 28.00 21.66
CA VAL B 41 -15.13 28.35 21.16
C VAL B 41 -15.76 27.07 20.64
N SER B 42 -16.99 27.17 20.16
CA SER B 42 -17.50 26.12 19.30
C SER B 42 -17.61 24.82 20.06
N SER B 43 -18.81 24.42 20.45
CA SER B 43 -20.04 25.21 20.27
C SER B 43 -20.31 25.85 18.90
N LYS B 44 -21.39 25.40 18.28
CA LYS B 44 -21.99 26.14 17.20
C LYS B 44 -22.57 27.48 17.68
N ASP B 45 -21.87 28.14 18.61
CA ASP B 45 -22.10 29.57 18.89
C ASP B 45 -21.68 30.33 17.62
N ALA B 46 -20.90 29.66 16.78
CA ALA B 46 -20.76 30.03 15.37
C ALA B 46 -20.94 28.74 14.56
N ASP B 47 -21.84 28.76 13.59
CA ASP B 47 -22.08 27.59 12.75
C ASP B 47 -21.02 27.53 11.65
N LEU B 48 -19.98 26.73 11.86
CA LEU B 48 -18.82 26.63 10.96
C LEU B 48 -19.18 26.16 9.54
N THR B 49 -20.44 25.78 9.37
CA THR B 49 -21.03 25.49 8.06
C THR B 49 -21.25 26.76 7.22
N ASP B 50 -21.21 27.91 7.89
CA ASP B 50 -21.56 29.19 7.29
C ASP B 50 -20.32 30.04 7.08
N THR B 51 -20.03 30.39 5.84
CA THR B 51 -18.83 31.19 5.56
C THR B 51 -18.85 32.54 6.29
N ALA B 52 -20.00 33.20 6.23
CA ALA B 52 -20.17 34.51 6.87
C ALA B 52 -19.86 34.49 8.35
N GLN B 53 -20.53 33.60 9.09
CA GLN B 53 -20.32 33.50 10.54
C GLN B 53 -18.92 33.06 10.88
N THR B 54 -18.41 32.09 10.14
CA THR B 54 -17.04 31.63 10.33
C THR B 54 -16.06 32.77 10.14
N ARG B 55 -16.25 33.57 9.09
CA ARG B 55 -15.38 34.71 8.88
C ARG B 55 -15.43 35.66 10.07
N ALA B 56 -16.63 36.11 10.41
CA ALA B 56 -16.85 37.05 11.51
C ALA B 56 -16.15 36.60 12.78
N LEU B 57 -16.36 35.35 13.15
CA LEU B 57 -15.68 34.78 14.31
C LEU B 57 -14.18 34.96 14.19
N PHE B 58 -13.64 34.62 13.03
CA PHE B 58 -12.20 34.71 12.79
C PHE B 58 -11.68 36.15 12.71
N GLU B 59 -12.54 37.09 12.32
CA GLU B 59 -12.12 38.50 12.26
C GLU B 59 -12.17 39.07 13.66
N LYS B 60 -13.14 38.58 14.45
CA LYS B 60 -13.32 39.00 15.84
C LYS B 60 -12.14 38.61 16.73
N VAL B 61 -11.93 37.30 16.91
CA VAL B 61 -10.71 36.78 17.52
C VAL B 61 -9.67 36.71 16.41
N GLN B 62 -8.45 37.14 16.68
CA GLN B 62 -7.45 37.19 15.62
C GLN B 62 -6.34 36.20 15.88
N PRO B 63 -6.65 34.90 15.75
CA PRO B 63 -5.75 33.82 16.19
C PRO B 63 -4.50 33.74 15.34
N THR B 64 -3.41 33.29 15.95
CA THR B 64 -2.20 32.98 15.21
C THR B 64 -2.12 31.48 15.01
N HIS B 65 -2.91 30.75 15.77
CA HIS B 65 -2.91 29.30 15.71
C HIS B 65 -4.32 28.75 15.79
N VAL B 66 -4.53 27.61 15.16
CA VAL B 66 -5.85 26.99 15.16
C VAL B 66 -5.72 25.51 15.43
N ILE B 67 -6.46 25.05 16.43
CA ILE B 67 -6.72 23.62 16.58
C ILE B 67 -8.14 23.42 16.11
N HIS B 68 -8.29 22.88 14.91
CA HIS B 68 -9.59 22.63 14.31
C HIS B 68 -10.13 21.23 14.69
N LEU B 69 -11.01 21.19 15.68
CA LEU B 69 -11.56 19.92 16.15
C LEU B 69 -12.96 19.72 15.64
N ALA B 70 -13.63 20.81 15.30
CA ALA B 70 -15.05 20.76 14.97
C ALA B 70 -15.28 19.89 13.73
N ALA B 71 -16.33 19.08 13.79
CA ALA B 71 -16.72 18.28 12.64
C ALA B 71 -18.17 17.84 12.78
N MET B 72 -18.76 17.44 11.66
CA MET B 72 -20.10 16.89 11.62
C MET B 72 -20.02 15.37 11.75
N VAL B 73 -20.23 14.90 12.97
CA VAL B 73 -20.22 13.49 13.29
C VAL B 73 -21.53 13.19 14.01
N GLY B 74 -21.62 12.04 14.65
CA GLY B 74 -22.83 11.77 15.42
C GLY B 74 -23.96 11.42 14.49
N GLY B 75 -24.57 10.27 14.72
CA GLY B 75 -25.40 9.66 13.70
C GLY B 75 -24.52 8.90 12.73
N LEU B 76 -23.22 9.17 12.78
CA LEU B 76 -22.23 8.57 11.88
C LEU B 76 -22.31 7.04 11.83
N PHE B 77 -22.46 6.43 13.00
CA PHE B 77 -22.41 4.96 13.12
C PHE B 77 -23.80 4.33 13.18
N ARG B 78 -24.84 5.13 12.93
CA ARG B 78 -26.21 4.62 12.87
C ARG B 78 -26.44 3.81 11.60
N ASN B 79 -27.56 3.10 11.55
CA ASN B 79 -27.83 2.22 10.42
C ASN B 79 -28.18 2.95 9.11
N ILE B 80 -28.97 4.02 9.20
CA ILE B 80 -29.37 4.77 7.99
C ILE B 80 -28.35 5.86 7.65
N LYS B 81 -27.84 5.83 6.42
CA LYS B 81 -26.69 6.66 6.07
C LYS B 81 -27.07 7.94 5.32
N TYR B 82 -26.36 9.02 5.60
CA TYR B 82 -26.57 10.31 4.93
C TYR B 82 -25.26 10.86 4.31
N ASN B 83 -24.75 10.18 3.29
CA ASN B 83 -23.41 10.52 2.78
C ASN B 83 -23.27 11.92 2.16
N LEU B 84 -24.36 12.38 1.54
CA LEU B 84 -24.42 13.73 0.98
C LEU B 84 -24.26 14.80 2.06
N ASP B 85 -25.03 14.70 3.13
CA ASP B 85 -24.92 15.64 4.23
C ASP B 85 -23.54 15.58 4.88
N PHE B 86 -23.12 14.38 5.29
CA PHE B 86 -21.79 14.24 5.90
C PHE B 86 -20.68 14.80 5.02
N TRP B 87 -20.82 14.61 3.71
CA TRP B 87 -19.83 15.18 2.80
C TRP B 87 -19.90 16.70 2.71
N ARG B 88 -21.04 17.23 2.27
CA ARG B 88 -21.20 18.68 2.12
C ARG B 88 -20.87 19.47 3.39
N LYS B 89 -21.56 19.16 4.49
CA LYS B 89 -21.34 19.91 5.73
C LYS B 89 -19.87 19.91 6.18
N ASN B 90 -19.24 18.75 6.15
CA ASN B 90 -17.85 18.66 6.56
C ASN B 90 -16.87 19.40 5.65
N VAL B 91 -17.04 19.22 4.34
CA VAL B 91 -16.24 19.96 3.37
C VAL B 91 -16.39 21.48 3.57
N HIS B 92 -17.61 21.93 3.88
CA HIS B 92 -17.86 23.35 4.06
C HIS B 92 -17.17 23.86 5.31
N MET B 93 -17.34 23.12 6.40
CA MET B 93 -16.67 23.47 7.65
C MET B 93 -15.16 23.60 7.41
N ASN B 94 -14.53 22.53 6.95
CA ASN B 94 -13.08 22.53 6.70
C ASN B 94 -12.59 23.71 5.86
N ASP B 95 -13.23 23.93 4.71
CA ASP B 95 -12.87 25.05 3.85
C ASP B 95 -12.97 26.36 4.63
N ASN B 96 -14.17 26.64 5.14
CA ASN B 96 -14.43 27.82 5.96
C ASN B 96 -13.33 28.06 6.98
N VAL B 97 -12.98 27.02 7.73
CA VAL B 97 -12.02 27.18 8.80
C VAL B 97 -10.63 27.41 8.24
N LEU B 98 -10.18 26.51 7.37
CA LEU B 98 -8.82 26.61 6.89
C LEU B 98 -8.60 27.94 6.19
N HIS B 99 -9.53 28.32 5.32
CA HIS B 99 -9.33 29.54 4.56
C HIS B 99 -9.50 30.83 5.37
N SER B 100 -10.52 30.91 6.22
CA SER B 100 -10.63 32.04 7.14
C SER B 100 -9.34 32.21 7.97
N ALA B 101 -8.76 31.09 8.39
CA ALA B 101 -7.50 31.15 9.14
C ALA B 101 -6.38 31.60 8.23
N PHE B 102 -6.48 31.25 6.95
CA PHE B 102 -5.49 31.70 6.00
C PHE B 102 -5.55 33.22 5.87
N GLU B 103 -6.77 33.75 5.84
CA GLU B 103 -7.02 35.17 5.59
C GLU B 103 -6.66 36.07 6.76
N VAL B 104 -6.72 35.55 7.98
CA VAL B 104 -6.32 36.33 9.14
C VAL B 104 -4.84 36.13 9.43
N GLY B 105 -4.15 35.50 8.50
CA GLY B 105 -2.70 35.35 8.57
C GLY B 105 -2.15 34.35 9.57
N ALA B 106 -3.01 33.44 10.03
CA ALA B 106 -2.62 32.42 11.00
C ALA B 106 -1.28 31.71 10.69
N ARG B 107 -0.43 31.60 11.71
CA ARG B 107 0.88 30.97 11.57
C ARG B 107 0.79 29.44 11.41
N LYS B 108 -0.27 28.82 11.95
CA LYS B 108 -0.41 27.37 11.89
C LYS B 108 -1.82 26.87 12.16
N VAL B 109 -2.17 25.77 11.51
CA VAL B 109 -3.43 25.08 11.74
C VAL B 109 -3.18 23.58 11.91
N VAL B 110 -3.86 22.99 12.88
CA VAL B 110 -3.79 21.55 13.10
C VAL B 110 -5.20 21.01 13.12
N SER B 111 -5.46 20.02 12.27
CA SER B 111 -6.79 19.43 12.17
C SER B 111 -6.75 17.98 12.65
N CYS B 112 -7.91 17.31 12.65
CA CYS B 112 -7.99 15.91 13.06
C CYS B 112 -8.52 15.01 11.97
N LEU B 113 -7.82 13.91 11.74
CA LEU B 113 -8.36 12.86 10.90
C LEU B 113 -8.56 11.65 11.82
N SER B 114 -9.51 10.80 11.51
CA SER B 114 -9.64 9.54 12.20
C SER B 114 -9.09 8.46 11.28
N THR B 115 -8.78 7.30 11.82
CA THR B 115 -8.23 6.22 11.00
C THR B 115 -9.32 5.57 10.13
N CYS B 116 -10.57 5.98 10.39
CA CYS B 116 -11.76 5.55 9.67
C CYS B 116 -11.61 5.73 8.16
N ILE B 117 -10.91 6.79 7.81
CA ILE B 117 -10.89 7.30 6.46
C ILE B 117 -9.88 6.59 5.57
N PHE B 118 -8.97 5.85 6.19
CA PHE B 118 -7.96 5.12 5.47
C PHE B 118 -8.59 4.09 4.56
N PRO B 119 -7.80 3.55 3.61
CA PRO B 119 -8.33 2.57 2.65
C PRO B 119 -8.94 1.35 3.35
N ASP B 120 -10.05 0.85 2.83
CA ASP B 120 -10.68 -0.33 3.41
C ASP B 120 -9.81 -1.58 3.25
N LYS B 121 -9.06 -1.61 2.16
CA LYS B 121 -8.19 -2.72 1.83
C LYS B 121 -6.72 -2.28 1.94
N THR B 122 -6.02 -2.81 2.94
CA THR B 122 -4.72 -2.28 3.28
C THR B 122 -3.86 -3.31 4.01
N THR B 123 -2.54 -3.10 4.05
CA THR B 123 -1.66 -3.89 4.91
C THR B 123 -1.55 -3.18 6.25
N TYR B 124 -1.08 -3.88 7.28
CA TYR B 124 -0.96 -3.28 8.60
C TYR B 124 0.46 -3.45 9.14
N PRO B 125 0.92 -2.49 9.95
CA PRO B 125 0.16 -1.33 10.40
C PRO B 125 0.09 -0.19 9.36
N ILE B 126 -0.99 0.59 9.42
CA ILE B 126 -1.08 1.76 8.57
C ILE B 126 -0.16 2.85 9.11
N ASP B 127 0.39 3.66 8.21
CA ASP B 127 1.12 4.86 8.62
C ASP B 127 0.64 6.07 7.83
N GLU B 128 1.25 7.22 8.10
CA GLU B 128 0.79 8.49 7.56
C GLU B 128 0.78 8.60 6.02
N THR B 129 1.56 7.75 5.36
CA THR B 129 1.68 7.80 3.90
C THR B 129 0.66 6.92 3.18
N MET B 130 -0.37 6.46 3.86
CA MET B 130 -1.26 5.48 3.26
C MET B 130 -2.67 6.01 3.16
N ILE B 131 -2.89 7.22 3.65
CA ILE B 131 -4.24 7.76 3.67
C ILE B 131 -4.95 7.73 2.30
N HIS B 132 -4.22 8.02 1.22
CA HIS B 132 -4.84 8.17 -0.11
C HIS B 132 -4.70 6.94 -1.02
N ASN B 133 -4.19 5.85 -0.47
CA ASN B 133 -3.87 4.65 -1.25
C ASN B 133 -5.03 3.72 -1.55
N GLY B 134 -6.23 4.25 -1.72
CA GLY B 134 -7.34 3.38 -2.02
C GLY B 134 -8.59 3.85 -1.32
N PRO B 135 -9.75 3.40 -1.80
CA PRO B 135 -11.02 3.97 -1.32
C PRO B 135 -11.31 3.56 0.13
N PRO B 136 -11.91 4.46 0.91
CA PRO B 136 -12.30 4.14 2.28
C PRO B 136 -13.44 3.14 2.23
N HIS B 137 -13.85 2.62 3.38
CA HIS B 137 -15.04 1.78 3.47
C HIS B 137 -16.24 2.54 2.91
N ASN B 138 -17.11 1.85 2.18
CA ASN B 138 -18.19 2.56 1.49
C ASN B 138 -19.37 3.01 2.34
N SER B 139 -19.42 2.51 3.57
CA SER B 139 -20.47 2.82 4.53
C SER B 139 -20.64 4.33 4.72
N ASN B 140 -19.52 5.04 4.81
CA ASN B 140 -19.48 6.46 5.14
C ASN B 140 -18.48 7.17 4.26
N PHE B 141 -18.49 6.86 2.97
CA PHE B 141 -17.53 7.46 2.04
C PHE B 141 -17.59 8.98 2.14
N GLY B 142 -18.79 9.52 2.28
CA GLY B 142 -18.99 10.95 2.40
C GLY B 142 -18.13 11.57 3.47
N TYR B 143 -18.29 11.12 4.71
CA TYR B 143 -17.47 11.62 5.84
C TYR B 143 -15.99 11.33 5.61
N SER B 144 -15.70 10.14 5.08
CA SER B 144 -14.31 9.71 4.88
C SER B 144 -13.55 10.57 3.87
N TYR B 145 -14.16 10.85 2.72
CA TYR B 145 -13.47 11.67 1.74
C TYR B 145 -13.32 13.12 2.19
N ALA B 146 -14.31 13.63 2.93
CA ALA B 146 -14.23 15.01 3.39
C ALA B 146 -13.05 15.20 4.35
N LYS B 147 -12.86 14.23 5.24
CA LYS B 147 -11.69 14.26 6.11
C LYS B 147 -10.39 14.21 5.31
N ARG B 148 -10.33 13.30 4.35
CA ARG B 148 -9.13 13.15 3.52
C ARG B 148 -8.78 14.47 2.82
N MET B 149 -9.80 15.20 2.38
CA MET B 149 -9.58 16.44 1.65
C MET B 149 -8.89 17.54 2.48
N ILE B 150 -8.98 17.42 3.80
CA ILE B 150 -8.24 18.32 4.68
C ILE B 150 -6.74 18.16 4.38
N ASP B 151 -6.27 16.92 4.34
CA ASP B 151 -4.91 16.67 3.90
C ASP B 151 -4.60 17.31 2.54
N VAL B 152 -5.46 17.07 1.56
CA VAL B 152 -5.29 17.73 0.27
C VAL B 152 -5.20 19.25 0.43
N GLN B 153 -6.13 19.81 1.21
CA GLN B 153 -6.11 21.23 1.56
C GLN B 153 -4.82 21.70 2.22
N ASN B 154 -4.28 20.91 3.15
CA ASN B 154 -3.03 21.33 3.81
C ASN B 154 -1.90 21.45 2.82
N ARG B 155 -1.77 20.44 1.97
CA ARG B 155 -0.75 20.42 0.90
C ARG B 155 -0.89 21.59 -0.05
N ALA B 156 -2.12 21.97 -0.38
CA ALA B 156 -2.36 23.10 -1.26
C ALA B 156 -1.89 24.44 -0.66
N TYR B 157 -2.22 24.71 0.61
CA TYR B 157 -1.71 25.92 1.27
C TYR B 157 -0.18 25.93 1.34
N PHE B 158 0.40 24.75 1.61
CA PHE B 158 1.85 24.64 1.67
C PHE B 158 2.50 24.89 0.31
N GLN B 159 2.07 24.15 -0.70
CA GLN B 159 2.65 24.29 -2.02
C GLN B 159 2.52 25.72 -2.50
N GLN B 160 1.29 26.22 -2.48
CA GLN B 160 1.03 27.52 -3.06
C GLN B 160 1.43 28.75 -2.22
N TYR B 161 1.46 28.63 -0.90
CA TYR B 161 1.78 29.80 -0.08
C TYR B 161 2.94 29.61 0.90
N GLY B 162 3.43 28.38 1.03
CA GLY B 162 4.40 28.07 2.06
C GLY B 162 3.88 27.95 3.50
N CYS B 163 2.56 27.91 3.68
CA CYS B 163 1.98 27.78 5.03
C CYS B 163 2.11 26.37 5.55
N THR B 164 2.18 26.24 6.87
CA THR B 164 2.25 24.93 7.51
C THR B 164 0.95 24.60 8.24
N PHE B 165 -0.02 24.10 7.49
CA PHE B 165 -1.22 23.52 8.06
C PHE B 165 -1.01 22.01 8.10
N THR B 166 -1.49 21.36 9.17
CA THR B 166 -1.29 19.93 9.34
C THR B 166 -2.49 19.26 9.99
N ALA B 167 -2.32 17.98 10.26
CA ALA B 167 -3.33 17.19 10.90
C ALA B 167 -2.68 16.14 11.83
N VAL B 168 -3.37 15.81 12.91
CA VAL B 168 -3.02 14.66 13.72
C VAL B 168 -4.07 13.58 13.48
N ILE B 169 -3.66 12.33 13.57
CA ILE B 169 -4.55 11.21 13.37
C ILE B 169 -4.59 10.37 14.66
N PRO B 170 -5.55 10.67 15.56
CA PRO B 170 -5.73 9.87 16.77
C PRO B 170 -6.35 8.52 16.42
N THR B 171 -6.03 7.50 17.20
CA THR B 171 -6.75 6.24 17.12
C THR B 171 -8.07 6.41 17.88
N ASN B 172 -8.60 5.37 18.51
CA ASN B 172 -9.89 5.51 19.15
C ASN B 172 -9.85 6.31 20.48
N VAL B 173 -10.24 7.57 20.41
CA VAL B 173 -10.25 8.44 21.59
C VAL B 173 -11.43 8.10 22.50
N PHE B 174 -11.17 8.10 23.80
CA PHE B 174 -12.21 7.97 24.82
C PHE B 174 -11.89 8.88 25.99
N GLY B 175 -12.86 9.07 26.88
CA GLY B 175 -12.67 9.85 28.08
C GLY B 175 -13.89 10.68 28.47
N PRO B 176 -13.71 11.59 29.44
CA PRO B 176 -14.79 12.45 29.90
C PRO B 176 -15.40 13.27 28.76
N HIS B 177 -16.73 13.39 28.77
CA HIS B 177 -17.48 14.17 27.78
C HIS B 177 -17.61 13.49 26.41
N ASP B 178 -17.43 12.17 26.38
CA ASP B 178 -17.58 11.39 25.17
C ASP B 178 -19.04 11.33 24.76
N ASN B 179 -19.33 10.74 23.61
CA ASN B 179 -20.71 10.41 23.31
C ASN B 179 -21.08 9.05 23.89
N PHE B 180 -21.76 9.08 25.03
CA PHE B 180 -22.10 7.84 25.72
C PHE B 180 -23.38 7.23 25.21
N ASN B 181 -23.96 7.81 24.18
CA ASN B 181 -25.19 7.30 23.60
C ASN B 181 -25.02 5.91 22.97
N ILE B 182 -25.89 4.97 23.34
CA ILE B 182 -25.72 3.58 22.92
C ILE B 182 -25.98 3.35 21.43
N GLU B 183 -26.90 4.12 20.85
CA GLU B 183 -27.16 4.06 19.41
C GLU B 183 -26.04 4.69 18.53
N ASP B 184 -25.52 5.84 18.95
CA ASP B 184 -24.31 6.40 18.35
C ASP B 184 -23.16 5.53 18.82
N GLY B 185 -22.96 4.40 18.17
CA GLY B 185 -22.23 3.28 18.75
C GLY B 185 -20.74 3.36 19.03
N HIS B 186 -20.27 4.46 19.64
CA HIS B 186 -18.89 4.55 20.11
C HIS B 186 -18.66 3.44 21.13
N VAL B 187 -17.67 2.58 20.88
CA VAL B 187 -17.60 1.29 21.56
C VAL B 187 -17.42 1.43 23.05
N LEU B 188 -16.40 2.18 23.45
CA LEU B 188 -16.02 2.29 24.83
C LEU B 188 -17.03 3.09 25.68
N PRO B 189 -17.48 4.26 25.20
CA PRO B 189 -18.51 4.97 25.95
C PRO B 189 -19.77 4.13 26.08
N GLY B 190 -20.08 3.36 25.04
CA GLY B 190 -21.26 2.51 25.03
C GLY B 190 -21.19 1.39 26.05
N LEU B 191 -19.99 0.91 26.34
CA LEU B 191 -19.77 -0.12 27.33
C LEU B 191 -20.05 0.43 28.73
N ILE B 192 -19.25 1.43 29.12
CA ILE B 192 -19.51 2.25 30.30
C ILE B 192 -21.00 2.53 30.56
N HIS B 193 -21.71 3.05 29.57
CA HIS B 193 -23.15 3.31 29.69
C HIS B 193 -23.99 2.03 29.81
N LYS B 194 -23.62 0.97 29.09
CA LYS B 194 -24.36 -0.29 29.21
C LYS B 194 -24.28 -0.89 30.61
N VAL B 195 -23.09 -0.86 31.20
CA VAL B 195 -22.86 -1.41 32.52
C VAL B 195 -23.70 -0.66 33.58
N HIS B 196 -23.92 0.62 33.34
CA HIS B 196 -24.67 1.48 34.23
C HIS B 196 -26.18 1.18 34.19
N LEU B 197 -26.69 0.92 33.00
CA LEU B 197 -28.08 0.49 32.85
C LEU B 197 -28.21 -0.95 33.30
N ALA B 198 -27.08 -1.63 33.45
CA ALA B 198 -27.06 -2.99 33.94
C ALA B 198 -27.36 -3.00 35.43
N LYS B 199 -26.44 -2.45 36.21
CA LYS B 199 -26.56 -2.35 37.66
C LYS B 199 -27.92 -1.81 38.08
N SER B 200 -28.33 -0.70 37.47
CA SER B 200 -29.64 -0.13 37.73
C SER B 200 -30.77 -1.09 37.29
N SER B 201 -30.50 -2.38 37.38
CA SER B 201 -31.50 -3.44 37.18
C SER B 201 -30.82 -4.81 37.16
N GLY B 202 -31.46 -5.78 36.50
CA GLY B 202 -30.81 -7.05 36.23
C GLY B 202 -29.97 -6.92 34.97
N SER B 203 -28.80 -7.56 34.97
CA SER B 203 -27.87 -7.53 33.84
C SER B 203 -28.29 -6.56 32.74
N LEU B 205 -25.63 -6.13 28.38
CA LEU B 205 -24.70 -7.15 27.89
C LEU B 205 -25.41 -8.10 26.92
N THR B 206 -25.02 -8.12 25.65
CA THR B 206 -23.93 -7.30 25.08
C THR B 206 -22.57 -7.62 25.72
N VAL B 207 -21.47 -6.97 25.32
CA VAL B 207 -21.47 -6.00 24.25
C VAL B 207 -21.82 -6.66 22.95
N TRP B 208 -21.84 -5.86 21.90
CA TRP B 208 -22.17 -6.35 20.58
C TRP B 208 -21.00 -7.11 19.98
N GLY B 209 -21.29 -8.20 19.29
CA GLY B 209 -20.27 -8.92 18.56
C GLY B 209 -19.55 -9.98 19.35
N THR B 210 -18.43 -10.45 18.79
CA THR B 210 -17.66 -11.57 19.32
C THR B 210 -16.70 -11.20 20.46
N GLY B 211 -16.42 -9.91 20.61
CA GLY B 211 -15.40 -9.45 21.55
C GLY B 211 -13.94 -9.55 21.08
N ASN B 212 -13.69 -10.25 19.96
CA ASN B 212 -12.32 -10.46 19.45
C ASN B 212 -11.64 -9.25 18.77
N PRO B 213 -12.43 -8.41 18.07
CA PRO B 213 -11.78 -7.30 17.34
C PRO B 213 -10.88 -6.44 18.24
N ARG B 214 -9.69 -6.10 17.73
CA ARG B 214 -8.69 -5.38 18.51
C ARG B 214 -8.68 -3.89 18.16
N ARG B 215 -8.39 -3.03 19.12
CA ARG B 215 -8.43 -1.60 18.89
C ARG B 215 -7.37 -0.91 19.73
N GLN B 216 -6.86 0.21 19.21
CA GLN B 216 -5.95 1.09 19.94
C GLN B 216 -6.75 2.26 20.51
N PHE B 217 -6.79 2.38 21.83
CA PHE B 217 -7.50 3.47 22.47
C PHE B 217 -6.55 4.51 22.99
N ILE B 218 -6.93 5.77 22.83
CA ILE B 218 -6.15 6.83 23.44
C ILE B 218 -7.05 7.66 24.36
N TYR B 219 -6.54 7.93 25.55
CA TYR B 219 -7.25 8.67 26.58
C TYR B 219 -7.23 10.16 26.24
N SER B 220 -8.40 10.81 26.27
CA SER B 220 -8.48 12.20 25.84
C SER B 220 -7.39 13.08 26.45
N LEU B 221 -7.12 12.89 27.74
CA LEU B 221 -6.15 13.75 28.40
C LEU B 221 -4.71 13.50 27.93
N ASP B 222 -4.43 12.30 27.45
CA ASP B 222 -3.15 12.03 26.79
C ASP B 222 -3.11 12.79 25.48
N LEU B 223 -4.22 12.72 24.76
CA LEU B 223 -4.35 13.35 23.47
C LEU B 223 -4.27 14.86 23.58
N ALA B 224 -4.89 15.41 24.62
CA ALA B 224 -4.83 16.85 24.84
C ALA B 224 -3.39 17.32 24.95
N GLN B 225 -2.55 16.50 25.59
CA GLN B 225 -1.18 16.91 25.83
C GLN B 225 -0.28 16.75 24.62
N LEU B 226 -0.69 15.91 23.67
CA LEU B 226 0.09 15.73 22.45
C LEU B 226 -0.32 16.81 21.46
N PHE B 227 -1.59 17.16 21.48
CA PHE B 227 -2.12 18.23 20.66
C PHE B 227 -1.39 19.53 20.96
N ILE B 228 -1.38 19.90 22.23
CA ILE B 228 -0.66 21.09 22.67
C ILE B 228 0.76 21.05 22.14
N TRP B 229 1.41 19.91 22.33
CA TRP B 229 2.77 19.79 21.83
C TRP B 229 2.83 20.00 20.32
N VAL B 230 2.06 19.22 19.56
CA VAL B 230 2.04 19.34 18.10
C VAL B 230 1.83 20.78 17.68
N LEU B 231 0.96 21.50 18.38
CA LEU B 231 0.72 22.91 18.08
C LEU B 231 1.98 23.72 18.29
N ARG B 232 2.67 23.45 19.38
CA ARG B 232 3.85 24.22 19.77
C ARG B 232 5.07 23.82 18.95
N GLU B 233 5.31 22.51 18.86
CA GLU B 233 6.36 21.96 18.01
C GLU B 233 5.69 21.37 16.78
N TYR B 234 6.32 20.39 16.16
CA TYR B 234 5.79 19.76 14.93
C TYR B 234 5.47 20.72 13.80
N ASN B 235 6.25 20.65 12.73
CA ASN B 235 6.09 21.57 11.61
C ASN B 235 6.01 20.91 10.24
N GLU B 236 5.70 19.62 10.20
CA GLU B 236 5.52 18.92 8.93
C GLU B 236 4.09 19.11 8.45
N VAL B 237 3.88 19.19 7.14
CA VAL B 237 2.51 19.16 6.63
C VAL B 237 1.98 17.72 6.56
N GLU B 238 2.87 16.74 6.37
CA GLU B 238 2.46 15.35 6.52
C GLU B 238 1.88 15.16 7.93
N PRO B 239 0.70 14.54 8.01
CA PRO B 239 0.04 14.38 9.32
C PRO B 239 0.86 13.51 10.27
N ILE B 240 0.48 13.51 11.54
CA ILE B 240 1.10 12.64 12.53
C ILE B 240 0.07 11.77 13.28
N ILE B 241 0.32 10.48 13.31
CA ILE B 241 -0.52 9.56 14.07
C ILE B 241 -0.25 9.69 15.56
N LEU B 242 -1.30 9.97 16.34
CA LEU B 242 -1.18 10.04 17.80
C LEU B 242 -1.87 8.82 18.37
N SER B 243 -1.06 7.90 18.89
CA SER B 243 -1.57 6.62 19.31
C SER B 243 -0.59 5.93 20.23
N VAL B 244 -1.11 5.02 21.04
CA VAL B 244 -0.29 4.12 21.81
C VAL B 244 0.28 3.15 20.79
N GLY B 245 1.22 2.31 21.22
CA GLY B 245 1.88 1.39 20.31
C GLY B 245 1.01 0.27 19.77
N GLU B 246 1.53 -0.42 18.77
CA GLU B 246 0.90 -1.63 18.24
C GLU B 246 1.08 -2.76 19.24
N GLU B 247 2.21 -2.74 19.94
CA GLU B 247 2.48 -3.70 20.99
C GLU B 247 1.36 -3.69 22.04
N ASP B 248 0.74 -2.53 22.21
CA ASP B 248 -0.46 -2.44 23.05
C ASP B 248 -1.60 -2.78 22.13
N GLU B 249 -2.81 -2.30 22.44
CA GLU B 249 -4.00 -2.70 21.69
C GLU B 249 -4.81 -3.74 22.46
N VAL B 250 -6.08 -3.43 22.71
CA VAL B 250 -6.94 -4.28 23.50
C VAL B 250 -8.14 -4.77 22.70
N SER B 251 -8.52 -6.03 22.93
CA SER B 251 -9.71 -6.58 22.32
C SER B 251 -10.92 -5.92 22.96
N ILE B 252 -12.06 -5.98 22.26
CA ILE B 252 -13.30 -5.48 22.81
C ILE B 252 -13.59 -6.19 24.14
N LYS B 253 -13.31 -7.48 24.21
CA LYS B 253 -13.44 -8.23 25.45
C LYS B 253 -12.63 -7.63 26.61
N GLU B 254 -11.36 -7.30 26.36
CA GLU B 254 -10.51 -6.73 27.40
C GLU B 254 -11.00 -5.34 27.81
N ALA B 255 -11.57 -4.61 26.86
CA ALA B 255 -12.18 -3.31 27.15
C ALA B 255 -13.46 -3.45 27.99
N ALA B 256 -14.24 -4.49 27.73
CA ALA B 256 -15.42 -4.77 28.55
C ALA B 256 -15.00 -5.19 29.97
N GLU B 257 -13.97 -6.01 30.06
CA GLU B 257 -13.47 -6.46 31.37
C GLU B 257 -13.01 -5.29 32.25
N ALA B 258 -12.20 -4.41 31.68
CA ALA B 258 -11.66 -3.28 32.43
C ALA B 258 -12.78 -2.39 32.95
N VAL B 259 -13.86 -2.32 32.18
CA VAL B 259 -15.00 -1.47 32.51
C VAL B 259 -15.84 -2.16 33.58
N VAL B 260 -15.83 -3.49 33.54
CA VAL B 260 -16.60 -4.29 34.47
C VAL B 260 -15.98 -4.17 35.85
N GLU B 261 -14.65 -4.26 35.89
CA GLU B 261 -13.92 -4.07 37.13
C GLU B 261 -14.11 -2.65 37.67
N ALA B 262 -13.65 -1.68 36.90
CA ALA B 262 -13.80 -0.27 37.25
C ALA B 262 -15.14 0.06 37.90
N MET B 263 -16.24 -0.46 37.36
CA MET B 263 -17.55 -0.13 37.91
C MET B 263 -18.13 -1.14 38.92
N ASP B 264 -17.30 -2.10 39.34
CA ASP B 264 -17.72 -3.18 40.24
C ASP B 264 -19.03 -3.82 39.83
N PHE B 265 -19.02 -4.41 38.64
CA PHE B 265 -20.17 -5.13 38.13
C PHE B 265 -19.94 -6.60 38.39
N HIS B 266 -21.03 -7.30 38.72
CA HIS B 266 -20.97 -8.70 39.14
C HIS B 266 -21.93 -9.61 38.38
N GLY B 267 -22.69 -9.02 37.45
CA GLY B 267 -23.60 -9.77 36.61
C GLY B 267 -22.90 -10.48 35.48
N VAL B 269 -22.35 -11.83 31.46
CA VAL B 269 -21.84 -10.97 30.39
C VAL B 269 -22.46 -11.30 29.01
N THR B 270 -22.03 -12.40 28.39
CA THR B 270 -22.47 -12.79 27.03
C THR B 270 -22.10 -11.78 25.95
N PHE B 271 -22.05 -12.22 24.69
CA PHE B 271 -21.53 -11.33 23.67
C PHE B 271 -22.47 -10.92 22.53
N ASP B 272 -23.44 -11.74 22.19
CA ASP B 272 -24.27 -11.41 21.03
C ASP B 272 -23.48 -11.38 19.72
N THR B 273 -23.09 -12.58 19.33
CA THR B 273 -22.75 -12.96 17.98
C THR B 273 -24.01 -12.67 17.16
N THR B 274 -23.92 -11.77 16.20
CA THR B 274 -25.11 -11.30 15.50
C THR B 274 -24.79 -9.88 15.09
N LYS B 275 -24.21 -9.13 16.03
CA LYS B 275 -23.97 -7.71 15.83
C LYS B 275 -22.65 -7.41 15.11
N SER B 276 -22.64 -6.29 14.38
CA SER B 276 -21.43 -5.70 13.76
C SER B 276 -20.15 -6.52 13.88
N ASP B 277 -19.13 -5.89 14.47
CA ASP B 277 -17.83 -6.51 14.84
C ASP B 277 -16.69 -5.54 14.52
N GLN B 279 -12.53 -4.88 12.75
CA GLN B 279 -12.50 -5.03 11.29
C GLN B 279 -11.82 -6.29 10.72
N PHE B 280 -11.12 -7.08 11.55
CA PHE B 280 -11.15 -6.98 13.00
C PHE B 280 -10.01 -6.16 13.65
N LYS B 281 -9.26 -5.40 12.84
CA LYS B 281 -8.12 -4.60 13.29
C LYS B 281 -7.94 -3.31 12.47
N LYS B 282 -7.52 -2.22 13.13
CA LYS B 282 -7.25 -0.95 12.44
C LYS B 282 -5.83 -0.45 12.76
N THR B 283 -4.86 -1.37 12.85
CA THR B 283 -3.61 -1.09 13.57
C THR B 283 -2.82 0.08 12.97
N ALA B 284 -2.56 1.09 13.79
CA ALA B 284 -1.81 2.25 13.36
C ALA B 284 -0.41 2.25 13.97
N SER B 285 0.56 2.71 13.20
CA SER B 285 1.94 2.75 13.64
C SER B 285 2.24 4.10 14.26
N ASN B 286 2.92 4.07 15.40
CA ASN B 286 3.28 5.31 16.07
C ASN B 286 4.76 5.71 15.95
N SER B 287 5.47 5.10 14.99
CA SER B 287 6.89 5.37 14.78
C SER B 287 7.22 6.86 14.79
N LYS B 288 6.41 7.66 14.11
CA LYS B 288 6.71 9.09 13.99
C LYS B 288 6.60 9.86 15.32
N LEU B 289 5.64 9.50 16.15
CA LEU B 289 5.55 10.11 17.47
C LEU B 289 6.70 9.62 18.34
N ARG B 290 7.04 8.35 18.18
CA ARG B 290 8.09 7.76 18.98
C ARG B 290 9.46 8.31 18.59
N THR B 291 9.54 8.85 17.38
CA THR B 291 10.76 9.51 16.96
C THR B 291 10.86 10.90 17.60
N TYR B 292 9.76 11.65 17.54
CA TYR B 292 9.71 12.97 18.18
C TYR B 292 9.72 12.88 19.69
N LEU B 293 8.89 12.00 20.26
CA LEU B 293 8.74 11.88 21.71
C LEU B 293 9.03 10.46 22.22
N PRO B 294 10.31 10.09 22.35
CA PRO B 294 10.65 8.73 22.77
C PRO B 294 10.25 8.45 24.23
N ASP B 295 10.14 9.50 25.03
CA ASP B 295 9.92 9.35 26.47
C ASP B 295 8.50 9.59 26.91
N PHE B 296 7.64 10.03 25.99
CA PHE B 296 6.26 10.29 26.38
C PHE B 296 5.58 9.01 26.82
N ARG B 297 4.78 9.10 27.87
CA ARG B 297 4.11 7.92 28.37
C ARG B 297 2.62 8.14 28.55
N PHE B 298 1.85 7.22 27.98
CA PHE B 298 0.42 7.30 28.02
C PHE B 298 -0.06 6.86 29.38
N THR B 299 -1.25 7.30 29.76
CA THR B 299 -1.91 6.78 30.94
C THR B 299 -2.31 5.34 30.64
N PRO B 300 -2.10 4.44 31.62
CA PRO B 300 -2.44 3.03 31.42
C PRO B 300 -3.93 2.85 31.13
N PHE B 301 -4.26 1.86 30.31
CA PHE B 301 -5.62 1.68 29.86
C PHE B 301 -6.60 1.51 31.02
N LYS B 302 -6.25 0.60 31.94
CA LYS B 302 -7.14 0.26 33.06
C LYS B 302 -7.47 1.47 33.95
N GLN B 303 -6.46 2.28 34.25
CA GLN B 303 -6.69 3.47 35.06
C GLN B 303 -7.56 4.48 34.35
N ALA B 304 -7.26 4.74 33.07
CA ALA B 304 -8.03 5.68 32.26
C ALA B 304 -9.49 5.29 32.19
N VAL B 305 -9.78 4.02 31.98
CA VAL B 305 -11.17 3.56 32.02
C VAL B 305 -11.84 3.93 33.34
N LYS B 306 -11.27 3.46 34.45
CA LYS B 306 -11.81 3.78 35.76
C LYS B 306 -12.14 5.27 35.89
N GLU B 307 -11.13 6.09 35.63
CA GLU B 307 -11.24 7.54 35.71
C GLU B 307 -12.42 8.07 34.89
N THR B 308 -12.65 7.53 33.69
CA THR B 308 -13.80 7.97 32.88
C THR B 308 -15.13 7.31 33.27
N CYS B 309 -15.08 6.09 33.78
CA CYS B 309 -16.25 5.48 34.43
C CYS B 309 -16.69 6.34 35.61
N ALA B 310 -15.73 6.76 36.42
CA ALA B 310 -16.02 7.59 37.60
C ALA B 310 -16.66 8.90 37.16
N TRP B 311 -16.06 9.54 36.18
CA TRP B 311 -16.58 10.80 35.65
C TRP B 311 -17.98 10.60 35.11
N PHE B 312 -18.25 9.40 34.59
CA PHE B 312 -19.54 9.14 33.98
C PHE B 312 -20.61 9.08 35.05
N THR B 313 -20.30 8.39 36.13
CA THR B 313 -21.27 8.18 37.18
C THR B 313 -21.47 9.49 37.94
N ASP B 314 -20.39 10.24 38.15
CA ASP B 314 -20.45 11.52 38.86
C ASP B 314 -21.12 12.61 38.06
N ASN B 315 -21.26 12.39 36.75
CA ASN B 315 -21.87 13.38 35.88
C ASN B 315 -23.03 12.83 35.06
N TYR B 316 -23.59 11.70 35.47
CA TYR B 316 -24.64 11.07 34.69
C TYR B 316 -25.60 12.07 34.05
N GLU B 317 -26.49 12.66 34.85
CA GLU B 317 -27.53 13.56 34.37
C GLU B 317 -27.08 14.53 33.27
N GLN B 318 -25.89 15.09 33.45
CA GLN B 318 -25.37 16.08 32.53
C GLN B 318 -24.37 15.45 31.56
N ALA B 319 -24.69 14.25 31.07
CA ALA B 319 -23.87 13.56 30.08
C ALA B 319 -24.65 13.35 28.78
N ARG B 320 -23.90 13.17 27.68
CA ARG B 320 -24.52 12.78 26.42
C ARG B 320 -24.74 11.28 26.46
N LYS B 321 -26.01 10.88 26.47
CA LYS B 321 -26.37 9.51 26.80
C LYS B 321 -27.33 8.92 25.78
N SER C 7 46.33 -18.70 -8.73
CA SER C 7 46.00 -17.91 -9.91
C SER C 7 44.49 -17.68 -9.99
N MET C 8 44.06 -16.43 -9.89
CA MET C 8 42.63 -16.15 -9.76
C MET C 8 41.99 -15.26 -10.84
N ARG C 9 40.68 -15.45 -11.00
CA ARG C 9 39.85 -14.67 -11.90
C ARG C 9 38.66 -14.14 -11.12
N ILE C 10 38.55 -12.81 -11.06
CA ILE C 10 37.44 -12.16 -10.37
C ILE C 10 36.43 -11.69 -11.41
N LEU C 11 35.19 -12.14 -11.25
CA LEU C 11 34.08 -11.66 -12.08
C LEU C 11 33.33 -10.65 -11.26
N VAL C 12 33.30 -9.41 -11.71
CA VAL C 12 32.62 -8.37 -10.95
C VAL C 12 31.33 -8.04 -11.66
N THR C 13 30.27 -8.67 -11.18
CA THR C 13 28.91 -8.41 -11.59
C THR C 13 28.51 -6.97 -11.22
N GLY C 14 27.72 -6.30 -12.04
CA GLY C 14 27.30 -4.94 -11.75
C GLY C 14 28.47 -3.95 -11.80
N GLY C 15 29.40 -4.24 -12.72
CA GLY C 15 30.67 -3.54 -12.80
C GLY C 15 30.63 -2.10 -13.28
N SER C 16 29.54 -1.71 -13.96
CA SER C 16 29.46 -0.38 -14.58
C SER C 16 28.65 0.62 -13.74
N GLY C 17 28.24 0.18 -12.55
CA GLY C 17 27.54 1.07 -11.65
C GLY C 17 28.48 1.90 -10.78
N LEU C 18 27.91 2.54 -9.79
CA LEU C 18 28.65 3.36 -8.85
C LEU C 18 29.75 2.61 -8.09
N VAL C 19 29.41 1.44 -7.57
CA VAL C 19 30.37 0.72 -6.75
C VAL C 19 31.36 -0.01 -7.64
N GLY C 20 30.87 -0.58 -8.74
CA GLY C 20 31.73 -1.28 -9.67
C GLY C 20 32.79 -0.40 -10.33
N LYS C 21 32.42 0.79 -10.75
CA LYS C 21 33.40 1.66 -11.39
C LYS C 21 34.44 2.15 -10.39
N ALA C 22 34.08 2.19 -9.11
CA ALA C 22 35.03 2.57 -8.08
C ALA C 22 36.11 1.47 -7.94
N ILE C 23 35.65 0.22 -7.85
CA ILE C 23 36.54 -0.95 -7.83
C ILE C 23 37.45 -1.01 -9.04
N GLN C 24 36.99 -0.47 -10.17
CA GLN C 24 37.74 -0.57 -11.41
C GLN C 24 39.17 0.03 -11.33
N LYS C 25 39.55 0.54 -10.16
CA LYS C 25 40.94 0.96 -9.89
C LYS C 25 41.49 0.42 -8.56
N VAL C 26 42.27 -0.66 -8.55
CA VAL C 26 42.68 -1.44 -9.73
C VAL C 26 43.31 -0.61 -10.87
N VAL C 27 43.90 0.51 -10.45
CA VAL C 27 44.79 1.41 -11.21
C VAL C 27 44.95 2.68 -10.37
N ALA C 28 45.90 2.69 -9.43
CA ALA C 28 47.03 1.75 -9.33
C ALA C 28 46.80 0.23 -9.44
N ASP C 29 46.84 -0.48 -8.31
CA ASP C 29 46.95 -1.93 -8.37
C ASP C 29 45.91 -2.78 -7.64
N GLY C 30 45.46 -3.82 -8.33
CA GLY C 30 44.98 -5.02 -7.70
C GLY C 30 46.20 -5.92 -7.78
N ALA C 31 46.44 -6.44 -8.98
CA ALA C 31 47.74 -7.02 -9.35
C ALA C 31 48.00 -8.46 -8.89
N GLY C 32 48.75 -9.17 -9.73
CA GLY C 32 49.17 -10.53 -9.44
C GLY C 32 49.55 -11.28 -10.70
N GLU C 36 45.82 -12.36 -10.56
CA GLU C 36 44.49 -11.72 -10.59
C GLU C 36 44.08 -11.24 -11.99
N ASP C 37 43.01 -11.83 -12.51
CA ASP C 37 42.44 -11.44 -13.80
C ASP C 37 41.02 -10.92 -13.55
N TRP C 38 40.86 -9.60 -13.61
CA TRP C 38 39.59 -8.98 -13.27
C TRP C 38 38.71 -8.84 -14.50
N VAL C 39 37.50 -9.39 -14.40
CA VAL C 39 36.53 -9.29 -15.46
C VAL C 39 35.32 -8.48 -14.97
N PHE C 40 35.12 -7.30 -15.54
CA PHE C 40 33.99 -6.45 -15.18
C PHE C 40 32.88 -6.59 -16.20
N VAL C 41 31.65 -6.61 -15.72
CA VAL C 41 30.50 -6.90 -16.55
C VAL C 41 29.34 -6.03 -16.08
N SER C 42 28.53 -5.52 -16.99
CA SER C 42 27.44 -4.64 -16.53
C SER C 42 26.13 -5.37 -16.10
N SER C 43 25.07 -5.41 -16.93
CA SER C 43 25.19 -5.22 -18.35
C SER C 43 24.09 -5.81 -19.22
N LYS C 44 24.56 -6.03 -20.44
CA LYS C 44 24.33 -7.26 -21.18
C LYS C 44 25.28 -7.22 -22.40
N ASP C 45 26.35 -8.03 -22.45
CA ASP C 45 26.91 -8.93 -21.41
C ASP C 45 26.05 -10.08 -20.90
N ALA C 46 25.12 -9.81 -20.00
CA ALA C 46 24.13 -10.80 -19.63
C ALA C 46 23.08 -10.18 -18.73
N ASP C 47 21.82 -10.38 -19.09
CA ASP C 47 20.73 -10.01 -18.20
C ASP C 47 20.69 -11.05 -17.08
N LEU C 48 21.17 -10.65 -15.90
CA LEU C 48 21.36 -11.57 -14.78
C LEU C 48 20.02 -12.03 -14.21
N THR C 49 18.98 -11.33 -14.59
CA THR C 49 17.63 -11.72 -14.26
C THR C 49 17.30 -12.99 -15.03
N ASP C 50 18.11 -13.33 -16.03
CA ASP C 50 17.84 -14.48 -16.90
C ASP C 50 18.75 -15.67 -16.59
N THR C 51 18.16 -16.81 -16.26
CA THR C 51 18.92 -17.98 -15.84
C THR C 51 19.90 -18.55 -16.86
N ALA C 52 19.46 -18.72 -18.10
CA ALA C 52 20.31 -19.28 -19.13
C ALA C 52 21.45 -18.33 -19.52
N GLN C 53 21.14 -17.04 -19.63
CA GLN C 53 22.16 -16.05 -19.94
C GLN C 53 23.21 -15.98 -18.85
N THR C 54 22.79 -16.10 -17.60
CA THR C 54 23.71 -16.03 -16.48
C THR C 54 24.60 -17.25 -16.40
N ARG C 55 24.03 -18.42 -16.66
CA ARG C 55 24.81 -19.65 -16.64
C ARG C 55 25.87 -19.63 -17.75
N ALA C 56 25.47 -19.18 -18.95
CA ALA C 56 26.39 -19.07 -20.10
C ALA C 56 27.55 -18.14 -19.82
N LEU C 57 27.27 -17.02 -19.15
CA LEU C 57 28.31 -16.05 -18.83
C LEU C 57 29.35 -16.67 -17.89
N PHE C 58 28.89 -17.34 -16.85
CA PHE C 58 29.76 -18.04 -15.92
C PHE C 58 30.51 -19.17 -16.61
N GLU C 59 29.85 -19.91 -17.49
CA GLU C 59 30.52 -20.96 -18.25
C GLU C 59 31.66 -20.38 -19.09
N LYS C 60 31.51 -19.14 -19.50
CA LYS C 60 32.45 -18.51 -20.41
C LYS C 60 33.68 -18.05 -19.65
N VAL C 61 33.51 -17.01 -18.85
CA VAL C 61 34.56 -16.66 -17.91
C VAL C 61 34.36 -17.63 -16.77
N GLN C 62 35.32 -18.53 -16.56
CA GLN C 62 35.20 -19.45 -15.44
C GLN C 62 35.83 -18.76 -14.25
N PRO C 63 35.06 -17.93 -13.54
CA PRO C 63 35.71 -17.18 -12.47
C PRO C 63 36.10 -18.11 -11.32
N THR C 64 36.98 -17.61 -10.46
CA THR C 64 37.31 -18.30 -9.23
C THR C 64 36.69 -17.50 -8.07
N HIS C 65 36.52 -16.22 -8.31
CA HIS C 65 35.99 -15.32 -7.33
C HIS C 65 34.97 -14.43 -8.01
N VAL C 66 33.94 -14.07 -7.26
CA VAL C 66 32.85 -13.26 -7.76
C VAL C 66 32.58 -12.15 -6.77
N ILE C 67 32.54 -10.92 -7.25
CA ILE C 67 31.99 -9.83 -6.46
C ILE C 67 30.63 -9.48 -7.08
N HIS C 68 29.56 -9.84 -6.38
CA HIS C 68 28.19 -9.61 -6.86
C HIS C 68 27.64 -8.22 -6.50
N LEU C 69 27.60 -7.30 -7.46
CA LEU C 69 27.05 -5.95 -7.22
C LEU C 69 25.74 -5.72 -8.00
N ALA C 70 25.46 -6.56 -8.98
CA ALA C 70 24.29 -6.42 -9.84
C ALA C 70 23.03 -6.41 -9.01
N ALA C 71 22.25 -5.34 -9.11
CA ALA C 71 21.01 -5.23 -8.37
C ALA C 71 20.15 -4.10 -8.90
N MET C 72 18.85 -4.25 -8.74
CA MET C 72 17.95 -3.16 -9.06
C MET C 72 17.97 -2.22 -7.84
N VAL C 73 18.32 -0.95 -8.05
CA VAL C 73 18.37 0.04 -6.96
C VAL C 73 17.57 1.27 -7.40
N GLY C 74 17.33 2.27 -6.55
CA GLY C 74 17.61 2.26 -5.14
C GLY C 74 16.85 3.37 -4.40
N LYS C 81 6.65 3.65 -6.27
CA LYS C 81 7.28 2.57 -5.53
C LYS C 81 6.95 1.23 -6.18
N TYR C 82 7.98 0.44 -6.44
CA TYR C 82 7.82 -0.83 -7.13
C TYR C 82 8.37 -1.96 -6.29
N ASN C 83 7.73 -2.24 -5.16
CA ASN C 83 8.27 -3.27 -4.30
C ASN C 83 8.30 -4.64 -4.96
N LEU C 84 7.30 -4.92 -5.80
CA LEU C 84 7.25 -6.23 -6.44
C LEU C 84 8.48 -6.47 -7.32
N ASP C 85 8.84 -5.47 -8.13
CA ASP C 85 10.01 -5.59 -9.00
C ASP C 85 11.33 -5.61 -8.19
N PHE C 86 11.44 -4.76 -7.17
CA PHE C 86 12.60 -4.82 -6.31
C PHE C 86 12.74 -6.22 -5.74
N TRP C 87 11.63 -6.78 -5.25
CA TRP C 87 11.69 -8.15 -4.78
C TRP C 87 12.03 -9.16 -5.87
N ARG C 88 11.25 -9.21 -6.94
CA ARG C 88 11.45 -10.27 -7.93
C ARG C 88 12.77 -10.17 -8.69
N LYS C 89 13.13 -8.97 -9.12
CA LYS C 89 14.32 -8.81 -9.92
C LYS C 89 15.61 -9.15 -9.17
N ASN C 90 15.75 -8.58 -7.97
CA ASN C 90 16.88 -8.86 -7.10
C ASN C 90 16.98 -10.34 -6.73
N VAL C 91 15.85 -10.95 -6.36
CA VAL C 91 15.85 -12.36 -6.02
C VAL C 91 16.36 -13.22 -7.19
N HIS C 92 15.83 -12.96 -8.40
CA HIS C 92 16.28 -13.71 -9.57
C HIS C 92 17.78 -13.55 -9.89
N MET C 93 18.31 -12.35 -9.73
CA MET C 93 19.72 -12.08 -9.97
C MET C 93 20.58 -12.80 -8.94
N ASN C 94 20.27 -12.60 -7.67
CA ASN C 94 21.02 -13.21 -6.58
C ASN C 94 21.12 -14.73 -6.69
N ASP C 95 19.98 -15.39 -6.86
CA ASP C 95 19.96 -16.84 -7.04
C ASP C 95 20.71 -17.27 -8.30
N ASN C 96 20.51 -16.52 -9.39
CA ASN C 96 21.18 -16.86 -10.64
C ASN C 96 22.70 -16.74 -10.52
N VAL C 97 23.14 -15.65 -9.91
CA VAL C 97 24.55 -15.35 -9.75
C VAL C 97 25.24 -16.33 -8.81
N LEU C 98 24.74 -16.44 -7.58
CA LEU C 98 25.30 -17.38 -6.60
C LEU C 98 25.26 -18.83 -7.07
N HIS C 99 24.16 -19.25 -7.67
CA HIS C 99 24.11 -20.65 -8.06
C HIS C 99 24.92 -20.93 -9.29
N SER C 100 25.09 -19.93 -10.13
CA SER C 100 25.88 -20.13 -11.33
C SER C 100 27.34 -20.21 -10.90
N ALA C 101 27.75 -19.33 -9.99
CA ALA C 101 29.09 -19.36 -9.41
C ALA C 101 29.37 -20.68 -8.66
N PHE C 102 28.36 -21.20 -7.97
CA PHE C 102 28.50 -22.51 -7.33
C PHE C 102 28.71 -23.65 -8.33
N GLU C 103 27.98 -23.62 -9.44
CA GLU C 103 28.12 -24.67 -10.45
C GLU C 103 29.52 -24.71 -11.12
N VAL C 104 30.11 -23.55 -11.41
CA VAL C 104 31.44 -23.52 -12.05
C VAL C 104 32.60 -23.69 -11.05
N GLY C 105 32.26 -23.93 -9.79
CA GLY C 105 33.26 -24.10 -8.74
C GLY C 105 34.00 -22.82 -8.36
N ALA C 106 33.28 -21.71 -8.27
CA ALA C 106 33.85 -20.49 -7.70
C ALA C 106 34.12 -20.74 -6.23
N ARG C 107 35.26 -20.24 -5.75
CA ARG C 107 35.71 -20.48 -4.39
C ARG C 107 35.10 -19.45 -3.46
N LYS C 108 34.88 -18.25 -3.97
CA LYS C 108 34.30 -17.22 -3.14
C LYS C 108 33.35 -16.31 -3.90
N VAL C 109 32.33 -15.83 -3.19
CA VAL C 109 31.40 -14.84 -3.68
C VAL C 109 31.18 -13.80 -2.61
N VAL C 110 31.40 -12.54 -2.92
CA VAL C 110 31.02 -11.47 -2.00
C VAL C 110 29.89 -10.64 -2.60
N SER C 111 28.70 -10.76 -2.02
CA SER C 111 27.56 -9.96 -2.44
C SER C 111 27.54 -8.69 -1.61
N CYS C 112 26.55 -7.84 -1.87
CA CYS C 112 26.53 -6.50 -1.31
C CYS C 112 25.16 -6.12 -0.75
N LEU C 113 24.98 -6.29 0.56
CA LEU C 113 23.73 -5.94 1.23
C LEU C 113 23.71 -4.45 1.54
N SER C 114 22.91 -4.05 2.51
CA SER C 114 22.82 -2.64 2.88
C SER C 114 22.31 -2.51 4.30
N THR C 115 22.68 -1.43 4.97
CA THR C 115 22.23 -1.19 6.33
C THR C 115 20.75 -0.75 6.38
N CYS C 116 20.16 -0.49 5.22
CA CYS C 116 18.77 -0.06 5.11
C CYS C 116 17.77 -1.22 5.32
N ILE C 117 18.26 -2.45 5.26
CA ILE C 117 17.44 -3.65 5.29
C ILE C 117 17.24 -4.15 6.72
N PHE C 118 17.73 -3.39 7.69
CA PHE C 118 17.74 -3.90 9.05
C PHE C 118 16.38 -3.69 9.69
N PRO C 119 16.15 -4.33 10.84
CA PRO C 119 14.82 -4.21 11.45
C PRO C 119 14.52 -2.76 11.75
N ASP C 120 13.27 -2.36 11.55
CA ASP C 120 12.85 -0.99 11.80
C ASP C 120 12.79 -0.58 13.29
N LYS C 121 12.34 -1.46 14.17
CA LYS C 121 12.24 -1.06 15.57
C LYS C 121 13.61 -1.03 16.29
N THR C 122 14.21 -2.19 16.52
CA THR C 122 15.65 -2.31 16.91
C THR C 122 16.31 -1.35 17.94
N THR C 123 17.31 -1.88 18.66
CA THR C 123 18.24 -1.05 19.43
C THR C 123 19.35 -0.58 18.51
N TYR C 124 20.07 0.46 18.92
CA TYR C 124 21.14 1.04 18.11
C TYR C 124 22.42 1.12 18.93
N PRO C 125 23.58 1.05 18.27
CA PRO C 125 23.80 0.86 16.84
C PRO C 125 23.54 -0.59 16.43
N ILE C 126 23.31 -0.80 15.15
CA ILE C 126 22.99 -2.12 14.65
C ILE C 126 24.28 -2.85 14.35
N ASP C 127 24.27 -4.16 14.50
CA ASP C 127 25.42 -4.97 14.10
C ASP C 127 24.99 -6.16 13.26
N GLU C 128 25.98 -6.79 12.64
CA GLU C 128 25.80 -7.93 11.75
C GLU C 128 24.90 -9.04 12.30
N THR C 129 24.86 -9.19 13.63
CA THR C 129 24.08 -10.26 14.23
C THR C 129 22.59 -9.93 14.23
N MET C 130 22.25 -8.69 13.86
CA MET C 130 20.91 -8.16 14.09
C MET C 130 20.03 -8.13 12.84
N ILE C 131 20.56 -8.45 11.69
CA ILE C 131 19.66 -8.61 10.58
C ILE C 131 18.77 -9.81 10.97
N HIS C 132 17.56 -9.86 10.42
CA HIS C 132 16.60 -10.94 10.71
C HIS C 132 15.77 -10.74 11.98
N ASN C 133 16.30 -9.96 12.93
CA ASN C 133 15.66 -9.76 14.22
C ASN C 133 14.36 -8.92 14.21
N GLY C 134 13.59 -9.00 13.13
CA GLY C 134 12.47 -8.10 12.97
C GLY C 134 12.33 -7.54 11.57
N PRO C 135 11.12 -7.15 11.20
CA PRO C 135 10.78 -6.62 9.88
C PRO C 135 11.43 -5.26 9.54
N PRO C 136 11.88 -5.12 8.28
CA PRO C 136 12.52 -3.92 7.70
C PRO C 136 11.51 -2.81 7.49
N HIS C 137 11.95 -1.55 7.44
CA HIS C 137 11.01 -0.47 7.14
C HIS C 137 10.08 -0.84 5.98
N ASN C 138 8.88 -0.30 5.98
CA ASN C 138 7.92 -0.74 4.96
C ASN C 138 8.10 -0.09 3.59
N SER C 139 8.78 1.04 3.55
CA SER C 139 9.04 1.74 2.30
C SER C 139 9.67 0.86 1.22
N ASN C 140 10.73 0.12 1.55
CA ASN C 140 11.40 -0.72 0.55
C ASN C 140 11.61 -2.13 1.02
N PHE C 141 10.56 -2.72 1.58
CA PHE C 141 10.66 -4.04 2.14
C PHE C 141 10.99 -5.05 1.03
N GLY C 142 10.64 -4.74 -0.21
CA GLY C 142 10.94 -5.63 -1.31
C GLY C 142 12.44 -5.78 -1.55
N TYR C 143 13.13 -4.65 -1.62
CA TYR C 143 14.58 -4.61 -1.73
C TYR C 143 15.24 -5.18 -0.46
N SER C 144 14.76 -4.77 0.70
CA SER C 144 15.30 -5.24 1.95
C SER C 144 15.31 -6.76 2.05
N TYR C 145 14.15 -7.39 1.85
CA TYR C 145 14.09 -8.85 1.90
C TYR C 145 14.90 -9.61 0.82
N ALA C 146 14.99 -9.09 -0.40
CA ALA C 146 15.82 -9.76 -1.40
C ALA C 146 17.29 -9.79 -0.94
N LYS C 147 17.73 -8.70 -0.35
CA LYS C 147 19.05 -8.64 0.24
C LYS C 147 19.19 -9.62 1.43
N ARG C 148 18.24 -9.59 2.37
CA ARG C 148 18.31 -10.48 3.53
C ARG C 148 18.37 -11.92 3.09
N MET C 149 17.74 -12.23 1.97
CA MET C 149 17.79 -13.60 1.46
C MET C 149 19.16 -13.94 0.89
N ILE C 150 19.99 -12.93 0.63
CA ILE C 150 21.35 -13.20 0.21
C ILE C 150 22.10 -13.89 1.36
N ASP C 151 21.91 -13.37 2.56
CA ASP C 151 22.49 -13.96 3.76
C ASP C 151 21.98 -15.38 3.98
N VAL C 152 20.70 -15.60 3.69
CA VAL C 152 20.09 -16.90 3.88
C VAL C 152 20.69 -17.93 2.91
N GLN C 153 20.92 -17.50 1.68
CA GLN C 153 21.49 -18.33 0.64
C GLN C 153 22.94 -18.68 0.98
N ASN C 154 23.70 -17.68 1.40
CA ASN C 154 25.06 -17.88 1.84
C ASN C 154 25.10 -19.00 2.85
N ARG C 155 24.29 -18.86 3.90
CA ARG C 155 24.21 -19.86 4.96
C ARG C 155 23.80 -21.24 4.47
N ALA C 156 22.96 -21.30 3.45
CA ALA C 156 22.54 -22.61 2.95
C ALA C 156 23.65 -23.28 2.13
N TYR C 157 24.36 -22.49 1.32
CA TYR C 157 25.50 -22.99 0.57
C TYR C 157 26.52 -23.54 1.54
N PHE C 158 26.75 -22.79 2.62
CA PHE C 158 27.69 -23.25 3.64
C PHE C 158 27.23 -24.52 4.34
N GLN C 159 25.98 -24.52 4.80
CA GLN C 159 25.45 -25.66 5.50
C GLN C 159 25.55 -26.89 4.62
N GLN C 160 24.97 -26.82 3.45
CA GLN C 160 24.83 -28.02 2.63
C GLN C 160 26.16 -28.44 2.03
N TYR C 161 27.03 -27.47 1.78
CA TYR C 161 28.17 -27.70 0.91
C TYR C 161 29.53 -27.30 1.50
N GLY C 162 29.54 -26.50 2.55
CA GLY C 162 30.78 -26.02 3.12
C GLY C 162 31.38 -24.87 2.32
N CYS C 163 30.62 -24.37 1.35
CA CYS C 163 31.07 -23.24 0.52
C CYS C 163 31.15 -21.96 1.35
N THR C 164 32.12 -21.11 1.07
CA THR C 164 32.17 -19.81 1.75
C THR C 164 31.69 -18.66 0.86
N PHE C 165 30.43 -18.28 1.05
CA PHE C 165 29.87 -17.12 0.38
C PHE C 165 29.50 -16.08 1.45
N THR C 166 29.84 -14.82 1.18
CA THR C 166 29.68 -13.76 2.16
C THR C 166 29.04 -12.52 1.54
N ALA C 167 29.08 -11.44 2.31
CA ALA C 167 28.56 -10.18 1.84
C ALA C 167 29.11 -9.08 2.70
N VAL C 168 29.15 -7.88 2.15
CA VAL C 168 29.43 -6.71 2.93
C VAL C 168 28.15 -5.86 3.01
N ILE C 169 28.11 -5.00 4.01
CA ILE C 169 26.96 -4.19 4.27
C ILE C 169 27.42 -2.75 4.39
N PRO C 170 27.49 -2.03 3.26
CA PRO C 170 27.85 -0.61 3.20
C PRO C 170 26.73 0.24 3.77
N THR C 171 27.04 1.46 4.17
CA THR C 171 26.00 2.42 4.48
C THR C 171 25.53 3.07 3.18
N ASN C 172 25.03 4.30 3.25
CA ASN C 172 24.67 4.97 2.00
C ASN C 172 25.95 5.33 1.24
N VAL C 173 26.05 4.87 0.00
CA VAL C 173 27.22 5.18 -0.82
C VAL C 173 27.01 6.47 -1.60
N PHE C 174 28.09 7.03 -2.11
CA PHE C 174 27.99 8.19 -3.00
C PHE C 174 29.33 8.46 -3.66
N GLY C 175 29.30 8.99 -4.87
CA GLY C 175 30.53 9.42 -5.52
C GLY C 175 30.49 9.48 -7.03
N PRO C 176 31.66 9.56 -7.65
CA PRO C 176 31.76 9.51 -9.10
C PRO C 176 30.97 8.36 -9.72
N HIS C 177 30.42 8.58 -10.91
CA HIS C 177 29.73 7.55 -11.68
C HIS C 177 28.44 7.03 -11.01
N ASP C 178 27.84 7.86 -10.15
CA ASP C 178 26.60 7.50 -9.49
C ASP C 178 25.37 7.80 -10.38
N ASN C 179 24.19 7.45 -9.88
CA ASN C 179 22.94 7.85 -10.51
C ASN C 179 22.49 9.20 -9.97
N PHE C 180 22.69 10.24 -10.76
CA PHE C 180 22.25 11.58 -10.38
C PHE C 180 20.94 11.91 -11.08
N ASN C 181 19.99 11.00 -11.02
CA ASN C 181 18.65 11.25 -11.51
C ASN C 181 17.78 11.54 -10.29
N ILE C 182 17.16 12.72 -10.23
CA ILE C 182 16.44 13.12 -9.02
C ILE C 182 15.34 12.15 -8.61
N GLU C 183 14.64 11.59 -9.59
CA GLU C 183 13.51 10.70 -9.33
C GLU C 183 13.94 9.30 -8.91
N ASP C 184 15.06 8.85 -9.47
CA ASP C 184 15.47 7.44 -9.47
C ASP C 184 16.79 7.22 -8.76
N GLY C 185 17.24 8.18 -7.97
CA GLY C 185 18.55 8.06 -7.36
C GLY C 185 18.53 8.23 -5.86
N HIS C 186 19.65 7.90 -5.24
CA HIS C 186 19.80 8.15 -3.82
C HIS C 186 19.98 9.65 -3.61
N VAL C 187 19.83 10.12 -2.37
CA VAL C 187 19.78 11.55 -2.09
C VAL C 187 20.96 12.38 -2.62
N LEU C 188 20.73 13.04 -3.76
CA LEU C 188 21.76 13.81 -4.50
C LEU C 188 21.34 15.23 -4.96
N PRO C 189 22.35 16.12 -5.12
CA PRO C 189 22.13 17.56 -5.35
C PRO C 189 21.56 17.86 -6.75
N GLY C 190 20.27 18.22 -6.81
CA GLY C 190 19.65 18.58 -8.07
C GLY C 190 20.73 19.28 -8.85
N LEU C 191 20.99 20.52 -8.44
CA LEU C 191 22.23 21.25 -8.73
C LEU C 191 22.20 22.59 -7.96
N ILE C 192 21.58 23.66 -8.47
CA ILE C 192 21.03 23.88 -9.83
C ILE C 192 20.54 25.34 -9.93
N HIS C 193 20.66 25.91 -11.13
CA HIS C 193 20.41 27.33 -11.35
C HIS C 193 20.54 27.69 -12.83
N GLY C 202 18.99 28.62 -7.18
CA GLY C 202 17.95 27.68 -6.80
C GLY C 202 16.56 28.30 -6.84
N SER C 203 15.70 27.92 -5.89
CA SER C 203 15.99 26.93 -4.85
C SER C 203 16.00 25.54 -5.49
N ALA C 204 16.57 24.49 -4.87
CA ALA C 204 17.00 24.33 -3.47
C ALA C 204 15.85 23.80 -2.61
N LEU C 205 15.22 22.74 -3.11
CA LEU C 205 14.09 22.14 -2.40
C LEU C 205 14.33 20.67 -2.07
N THR C 206 14.65 20.41 -0.81
CA THR C 206 14.96 19.05 -0.37
C THR C 206 13.73 18.35 0.20
N VAL C 207 13.44 17.18 -0.35
CA VAL C 207 12.32 16.36 0.11
C VAL C 207 12.53 16.11 1.60
N TRP C 208 11.48 15.70 2.32
CA TRP C 208 11.64 15.27 3.70
C TRP C 208 11.49 16.42 4.72
N GLY C 209 11.18 16.08 5.97
CA GLY C 209 11.24 17.02 7.08
C GLY C 209 12.69 17.01 7.52
N THR C 210 13.48 17.85 6.84
CA THR C 210 14.90 17.62 6.54
C THR C 210 15.78 17.01 7.64
N GLY C 211 15.52 17.39 8.88
CA GLY C 211 16.17 16.75 10.00
C GLY C 211 15.54 15.39 10.22
N ASN C 212 16.03 14.40 9.47
CA ASN C 212 15.54 13.02 9.55
C ASN C 212 16.63 12.01 9.19
N PRO C 213 17.74 12.07 9.93
CA PRO C 213 18.95 11.42 9.42
C PRO C 213 19.82 10.67 10.45
N ARG C 214 20.49 9.58 10.05
CA ARG C 214 20.28 8.87 8.78
C ARG C 214 20.82 9.49 7.47
N ARG C 215 22.13 9.41 7.31
CA ARG C 215 22.90 8.68 8.26
C ARG C 215 24.35 8.74 7.95
N GLN C 216 24.91 7.56 7.77
CA GLN C 216 26.34 7.38 7.58
C GLN C 216 26.60 7.18 6.10
N PHE C 217 27.43 8.03 5.53
CA PHE C 217 27.71 7.93 4.11
C PHE C 217 29.10 7.37 3.95
N ILE C 218 29.26 6.49 2.97
CA ILE C 218 30.55 5.94 2.65
C ILE C 218 30.91 6.33 1.21
N TYR C 219 32.13 6.84 1.03
CA TYR C 219 32.64 7.28 -0.27
C TYR C 219 32.97 6.05 -1.11
N SER C 220 32.61 6.06 -2.39
CA SER C 220 32.80 4.86 -3.20
C SER C 220 34.26 4.44 -3.36
N LEU C 221 35.18 5.40 -3.26
CA LEU C 221 36.60 5.07 -3.33
C LEU C 221 37.08 4.32 -2.09
N ASP C 222 36.60 4.74 -0.92
CA ASP C 222 36.83 4.00 0.32
C ASP C 222 36.28 2.59 0.17
N LEU C 223 34.97 2.51 -0.09
CA LEU C 223 34.26 1.24 -0.23
C LEU C 223 34.96 0.24 -1.16
N ALA C 224 35.51 0.73 -2.26
CA ALA C 224 36.24 -0.10 -3.22
C ALA C 224 37.53 -0.73 -2.65
N GLN C 225 38.28 0.02 -1.85
CA GLN C 225 39.46 -0.54 -1.19
C GLN C 225 39.02 -1.68 -0.26
N LEU C 226 38.19 -1.31 0.71
CA LEU C 226 37.56 -2.27 1.61
C LEU C 226 37.05 -3.51 0.88
N PHE C 227 36.39 -3.28 -0.26
CA PHE C 227 35.80 -4.37 -1.03
C PHE C 227 36.82 -5.33 -1.63
N ILE C 228 37.97 -4.79 -2.03
CA ILE C 228 39.04 -5.60 -2.60
C ILE C 228 39.69 -6.46 -1.51
N TRP C 229 39.91 -5.83 -0.35
CA TRP C 229 40.42 -6.53 0.83
C TRP C 229 39.52 -7.69 1.25
N VAL C 230 38.21 -7.42 1.40
CA VAL C 230 37.26 -8.45 1.80
C VAL C 230 37.40 -9.65 0.89
N LEU C 231 37.46 -9.37 -0.39
CA LEU C 231 37.66 -10.44 -1.37
C LEU C 231 38.95 -11.25 -1.14
N ARG C 232 40.00 -10.63 -0.59
CA ARG C 232 41.26 -11.32 -0.39
C ARG C 232 41.42 -11.95 0.99
N GLU C 233 41.07 -11.19 2.03
CA GLU C 233 41.36 -11.54 3.41
C GLU C 233 40.21 -12.18 4.18
N TYR C 234 38.99 -11.74 3.91
CA TYR C 234 37.84 -12.04 4.78
C TYR C 234 37.19 -13.39 4.47
N ASN C 235 36.97 -14.21 5.50
CA ASN C 235 36.56 -15.60 5.29
C ASN C 235 35.37 -16.08 6.10
N GLU C 236 34.77 -15.20 6.89
CA GLU C 236 33.52 -15.51 7.54
C GLU C 236 32.41 -15.65 6.49
N VAL C 237 31.32 -16.34 6.83
CA VAL C 237 30.14 -16.25 5.99
C VAL C 237 29.23 -15.16 6.54
N GLU C 238 29.24 -14.98 7.85
CA GLU C 238 28.56 -13.85 8.45
C GLU C 238 29.04 -12.60 7.72
N PRO C 239 28.10 -11.69 7.38
CA PRO C 239 28.53 -10.49 6.66
C PRO C 239 29.26 -9.47 7.57
N ILE C 240 29.88 -8.48 6.95
CA ILE C 240 30.58 -7.43 7.68
C ILE C 240 30.10 -6.05 7.25
N ILE C 241 29.88 -5.18 8.23
CA ILE C 241 29.45 -3.80 7.98
C ILE C 241 30.63 -2.91 7.56
N LEU C 242 30.53 -2.33 6.36
CA LEU C 242 31.53 -1.38 5.88
C LEU C 242 30.99 0.02 6.06
N SER C 243 31.21 0.57 7.25
CA SER C 243 30.63 1.84 7.63
C SER C 243 31.67 2.74 8.27
N VAL C 244 31.46 4.04 8.15
CA VAL C 244 32.23 5.03 8.87
C VAL C 244 31.83 4.89 10.35
N GLY C 245 32.43 5.69 11.22
CA GLY C 245 32.10 5.63 12.63
C GLY C 245 30.64 5.95 12.90
N GLU C 246 30.08 5.27 13.90
CA GLU C 246 28.74 5.57 14.39
C GLU C 246 28.77 6.95 15.05
N GLU C 247 29.60 7.81 14.47
CA GLU C 247 29.96 9.09 15.04
C GLU C 247 29.96 10.13 13.92
N ASP C 248 30.28 9.67 12.71
CA ASP C 248 30.27 10.53 11.53
C ASP C 248 28.92 10.47 10.81
N GLU C 249 27.94 9.82 11.41
CA GLU C 249 26.62 9.79 10.80
C GLU C 249 26.02 11.18 10.86
N VAL C 250 24.77 11.30 10.43
CA VAL C 250 24.03 12.57 10.40
C VAL C 250 24.52 13.46 9.25
N SER C 251 23.63 14.29 8.70
CA SER C 251 22.29 14.51 9.22
C SER C 251 21.32 15.10 8.20
N ILE C 252 21.27 14.52 6.99
CA ILE C 252 20.41 14.99 5.87
C ILE C 252 20.45 16.48 5.61
N LYS C 253 19.95 17.27 6.56
CA LYS C 253 20.10 18.71 6.53
C LYS C 253 21.54 19.12 6.23
N GLU C 254 22.41 18.13 6.08
CA GLU C 254 23.80 18.38 5.67
C GLU C 254 23.92 18.77 4.19
N ALA C 255 23.54 20.01 3.92
CA ALA C 255 23.91 20.70 2.71
C ALA C 255 25.39 21.07 2.83
N ALA C 256 26.23 20.04 2.81
CA ALA C 256 27.65 20.20 2.61
C ALA C 256 27.90 20.45 1.12
N GLU C 257 26.86 20.28 0.30
CA GLU C 257 26.95 20.60 -1.13
C GLU C 257 26.42 21.99 -1.41
N ALA C 258 26.05 22.73 -0.36
CA ALA C 258 25.89 24.17 -0.50
C ALA C 258 27.31 24.73 -0.61
N VAL C 259 28.20 23.90 -1.12
CA VAL C 259 29.57 24.26 -1.52
C VAL C 259 30.20 23.07 -2.25
N VAL C 260 30.10 22.99 -3.59
CA VAL C 260 29.46 23.97 -4.52
C VAL C 260 29.53 25.46 -4.11
N GLU C 261 28.45 26.21 -4.27
CA GLU C 261 28.46 27.62 -3.89
C GLU C 261 27.31 27.99 -2.95
N ALA C 262 26.08 27.97 -3.48
CA ALA C 262 24.85 28.18 -2.69
C ALA C 262 23.96 29.33 -3.18
N MET C 263 23.01 29.72 -2.34
CA MET C 263 22.03 30.75 -2.69
C MET C 263 22.25 32.01 -1.87
N ASP C 272 13.24 22.35 0.76
CA ASP C 272 13.15 22.66 2.17
C ASP C 272 12.27 21.70 3.00
N THR C 273 11.09 21.30 2.51
CA THR C 273 10.21 20.46 3.35
C THR C 273 9.13 19.46 2.79
N THR C 274 8.02 19.38 3.52
CA THR C 274 7.44 18.10 3.93
C THR C 274 6.55 17.20 3.06
N LYS C 275 7.18 16.07 2.68
CA LYS C 275 6.55 14.82 2.29
C LYS C 275 7.54 14.07 1.40
N SER C 276 8.06 12.94 1.89
CA SER C 276 7.79 12.42 3.23
C SER C 276 9.08 12.40 4.06
N ASP C 277 9.69 11.21 4.20
CA ASP C 277 10.99 10.94 4.87
C ASP C 277 10.98 9.60 5.63
N GLY C 278 11.88 9.39 6.59
CA GLY C 278 11.92 8.17 7.40
C GLY C 278 11.99 6.93 6.51
N GLN C 279 12.64 5.83 6.91
CA GLN C 279 13.30 5.56 8.19
C GLN C 279 14.12 6.70 8.75
N PHE C 280 14.00 6.92 10.06
CA PHE C 280 14.65 8.05 10.69
C PHE C 280 16.16 7.86 10.84
N LYS C 281 16.58 6.67 11.27
CA LYS C 281 18.00 6.36 11.39
C LYS C 281 18.27 4.87 11.42
N LYS C 282 19.45 4.50 10.91
CA LYS C 282 19.88 3.11 10.87
C LYS C 282 21.35 3.01 11.30
N THR C 283 21.67 3.73 12.38
CA THR C 283 23.02 3.84 12.93
C THR C 283 23.69 2.48 13.09
N ALA C 284 24.82 2.33 12.42
CA ALA C 284 25.48 1.04 12.26
C ALA C 284 26.87 1.03 12.92
N SER C 285 27.20 -0.07 13.57
CA SER C 285 28.49 -0.25 14.25
C SER C 285 29.49 -0.88 13.31
N ASN C 286 30.67 -0.29 13.22
CA ASN C 286 31.74 -0.87 12.41
C ASN C 286 32.75 -1.68 13.24
N SER C 287 32.37 -2.12 14.44
CA SER C 287 33.28 -2.87 15.31
C SER C 287 33.96 -4.03 14.60
N LYS C 288 33.18 -4.92 14.00
CA LYS C 288 33.81 -6.05 13.34
C LYS C 288 34.86 -5.57 12.35
N LEU C 289 34.56 -4.46 11.66
CA LEU C 289 35.51 -3.91 10.70
C LEU C 289 36.78 -3.40 11.41
N ARG C 290 36.61 -2.71 12.54
CA ARG C 290 37.75 -2.09 13.23
C ARG C 290 38.58 -3.15 13.97
N THR C 291 38.15 -4.39 13.84
CA THR C 291 38.83 -5.51 14.42
C THR C 291 39.83 -6.11 13.43
N TYR C 292 39.58 -5.87 12.15
CA TYR C 292 40.46 -6.32 11.09
C TYR C 292 41.34 -5.18 10.59
N LEU C 293 40.79 -3.97 10.61
CA LEU C 293 41.45 -2.82 10.03
C LEU C 293 41.35 -1.65 10.98
N PRO C 294 42.04 -1.75 12.12
CA PRO C 294 41.97 -0.70 13.15
C PRO C 294 42.52 0.64 12.64
N ASP C 295 43.31 0.58 11.57
CA ASP C 295 43.98 1.78 11.07
C ASP C 295 43.31 2.46 9.88
N PHE C 296 42.65 1.68 9.04
CA PHE C 296 42.05 2.23 7.81
C PHE C 296 41.37 3.58 8.05
N ARG C 297 41.72 4.58 7.24
CA ARG C 297 41.13 5.90 7.39
C ARG C 297 40.14 6.24 6.29
N PHE C 298 38.94 6.63 6.71
CA PHE C 298 37.91 7.06 5.77
C PHE C 298 38.16 8.49 5.31
N THR C 299 37.99 8.70 4.01
CA THR C 299 37.94 10.05 3.45
C THR C 299 36.96 10.91 4.26
N PRO C 300 37.43 12.06 4.77
CA PRO C 300 36.50 13.00 5.41
C PRO C 300 35.26 13.28 4.54
N PHE C 301 34.10 13.35 5.17
CA PHE C 301 32.85 13.55 4.47
C PHE C 301 32.85 14.81 3.61
N LYS C 302 33.26 15.92 4.18
CA LYS C 302 33.27 17.17 3.43
C LYS C 302 34.20 17.03 2.22
N GLN C 303 35.31 16.32 2.40
CA GLN C 303 36.25 16.14 1.31
C GLN C 303 35.64 15.33 0.17
N ALA C 304 35.08 14.16 0.49
CA ALA C 304 34.43 13.32 -0.52
C ALA C 304 33.27 14.04 -1.22
N VAL C 305 32.54 14.86 -0.48
CA VAL C 305 31.50 15.69 -1.07
C VAL C 305 32.08 16.66 -2.12
N LYS C 306 33.09 17.43 -1.72
CA LYS C 306 33.85 18.28 -2.65
C LYS C 306 34.18 17.51 -3.91
N GLU C 307 34.84 16.37 -3.73
CA GLU C 307 35.37 15.61 -4.84
C GLU C 307 34.27 15.17 -5.79
N THR C 308 33.23 14.56 -5.24
CA THR C 308 32.18 14.02 -6.07
C THR C 308 31.35 15.14 -6.74
N CYS C 309 31.17 16.27 -6.07
CA CYS C 309 30.57 17.47 -6.70
C CYS C 309 31.41 17.93 -7.91
N ALA C 310 32.72 18.04 -7.70
CA ALA C 310 33.65 18.41 -8.75
C ALA C 310 33.47 17.50 -9.96
N TRP C 311 33.49 16.19 -9.71
CA TRP C 311 33.36 15.23 -10.80
C TRP C 311 32.06 15.45 -11.58
N PHE C 312 30.96 15.64 -10.87
CA PHE C 312 29.66 15.77 -11.52
C PHE C 312 29.59 17.00 -12.44
N THR C 313 30.07 18.13 -11.94
CA THR C 313 30.03 19.37 -12.72
C THR C 313 30.99 19.29 -13.91
N ASP C 314 32.06 18.51 -13.75
CA ASP C 314 33.04 18.34 -14.84
C ASP C 314 32.61 17.33 -15.91
N ASN C 315 31.79 16.36 -15.51
CA ASN C 315 31.39 15.32 -16.44
C ASN C 315 29.88 15.32 -16.68
N TYR C 316 29.23 16.39 -16.24
CA TYR C 316 27.78 16.51 -16.27
C TYR C 316 27.10 15.83 -17.46
N GLU C 317 27.53 16.15 -18.68
CA GLU C 317 26.88 15.63 -19.88
C GLU C 317 26.91 14.12 -19.91
N GLN C 318 28.07 13.56 -19.61
CA GLN C 318 28.27 12.11 -19.65
C GLN C 318 27.51 11.40 -18.52
N ALA C 319 27.42 12.07 -17.37
CA ALA C 319 26.87 11.49 -16.14
C ALA C 319 25.53 10.79 -16.32
N ARG C 320 25.20 9.91 -15.38
CA ARG C 320 23.89 9.27 -15.36
C ARG C 320 22.90 10.33 -14.90
N LYS C 321 22.09 10.81 -15.85
CA LYS C 321 21.28 12.02 -15.72
C LYS C 321 22.09 13.23 -15.25
N PRO D 4 -24.58 -11.24 -14.50
CA PRO D 4 -24.16 -11.31 -13.08
C PRO D 4 -24.36 -12.69 -12.47
N GLN D 5 -23.35 -13.15 -11.74
CA GLN D 5 -23.33 -14.52 -11.24
C GLN D 5 -23.54 -15.46 -12.42
N GLY D 6 -22.47 -15.81 -13.13
CA GLY D 6 -21.09 -15.59 -12.70
C GLY D 6 -20.33 -16.91 -12.80
N SER D 7 -19.01 -16.86 -12.93
CA SER D 7 -18.23 -18.11 -12.89
C SER D 7 -16.85 -17.94 -12.27
N MET D 8 -16.18 -19.06 -12.06
CA MET D 8 -14.95 -19.05 -11.29
C MET D 8 -14.18 -20.33 -11.55
N ARG D 9 -13.01 -20.24 -12.16
CA ARG D 9 -12.18 -21.44 -12.39
C ARG D 9 -11.01 -21.51 -11.41
N ILE D 10 -11.06 -22.48 -10.51
CA ILE D 10 -10.11 -22.55 -9.41
C ILE D 10 -9.00 -23.59 -9.63
N LEU D 11 -7.77 -23.12 -9.79
CA LEU D 11 -6.64 -24.03 -9.92
C LEU D 11 -6.12 -24.42 -8.53
N VAL D 12 -6.17 -25.70 -8.21
CA VAL D 12 -5.64 -26.14 -6.93
C VAL D 12 -4.32 -26.88 -7.11
N THR D 13 -3.27 -26.17 -6.76
CA THR D 13 -1.91 -26.66 -6.77
C THR D 13 -1.70 -27.58 -5.58
N GLY D 14 -0.92 -28.65 -5.77
CA GLY D 14 -0.69 -29.62 -4.71
C GLY D 14 -1.97 -30.38 -4.38
N GLY D 15 -2.84 -30.50 -5.38
CA GLY D 15 -4.14 -31.13 -5.21
C GLY D 15 -4.08 -32.57 -4.71
N SER D 16 -2.96 -33.25 -4.96
CA SER D 16 -2.81 -34.67 -4.61
C SER D 16 -2.38 -34.97 -3.16
N GLY D 17 -2.07 -33.94 -2.38
CA GLY D 17 -1.57 -34.11 -1.02
C GLY D 17 -2.64 -34.21 0.06
N LEU D 18 -2.24 -34.03 1.31
CA LEU D 18 -3.16 -34.15 2.44
C LEU D 18 -4.31 -33.16 2.39
N VAL D 19 -3.94 -31.88 2.26
CA VAL D 19 -4.92 -30.80 2.20
C VAL D 19 -5.73 -30.84 0.90
N GLY D 20 -5.07 -31.18 -0.21
CA GLY D 20 -5.70 -31.21 -1.52
C GLY D 20 -6.79 -32.26 -1.66
N LYS D 21 -6.51 -33.47 -1.19
CA LYS D 21 -7.46 -34.57 -1.22
C LYS D 21 -8.67 -34.26 -0.36
N ALA D 22 -8.48 -33.51 0.72
CA ALA D 22 -9.58 -33.06 1.55
C ALA D 22 -10.48 -32.03 0.84
N ILE D 23 -9.85 -31.08 0.16
CA ILE D 23 -10.59 -30.10 -0.61
C ILE D 23 -11.30 -30.80 -1.76
N GLN D 24 -10.74 -31.87 -2.28
CA GLN D 24 -11.40 -32.55 -3.39
C GLN D 24 -12.81 -33.04 -3.02
N LYS D 25 -13.34 -32.59 -1.89
CA LYS D 25 -14.74 -32.85 -1.51
C LYS D 25 -15.36 -31.71 -0.67
N VAL D 26 -16.16 -30.83 -1.29
CA VAL D 26 -16.42 -30.76 -2.76
C VAL D 26 -17.16 -31.97 -3.40
N VAL D 27 -17.62 -32.89 -2.54
CA VAL D 27 -18.59 -33.95 -2.88
C VAL D 27 -18.76 -34.91 -1.69
N ALA D 28 -19.44 -34.48 -0.63
CA ALA D 28 -19.95 -33.11 -0.48
C ALA D 28 -20.89 -32.58 -1.59
N ASP D 29 -20.54 -31.44 -2.15
CA ASP D 29 -21.43 -30.57 -2.92
C ASP D 29 -21.03 -29.19 -2.45
N GLY D 30 -19.78 -29.07 -2.00
CA GLY D 30 -19.20 -27.76 -1.72
C GLY D 30 -19.42 -26.95 -2.97
N ALA D 31 -19.41 -27.66 -4.10
CA ALA D 31 -19.93 -27.21 -5.39
C ALA D 31 -20.56 -25.82 -5.39
N GLY D 32 -19.82 -24.86 -5.94
CA GLY D 32 -20.19 -23.45 -5.97
C GLY D 32 -21.55 -23.10 -5.43
N LEU D 33 -22.57 -23.26 -6.27
CA LEU D 33 -22.40 -23.61 -7.69
C LEU D 33 -23.75 -23.34 -8.35
N PRO D 34 -23.82 -23.44 -9.69
CA PRO D 34 -22.67 -23.72 -10.57
C PRO D 34 -21.78 -22.51 -10.81
N GLY D 35 -21.03 -22.58 -11.90
CA GLY D 35 -20.11 -21.53 -12.24
C GLY D 35 -18.70 -21.87 -11.81
N GLU D 36 -18.53 -22.78 -10.86
CA GLU D 36 -17.18 -23.04 -10.32
C GLU D 36 -16.19 -23.85 -11.14
N ASP D 37 -16.21 -25.17 -11.08
CA ASP D 37 -15.12 -25.91 -11.76
C ASP D 37 -13.80 -25.85 -11.01
N TRP D 38 -13.57 -26.87 -10.18
CA TRP D 38 -12.37 -26.98 -9.40
C TRP D 38 -11.39 -27.86 -10.14
N VAL D 39 -10.22 -27.30 -10.47
CA VAL D 39 -9.24 -28.05 -11.24
C VAL D 39 -8.06 -28.43 -10.36
N PHE D 40 -7.98 -29.70 -10.01
CA PHE D 40 -6.93 -30.16 -9.13
C PHE D 40 -5.76 -30.67 -9.92
N VAL D 41 -4.57 -30.32 -9.46
CA VAL D 41 -3.38 -30.52 -10.23
C VAL D 41 -2.26 -31.03 -9.32
N SER D 42 -1.43 -31.91 -9.88
CA SER D 42 -0.30 -32.47 -9.15
C SER D 42 0.97 -32.25 -9.90
N SER D 43 2.07 -32.83 -9.41
CA SER D 43 3.17 -33.06 -10.30
C SER D 43 4.04 -34.26 -9.99
N LYS D 44 4.16 -35.08 -11.03
CA LYS D 44 3.84 -34.57 -12.37
C LYS D 44 2.39 -34.55 -12.93
N ASP D 45 1.97 -33.32 -13.20
CA ASP D 45 1.31 -32.93 -14.43
C ASP D 45 1.64 -31.42 -14.65
N ALA D 46 2.60 -30.95 -13.85
CA ALA D 46 3.45 -29.80 -14.16
C ALA D 46 4.48 -29.61 -13.04
N ASP D 47 5.77 -29.75 -13.33
CA ASP D 47 6.79 -29.53 -12.31
C ASP D 47 6.83 -28.06 -11.94
N LEU D 48 6.29 -27.70 -10.78
CA LEU D 48 6.13 -26.30 -10.41
C LEU D 48 7.47 -25.58 -10.23
N THR D 49 8.53 -26.35 -10.06
CA THR D 49 9.89 -25.83 -9.95
C THR D 49 10.38 -25.27 -11.29
N ASP D 50 9.74 -25.71 -12.37
CA ASP D 50 10.12 -25.31 -13.71
C ASP D 50 9.21 -24.19 -14.21
N THR D 51 9.80 -23.02 -14.50
CA THR D 51 9.05 -21.87 -14.99
C THR D 51 8.23 -22.12 -16.25
N ALA D 52 8.84 -22.70 -17.28
CA ALA D 52 8.12 -22.94 -18.54
C ALA D 52 6.95 -23.89 -18.32
N GLN D 53 7.18 -24.93 -17.53
CA GLN D 53 6.14 -25.90 -17.22
C GLN D 53 4.97 -25.24 -16.45
N THR D 54 5.31 -24.38 -15.50
CA THR D 54 4.29 -23.72 -14.73
C THR D 54 3.48 -22.77 -15.61
N ARG D 55 4.19 -21.99 -16.41
CA ARG D 55 3.57 -21.06 -17.35
C ARG D 55 2.59 -21.81 -18.28
N ALA D 56 3.06 -22.87 -18.91
CA ALA D 56 2.21 -23.67 -19.80
C ALA D 56 0.98 -24.16 -19.10
N LEU D 57 1.15 -24.63 -17.86
CA LEU D 57 0.02 -25.08 -17.06
C LEU D 57 -1.01 -23.96 -16.89
N PHE D 58 -0.53 -22.76 -16.61
CA PHE D 58 -1.42 -21.62 -16.40
C PHE D 58 -2.02 -21.05 -17.69
N GLU D 59 -1.47 -21.41 -18.84
CA GLU D 59 -2.00 -20.97 -20.12
C GLU D 59 -3.05 -21.98 -20.57
N LYS D 60 -2.86 -23.24 -20.19
CA LYS D 60 -3.79 -24.32 -20.48
C LYS D 60 -5.09 -24.16 -19.66
N VAL D 61 -4.97 -24.27 -18.34
CA VAL D 61 -6.07 -23.86 -17.48
C VAL D 61 -5.92 -22.37 -17.32
N GLN D 62 -7.01 -21.61 -17.42
CA GLN D 62 -6.88 -20.16 -17.34
C GLN D 62 -7.61 -19.72 -16.09
N PRO D 63 -6.99 -19.95 -14.93
CA PRO D 63 -7.72 -19.78 -13.67
C PRO D 63 -7.95 -18.32 -13.36
N THR D 64 -9.08 -18.06 -12.71
CA THR D 64 -9.40 -16.77 -12.15
C THR D 64 -9.06 -16.79 -10.64
N HIS D 65 -9.05 -17.99 -10.07
CA HIS D 65 -8.65 -18.19 -8.67
C HIS D 65 -7.62 -19.31 -8.50
N VAL D 66 -6.70 -19.13 -7.55
CA VAL D 66 -5.69 -20.16 -7.25
C VAL D 66 -5.59 -20.53 -5.77
N ILE D 67 -5.57 -21.83 -5.49
CA ILE D 67 -5.26 -22.27 -4.15
C ILE D 67 -3.93 -22.97 -4.26
N HIS D 68 -2.92 -22.37 -3.66
CA HIS D 68 -1.55 -22.87 -3.81
C HIS D 68 -1.17 -23.66 -2.57
N LEU D 69 -1.13 -24.98 -2.71
CA LEU D 69 -0.77 -25.88 -1.62
C LEU D 69 0.60 -26.53 -1.84
N ALA D 70 1.02 -26.64 -3.10
CA ALA D 70 2.27 -27.31 -3.44
C ALA D 70 3.49 -26.74 -2.72
N ALA D 71 4.32 -27.65 -2.24
CA ALA D 71 5.56 -27.28 -1.56
C ALA D 71 6.49 -28.46 -1.60
N MET D 72 7.79 -28.19 -1.73
CA MET D 72 8.76 -29.25 -1.60
C MET D 72 9.01 -29.48 -0.12
N VAL D 73 8.57 -30.62 0.38
CA VAL D 73 8.66 -30.91 1.81
C VAL D 73 9.00 -32.40 2.03
N GLY D 74 9.03 -32.84 3.28
CA GLY D 74 9.33 -34.25 3.50
C GLY D 74 10.81 -34.56 3.27
N GLY D 75 11.35 -35.31 4.21
CA GLY D 75 12.77 -35.36 4.40
C GLY D 75 13.01 -34.14 5.25
N LEU D 76 12.03 -33.23 5.22
CA LEU D 76 12.12 -31.99 5.97
C LEU D 76 12.40 -32.26 7.46
N PHE D 77 11.82 -33.33 7.99
CA PHE D 77 12.05 -33.67 9.40
C PHE D 77 13.16 -34.71 9.64
N ARG D 78 13.76 -35.22 8.56
CA ARG D 78 14.85 -36.18 8.71
C ARG D 78 16.10 -35.55 9.32
N ASN D 79 17.02 -36.41 9.72
CA ASN D 79 18.21 -35.95 10.44
C ASN D 79 19.19 -35.11 9.60
N ILE D 80 19.47 -35.55 8.38
CA ILE D 80 20.35 -34.79 7.49
C ILE D 80 19.59 -33.68 6.73
N LYS D 81 20.13 -32.45 6.81
CA LYS D 81 19.48 -31.24 6.33
C LYS D 81 20.04 -30.70 5.02
N TYR D 82 19.14 -30.24 4.15
CA TYR D 82 19.50 -29.61 2.89
C TYR D 82 18.79 -28.26 2.77
N ASN D 83 19.21 -27.34 3.62
CA ASN D 83 18.64 -26.01 3.62
C ASN D 83 18.69 -25.25 2.30
N LEU D 84 19.72 -25.51 1.48
CA LEU D 84 19.87 -24.85 0.21
C LEU D 84 18.83 -25.39 -0.80
N ASP D 85 18.75 -26.71 -0.93
CA ASP D 85 17.69 -27.37 -1.67
C ASP D 85 16.29 -26.85 -1.28
N PHE D 86 15.95 -26.92 -0.01
CA PHE D 86 14.60 -26.56 0.42
C PHE D 86 14.34 -25.10 0.17
N TRP D 87 15.37 -24.26 0.26
CA TRP D 87 15.16 -22.85 0.00
C TRP D 87 14.89 -22.58 -1.50
N ARG D 88 15.75 -23.10 -2.37
CA ARG D 88 15.65 -22.80 -3.80
C ARG D 88 14.42 -23.43 -4.44
N LYS D 89 14.13 -24.67 -4.08
CA LYS D 89 13.02 -25.36 -4.72
C LYS D 89 11.70 -24.69 -4.37
N ASN D 90 11.55 -24.34 -3.09
CA ASN D 90 10.35 -23.69 -2.63
C ASN D 90 10.19 -22.27 -3.15
N VAL D 91 11.25 -21.48 -3.11
CA VAL D 91 11.23 -20.15 -3.71
C VAL D 91 10.97 -20.20 -5.23
N HIS D 92 11.47 -21.21 -5.94
CA HIS D 92 11.19 -21.28 -7.37
C HIS D 92 9.70 -21.53 -7.59
N MET D 93 9.18 -22.56 -6.94
CA MET D 93 7.77 -22.94 -7.06
C MET D 93 6.86 -21.75 -6.83
N ASN D 94 7.04 -21.11 -5.68
CA ASN D 94 6.21 -20.01 -5.24
C ASN D 94 6.26 -18.81 -6.18
N ASP D 95 7.44 -18.50 -6.69
CA ASP D 95 7.56 -17.41 -7.63
C ASP D 95 6.93 -17.79 -8.96
N ASN D 96 7.18 -19.03 -9.39
CA ASN D 96 6.52 -19.59 -10.56
C ASN D 96 4.99 -19.54 -10.47
N VAL D 97 4.45 -20.02 -9.36
CA VAL D 97 3.01 -20.12 -9.22
C VAL D 97 2.37 -18.74 -9.07
N LEU D 98 2.91 -17.93 -8.18
CA LEU D 98 2.36 -16.61 -7.93
C LEU D 98 2.46 -15.69 -9.16
N HIS D 99 3.61 -15.65 -9.81
CA HIS D 99 3.73 -14.75 -10.94
C HIS D 99 2.94 -15.26 -12.15
N SER D 100 2.88 -16.56 -12.33
CA SER D 100 2.07 -17.10 -13.42
C SER D 100 0.58 -16.76 -13.26
N ALA D 101 0.13 -16.69 -12.01
CA ALA D 101 -1.25 -16.32 -11.71
C ALA D 101 -1.47 -14.85 -11.98
N PHE D 102 -0.48 -14.05 -11.59
CA PHE D 102 -0.50 -12.65 -11.93
C PHE D 102 -0.58 -12.43 -13.43
N GLU D 103 0.14 -13.25 -14.20
CA GLU D 103 0.16 -13.03 -15.66
C GLU D 103 -1.17 -13.36 -16.36
N VAL D 104 -1.90 -14.37 -15.87
CA VAL D 104 -3.19 -14.73 -16.47
C VAL D 104 -4.36 -13.97 -15.87
N GLY D 105 -4.07 -12.93 -15.12
CA GLY D 105 -5.09 -12.06 -14.56
C GLY D 105 -5.92 -12.61 -13.42
N ALA D 106 -5.40 -13.64 -12.73
CA ALA D 106 -6.10 -14.21 -11.58
C ALA D 106 -6.32 -13.16 -10.49
N ARG D 107 -7.57 -13.00 -10.08
CA ARG D 107 -7.91 -12.01 -9.06
C ARG D 107 -7.50 -12.42 -7.64
N LYS D 108 -7.65 -13.69 -7.31
CA LYS D 108 -7.30 -14.16 -5.96
C LYS D 108 -6.33 -15.34 -5.95
N VAL D 109 -5.36 -15.28 -5.05
CA VAL D 109 -4.44 -16.39 -4.80
C VAL D 109 -4.31 -16.63 -3.30
N VAL D 110 -4.53 -17.86 -2.89
CA VAL D 110 -4.31 -18.25 -1.50
C VAL D 110 -3.25 -19.35 -1.35
N SER D 111 -2.12 -18.94 -0.79
CA SER D 111 -1.04 -19.85 -0.48
C SER D 111 -1.21 -20.34 0.95
N CYS D 112 -0.28 -21.18 1.41
CA CYS D 112 -0.50 -21.92 2.64
C CYS D 112 0.78 -21.93 3.46
N LEU D 113 0.78 -21.30 4.63
CA LEU D 113 1.96 -21.24 5.49
C LEU D 113 1.79 -22.17 6.70
N SER D 114 2.83 -22.30 7.51
CA SER D 114 2.74 -23.10 8.74
C SER D 114 3.21 -22.33 9.96
N THR D 115 2.78 -22.77 11.14
CA THR D 115 3.16 -22.05 12.36
C THR D 115 4.64 -22.24 12.63
N CYS D 116 5.22 -23.20 11.93
CA CYS D 116 6.56 -23.67 12.20
C CYS D 116 7.62 -22.70 11.64
N ILE D 117 7.20 -21.67 10.93
CA ILE D 117 8.13 -20.75 10.32
C ILE D 117 8.27 -19.49 11.13
N PHE D 118 7.46 -19.40 12.18
CA PHE D 118 7.45 -18.24 13.06
C PHE D 118 8.76 -18.12 13.85
N PRO D 119 9.04 -16.93 14.40
CA PRO D 119 10.27 -16.75 15.18
C PRO D 119 10.45 -17.85 16.24
N ASP D 120 11.65 -18.44 16.26
CA ASP D 120 12.00 -19.46 17.24
C ASP D 120 11.70 -18.98 18.67
N LYS D 121 12.06 -17.74 18.94
CA LYS D 121 11.82 -17.11 20.23
C LYS D 121 10.70 -16.09 20.16
N THR D 122 9.55 -16.46 20.68
CA THR D 122 8.38 -15.61 20.57
C THR D 122 7.49 -15.73 21.81
N THR D 123 6.69 -14.70 22.04
CA THR D 123 5.67 -14.75 23.09
C THR D 123 4.45 -15.50 22.55
N TYR D 124 3.59 -15.99 23.43
CA TYR D 124 2.42 -16.76 23.01
C TYR D 124 1.15 -16.16 23.58
N PRO D 125 0.03 -16.31 22.84
CA PRO D 125 0.00 -17.05 21.59
C PRO D 125 0.62 -16.26 20.44
N ILE D 126 0.98 -16.95 19.37
CA ILE D 126 1.38 -16.25 18.16
C ILE D 126 0.15 -15.78 17.39
N ASP D 127 0.28 -14.67 16.66
CA ASP D 127 -0.75 -14.30 15.70
C ASP D 127 -0.18 -13.95 14.32
N GLU D 128 -1.05 -13.44 13.44
CA GLU D 128 -0.69 -13.27 12.05
C GLU D 128 0.30 -12.13 11.81
N THR D 129 0.41 -11.21 12.77
CA THR D 129 1.32 -10.08 12.68
C THR D 129 2.76 -10.41 13.11
N MET D 130 3.06 -11.67 13.34
CA MET D 130 4.31 -11.99 14.01
C MET D 130 5.20 -12.85 13.17
N ILE D 131 4.85 -13.08 11.91
CA ILE D 131 5.61 -14.06 11.15
C ILE D 131 7.10 -13.67 10.95
N HIS D 132 7.39 -12.39 10.91
CA HIS D 132 8.72 -11.88 10.55
C HIS D 132 9.44 -11.25 11.74
N ASN D 133 8.91 -11.46 12.94
CA ASN D 133 9.44 -10.81 14.13
C ASN D 133 10.61 -11.56 14.78
N GLY D 134 11.58 -11.98 13.98
CA GLY D 134 12.70 -12.70 14.53
C GLY D 134 13.00 -13.94 13.71
N PRO D 135 14.25 -14.39 13.75
CA PRO D 135 14.58 -15.53 12.90
C PRO D 135 13.89 -16.81 13.36
N PRO D 136 13.59 -17.69 12.41
CA PRO D 136 12.97 -18.99 12.70
C PRO D 136 14.00 -19.95 13.25
N HIS D 137 13.52 -21.10 13.69
CA HIS D 137 14.43 -22.13 14.17
C HIS D 137 15.46 -22.41 13.10
N ASN D 138 16.69 -22.70 13.51
CA ASN D 138 17.79 -22.89 12.57
C ASN D 138 17.90 -24.25 11.90
N SER D 139 17.27 -25.27 12.47
CA SER D 139 17.28 -26.59 11.85
C SER D 139 16.96 -26.45 10.36
N ASN D 140 15.85 -25.79 10.06
CA ASN D 140 15.31 -25.76 8.72
C ASN D 140 15.05 -24.35 8.24
N PHE D 141 15.97 -23.45 8.57
CA PHE D 141 15.82 -22.06 8.19
C PHE D 141 15.50 -21.87 6.70
N GLY D 142 15.97 -22.78 5.85
CA GLY D 142 15.80 -22.63 4.42
C GLY D 142 14.34 -22.69 4.01
N TYR D 143 13.71 -23.80 4.35
CA TYR D 143 12.30 -23.98 4.11
C TYR D 143 11.50 -22.86 4.79
N SER D 144 11.83 -22.56 6.04
CA SER D 144 11.09 -21.56 6.77
C SER D 144 11.08 -20.21 6.07
N TYR D 145 12.27 -19.70 5.72
CA TYR D 145 12.39 -18.42 5.00
C TYR D 145 11.71 -18.41 3.62
N ALA D 146 11.69 -19.54 2.92
CA ALA D 146 11.03 -19.61 1.64
C ALA D 146 9.52 -19.43 1.82
N LYS D 147 8.97 -20.12 2.81
CA LYS D 147 7.58 -19.98 3.17
C LYS D 147 7.26 -18.55 3.59
N ARG D 148 8.10 -17.96 4.43
CA ARG D 148 7.90 -16.59 4.87
C ARG D 148 7.85 -15.59 3.71
N MET D 149 8.65 -15.84 2.68
CA MET D 149 8.69 -14.97 1.51
C MET D 149 7.40 -14.97 0.67
N ILE D 150 6.59 -16.01 0.77
CA ILE D 150 5.27 -15.98 0.18
C ILE D 150 4.52 -14.77 0.73
N ASP D 151 4.57 -14.59 2.04
CA ASP D 151 3.98 -13.41 2.64
C ASP D 151 4.53 -12.09 2.11
N VAL D 152 5.85 -12.03 1.92
CA VAL D 152 6.49 -10.83 1.35
C VAL D 152 6.05 -10.58 -0.10
N GLN D 153 5.98 -11.66 -0.86
CA GLN D 153 5.48 -11.65 -2.23
C GLN D 153 4.05 -11.11 -2.33
N ASN D 154 3.12 -11.76 -1.63
CA ASN D 154 1.74 -11.31 -1.51
C ASN D 154 1.65 -9.83 -1.31
N ARG D 155 2.32 -9.32 -0.29
CA ARG D 155 2.25 -7.90 0.08
C ARG D 155 2.82 -6.98 -0.99
N ALA D 156 3.86 -7.46 -1.70
CA ALA D 156 4.43 -6.77 -2.85
C ALA D 156 3.49 -6.71 -4.07
N TYR D 157 2.76 -7.79 -4.34
CA TYR D 157 1.75 -7.76 -5.41
C TYR D 157 0.66 -6.75 -5.11
N PHE D 158 0.23 -6.72 -3.85
CA PHE D 158 -0.80 -5.80 -3.41
C PHE D 158 -0.33 -4.35 -3.45
N GLN D 159 0.86 -4.08 -2.92
CA GLN D 159 1.40 -2.73 -2.93
C GLN D 159 1.52 -2.20 -4.36
N GLN D 160 1.88 -3.05 -5.29
CA GLN D 160 2.21 -2.57 -6.62
C GLN D 160 1.01 -2.59 -7.57
N TYR D 161 0.14 -3.59 -7.46
CA TYR D 161 -0.98 -3.74 -8.38
C TYR D 161 -2.35 -3.91 -7.72
N GLY D 162 -2.41 -3.88 -6.39
CA GLY D 162 -3.67 -4.03 -5.69
C GLY D 162 -4.23 -5.44 -5.73
N CYS D 163 -3.49 -6.36 -6.35
CA CYS D 163 -3.88 -7.78 -6.41
C CYS D 163 -4.18 -8.38 -5.03
N THR D 164 -4.93 -9.47 -5.01
CA THR D 164 -5.43 -10.03 -3.77
C THR D 164 -4.81 -11.42 -3.53
N PHE D 165 -3.53 -11.40 -3.14
CA PHE D 165 -2.82 -12.61 -2.82
C PHE D 165 -2.69 -12.71 -1.30
N THR D 166 -3.15 -13.82 -0.72
CA THR D 166 -2.99 -14.07 0.73
C THR D 166 -2.54 -15.46 1.03
N ALA D 167 -2.70 -15.82 2.29
CA ALA D 167 -2.31 -17.14 2.80
C ALA D 167 -3.18 -17.53 3.97
N VAL D 168 -3.32 -18.82 4.19
CA VAL D 168 -3.87 -19.30 5.45
C VAL D 168 -2.72 -19.92 6.22
N ILE D 169 -2.81 -19.88 7.54
CA ILE D 169 -1.79 -20.46 8.38
C ILE D 169 -2.46 -21.51 9.25
N PRO D 170 -2.56 -22.74 8.73
CA PRO D 170 -3.17 -23.81 9.52
C PRO D 170 -2.19 -24.29 10.58
N THR D 171 -2.69 -24.92 11.64
CA THR D 171 -1.83 -25.54 12.63
C THR D 171 -1.48 -26.96 12.15
N ASN D 172 -1.38 -27.93 13.04
CA ASN D 172 -0.97 -29.25 12.57
C ASN D 172 -2.12 -29.97 11.90
N VAL D 173 -2.00 -30.20 10.59
CA VAL D 173 -3.04 -30.89 9.85
C VAL D 173 -2.81 -32.39 9.91
N PHE D 174 -3.89 -33.15 10.06
CA PHE D 174 -3.86 -34.61 10.01
C PHE D 174 -5.11 -35.04 9.26
N GLY D 175 -5.15 -36.29 8.83
CA GLY D 175 -6.32 -36.77 8.11
C GLY D 175 -5.97 -37.84 7.10
N PRO D 176 -6.95 -38.27 6.32
CA PRO D 176 -6.69 -39.23 5.24
C PRO D 176 -5.69 -38.67 4.23
N HIS D 177 -4.88 -39.54 3.61
CA HIS D 177 -3.91 -39.12 2.61
C HIS D 177 -2.74 -38.31 3.19
N ASP D 178 -2.51 -38.46 4.49
CA ASP D 178 -1.38 -37.84 5.15
C ASP D 178 -0.13 -38.63 4.83
N ASN D 179 0.99 -38.18 5.37
CA ASN D 179 2.23 -38.90 5.24
C ASN D 179 2.47 -39.83 6.43
N PHE D 180 2.14 -41.10 6.30
CA PHE D 180 2.26 -42.03 7.41
C PHE D 180 3.63 -42.68 7.55
N ASN D 181 4.59 -42.23 6.75
CA ASN D 181 5.95 -42.72 6.88
C ASN D 181 6.48 -42.36 8.24
N ILE D 182 7.08 -43.33 8.91
CA ILE D 182 7.51 -43.16 10.29
C ILE D 182 8.77 -42.30 10.42
N GLU D 183 9.67 -42.37 9.43
CA GLU D 183 10.93 -41.62 9.49
C GLU D 183 10.84 -40.13 9.12
N ASP D 184 9.98 -39.80 8.14
CA ASP D 184 9.47 -38.44 8.03
C ASP D 184 8.77 -38.28 9.36
N GLY D 185 8.95 -37.15 10.03
CA GLY D 185 8.53 -37.08 11.43
C GLY D 185 7.14 -36.55 11.70
N HIS D 186 6.19 -36.81 10.80
CA HIS D 186 4.84 -36.32 11.01
C HIS D 186 4.16 -37.05 12.16
N VAL D 187 3.93 -36.34 13.26
CA VAL D 187 3.69 -36.97 14.57
C VAL D 187 2.39 -37.78 14.73
N LEU D 188 1.26 -37.25 14.28
CA LEU D 188 0.01 -37.98 14.44
C LEU D 188 -0.13 -39.20 13.48
N PRO D 189 0.09 -39.00 12.17
CA PRO D 189 0.07 -40.12 11.22
C PRO D 189 1.10 -41.20 11.56
N GLY D 190 2.24 -40.79 12.14
CA GLY D 190 3.24 -41.74 12.56
C GLY D 190 2.72 -42.64 13.67
N LEU D 191 2.05 -42.03 14.64
CA LEU D 191 1.43 -42.77 15.73
C LEU D 191 0.50 -43.85 15.20
N ILE D 192 -0.26 -43.49 14.18
CA ILE D 192 -1.25 -44.42 13.65
C ILE D 192 -0.55 -45.60 12.96
N HIS D 193 0.58 -45.31 12.33
CA HIS D 193 1.35 -46.35 11.66
C HIS D 193 1.93 -47.29 12.73
N LYS D 194 2.59 -46.70 13.74
CA LYS D 194 3.19 -47.47 14.83
C LYS D 194 2.18 -48.45 15.45
N VAL D 195 1.03 -47.92 15.87
CA VAL D 195 -0.01 -48.71 16.50
C VAL D 195 -0.50 -49.83 15.58
N HIS D 196 -0.70 -49.50 14.31
CA HIS D 196 -1.09 -50.50 13.34
C HIS D 196 -0.10 -51.68 13.33
N LEU D 197 1.19 -51.36 13.43
CA LEU D 197 2.24 -52.38 13.48
C LEU D 197 2.24 -53.11 14.83
N ALA D 198 2.22 -52.36 15.91
CA ALA D 198 2.15 -52.93 17.26
C ALA D 198 1.05 -53.98 17.40
N LYS D 199 -0.14 -53.70 16.90
CA LYS D 199 -1.22 -54.68 16.92
C LYS D 199 -0.81 -55.95 16.17
N SER D 200 -0.40 -55.78 14.92
CA SER D 200 -0.02 -56.91 14.09
C SER D 200 1.41 -57.39 14.37
N SER D 201 1.94 -57.08 15.54
CA SER D 201 3.31 -57.42 15.89
C SER D 201 3.48 -57.92 17.34
N GLY D 202 2.81 -57.26 18.28
CA GLY D 202 3.01 -57.50 19.70
C GLY D 202 3.68 -56.31 20.35
N SER D 203 2.92 -55.25 20.59
CA SER D 203 3.44 -53.99 21.11
C SER D 203 4.49 -53.35 20.22
N ALA D 204 4.44 -52.03 20.17
CA ALA D 204 5.50 -51.24 19.60
C ALA D 204 5.67 -50.08 20.56
N LEU D 205 6.10 -48.93 20.04
CA LEU D 205 6.26 -47.72 20.83
C LEU D 205 7.67 -47.69 21.49
N THR D 206 8.37 -46.54 21.47
CA THR D 206 7.82 -45.21 21.14
C THR D 206 6.70 -44.93 22.13
N VAL D 207 6.05 -43.78 22.08
CA VAL D 207 6.30 -42.74 21.11
C VAL D 207 7.60 -42.03 21.44
N TRP D 208 8.12 -41.29 20.47
CA TRP D 208 9.30 -40.51 20.70
C TRP D 208 8.96 -39.32 21.58
N GLY D 209 9.87 -38.97 22.47
CA GLY D 209 9.71 -37.80 23.31
C GLY D 209 9.11 -38.10 24.67
N THR D 210 8.95 -37.05 25.45
CA THR D 210 8.36 -37.12 26.77
C THR D 210 6.85 -37.32 26.68
N GLY D 211 6.25 -36.87 25.58
CA GLY D 211 4.79 -36.92 25.43
C GLY D 211 4.17 -35.62 25.92
N ASN D 212 5.02 -34.70 26.39
CA ASN D 212 4.58 -33.42 26.93
C ASN D 212 4.24 -32.31 25.93
N PRO D 213 4.96 -32.23 24.79
CA PRO D 213 4.71 -31.15 23.83
C PRO D 213 3.23 -30.99 23.47
N ARG D 214 2.76 -29.75 23.46
CA ARG D 214 1.37 -29.44 23.14
C ARG D 214 1.21 -28.91 21.72
N ARG D 215 0.28 -29.49 20.99
CA ARG D 215 0.00 -29.05 19.61
C ARG D 215 -1.50 -28.82 19.38
N GLN D 216 -1.82 -27.87 18.51
CA GLN D 216 -3.19 -27.71 18.02
C GLN D 216 -3.35 -28.46 16.71
N PHE D 217 -4.25 -29.44 16.69
CA PHE D 217 -4.50 -30.24 15.53
C PHE D 217 -5.75 -29.80 14.78
N ILE D 218 -5.67 -29.81 13.46
CA ILE D 218 -6.80 -29.45 12.64
C ILE D 218 -7.05 -30.50 11.57
N TYR D 219 -8.22 -31.12 11.65
CA TYR D 219 -8.67 -32.15 10.72
C TYR D 219 -8.72 -31.61 9.29
N SER D 220 -8.09 -32.33 8.37
CA SER D 220 -7.97 -31.85 7.01
C SER D 220 -9.35 -31.56 6.39
N LEU D 221 -10.38 -32.28 6.82
CA LEU D 221 -11.74 -32.00 6.35
C LEU D 221 -12.29 -30.68 6.88
N ASP D 222 -12.00 -30.35 8.14
CA ASP D 222 -12.36 -29.03 8.64
C ASP D 222 -11.62 -27.96 7.85
N LEU D 223 -10.32 -28.18 7.65
CA LEU D 223 -9.48 -27.20 6.97
C LEU D 223 -9.99 -26.97 5.54
N ALA D 224 -10.52 -28.03 4.93
CA ALA D 224 -11.12 -27.91 3.59
C ALA D 224 -12.23 -26.86 3.54
N GLN D 225 -13.25 -27.02 4.40
CA GLN D 225 -14.38 -26.08 4.43
C GLN D 225 -13.90 -24.65 4.64
N LEU D 226 -12.97 -24.46 5.58
CA LEU D 226 -12.39 -23.15 5.82
C LEU D 226 -11.64 -22.64 4.59
N PHE D 227 -10.91 -23.54 3.94
CA PHE D 227 -10.13 -23.16 2.77
C PHE D 227 -11.04 -22.67 1.64
N ILE D 228 -12.10 -23.41 1.39
CA ILE D 228 -13.09 -23.02 0.40
C ILE D 228 -13.73 -21.68 0.79
N TRP D 229 -14.05 -21.52 2.06
CA TRP D 229 -14.57 -20.24 2.52
C TRP D 229 -13.59 -19.06 2.28
N VAL D 230 -12.33 -19.22 2.71
CA VAL D 230 -11.31 -18.20 2.48
C VAL D 230 -11.26 -17.86 1.00
N LEU D 231 -11.28 -18.88 0.15
CA LEU D 231 -11.23 -18.63 -1.27
C LEU D 231 -12.38 -17.74 -1.75
N ARG D 232 -13.59 -18.04 -1.29
CA ARG D 232 -14.78 -17.28 -1.69
C ARG D 232 -14.91 -15.90 -0.99
N GLU D 233 -14.88 -15.88 0.34
CA GLU D 233 -14.85 -14.62 1.10
C GLU D 233 -13.43 -14.30 1.45
N TYR D 234 -13.24 -13.40 2.40
CA TYR D 234 -11.89 -13.09 2.89
C TYR D 234 -11.03 -12.41 1.85
N ASN D 235 -10.85 -11.11 2.04
CA ASN D 235 -10.12 -10.31 1.07
C ASN D 235 -9.05 -9.45 1.71
N GLU D 236 -8.68 -9.81 2.93
CA GLU D 236 -7.50 -9.22 3.57
C GLU D 236 -6.26 -9.68 2.80
N VAL D 237 -5.19 -8.90 2.88
CA VAL D 237 -3.90 -9.32 2.36
C VAL D 237 -3.12 -9.98 3.49
N GLU D 238 -3.40 -9.56 4.71
CA GLU D 238 -2.83 -10.20 5.87
C GLU D 238 -3.38 -11.64 5.96
N PRO D 239 -2.51 -12.62 6.26
CA PRO D 239 -2.97 -14.02 6.36
C PRO D 239 -3.93 -14.24 7.51
N ILE D 240 -4.52 -15.43 7.56
CA ILE D 240 -5.42 -15.79 8.63
C ILE D 240 -5.04 -17.15 9.18
N ILE D 241 -4.91 -17.24 10.50
CA ILE D 241 -4.67 -18.51 11.14
C ILE D 241 -5.95 -19.36 11.14
N LEU D 242 -5.84 -20.57 10.59
CA LEU D 242 -6.94 -21.52 10.56
C LEU D 242 -6.61 -22.60 11.57
N SER D 243 -7.36 -22.61 12.67
CA SER D 243 -7.02 -23.43 13.81
C SER D 243 -8.12 -23.47 14.85
N VAL D 244 -8.12 -24.56 15.62
CA VAL D 244 -8.89 -24.64 16.84
C VAL D 244 -8.29 -23.65 17.86
N GLY D 245 -9.05 -23.31 18.90
CA GLY D 245 -8.63 -22.29 19.85
C GLY D 245 -7.42 -22.64 20.74
N GLU D 246 -6.85 -21.60 21.35
CA GLU D 246 -5.72 -21.74 22.26
C GLU D 246 -5.97 -22.76 23.36
N GLU D 247 -7.22 -22.88 23.79
CA GLU D 247 -7.60 -23.72 24.94
C GLU D 247 -7.69 -25.19 24.56
N ASP D 248 -8.29 -25.48 23.41
CA ASP D 248 -8.15 -26.79 22.83
C ASP D 248 -6.67 -26.81 22.51
N GLU D 249 -6.14 -27.97 22.15
CA GLU D 249 -4.69 -28.17 22.21
C GLU D 249 -4.48 -29.43 23.00
N VAL D 250 -3.79 -30.39 22.41
CA VAL D 250 -3.59 -31.66 23.05
C VAL D 250 -2.10 -31.98 23.13
N SER D 251 -1.67 -32.62 24.22
CA SER D 251 -0.28 -33.04 24.34
C SER D 251 -0.06 -34.22 23.41
N ILE D 252 1.20 -34.59 23.18
CA ILE D 252 1.52 -35.80 22.42
C ILE D 252 1.03 -37.06 23.15
N LYS D 253 1.15 -37.05 24.47
CA LYS D 253 0.56 -38.11 25.27
C LYS D 253 -0.91 -38.30 24.89
N GLU D 254 -1.69 -37.21 24.97
CA GLU D 254 -3.13 -37.28 24.68
C GLU D 254 -3.39 -37.74 23.25
N ALA D 255 -2.53 -37.32 22.31
CA ALA D 255 -2.76 -37.71 20.92
C ALA D 255 -2.59 -39.21 20.71
N ALA D 256 -1.57 -39.78 21.34
CA ALA D 256 -1.38 -41.23 21.35
C ALA D 256 -2.56 -41.97 21.99
N GLU D 257 -2.96 -41.53 23.17
CA GLU D 257 -4.10 -42.14 23.83
C GLU D 257 -5.33 -42.22 22.94
N ALA D 258 -5.56 -41.18 22.15
CA ALA D 258 -6.72 -41.17 21.26
C ALA D 258 -6.57 -42.17 20.11
N VAL D 259 -5.32 -42.36 19.66
CA VAL D 259 -5.05 -43.31 18.59
C VAL D 259 -5.18 -44.73 19.14
N VAL D 260 -4.69 -44.95 20.34
CA VAL D 260 -4.78 -46.27 20.97
C VAL D 260 -6.23 -46.74 21.12
N GLU D 261 -7.11 -45.84 21.57
CA GLU D 261 -8.54 -46.14 21.68
C GLU D 261 -9.18 -46.35 20.31
N ALA D 262 -8.89 -45.45 19.37
CA ALA D 262 -9.42 -45.59 18.01
C ALA D 262 -9.14 -46.96 17.42
N MET D 263 -7.93 -47.47 17.64
CA MET D 263 -7.43 -48.69 17.00
C MET D 263 -7.54 -49.98 17.84
N ASP D 264 -8.11 -49.88 19.04
CA ASP D 264 -8.24 -51.04 19.94
C ASP D 264 -6.90 -51.69 20.18
N PHE D 265 -5.92 -50.90 20.58
CA PHE D 265 -4.60 -51.43 20.91
C PHE D 265 -4.51 -51.61 22.42
N HIS D 266 -4.28 -52.84 22.86
CA HIS D 266 -4.32 -53.13 24.29
C HIS D 266 -2.95 -53.39 24.90
N GLY D 267 -1.93 -53.47 24.03
CA GLY D 267 -0.56 -53.65 24.47
C GLY D 267 -0.08 -52.47 25.29
N GLU D 268 1.23 -52.47 25.60
CA GLU D 268 1.82 -51.43 26.43
C GLU D 268 2.23 -50.21 25.62
N VAL D 269 2.57 -49.12 26.32
CA VAL D 269 2.80 -47.83 25.68
C VAL D 269 4.28 -47.36 25.63
N THR D 270 4.80 -46.85 26.74
CA THR D 270 6.17 -46.31 26.85
C THR D 270 6.49 -45.05 26.02
N PHE D 271 7.33 -44.20 26.60
CA PHE D 271 7.71 -42.93 26.02
C PHE D 271 9.23 -42.78 25.98
N ASP D 272 9.82 -43.06 24.82
CA ASP D 272 11.25 -43.00 24.66
C ASP D 272 11.77 -41.57 24.83
N THR D 273 12.35 -41.34 25.99
CA THR D 273 12.82 -40.01 26.35
C THR D 273 14.12 -39.61 25.65
N THR D 274 14.67 -40.55 24.90
CA THR D 274 15.80 -40.28 24.00
C THR D 274 15.48 -39.17 23.00
N LYS D 275 16.22 -38.06 23.16
CA LYS D 275 15.92 -36.74 22.59
C LYS D 275 14.58 -36.50 21.85
N SER D 276 14.62 -35.55 20.94
CA SER D 276 13.45 -35.13 20.18
C SER D 276 12.62 -34.10 20.95
N ASP D 277 11.34 -34.40 21.14
CA ASP D 277 10.36 -33.41 21.62
C ASP D 277 10.25 -32.27 20.60
N GLY D 278 10.24 -31.03 21.07
CA GLY D 278 10.14 -29.92 20.15
C GLY D 278 10.20 -28.52 20.72
N GLN D 279 9.07 -27.81 20.63
CA GLN D 279 9.10 -26.35 20.74
C GLN D 279 9.02 -25.65 22.12
N PHE D 280 8.31 -26.18 23.11
CA PHE D 280 7.53 -27.40 23.06
C PHE D 280 6.05 -27.04 22.86
N LYS D 281 5.80 -25.81 22.43
CA LYS D 281 4.47 -25.42 21.96
C LYS D 281 4.57 -24.35 20.87
N LYS D 282 3.54 -24.27 20.05
CA LYS D 282 3.44 -23.29 19.00
C LYS D 282 2.06 -22.66 19.03
N THR D 283 1.63 -22.27 20.23
CA THR D 283 0.25 -21.83 20.43
C THR D 283 -0.18 -20.64 19.57
N ALA D 284 -1.09 -20.91 18.62
CA ALA D 284 -1.60 -19.89 17.73
C ALA D 284 -3.02 -19.41 18.12
N SER D 285 -3.23 -18.10 18.06
CA SER D 285 -4.55 -17.56 18.37
C SER D 285 -5.44 -17.57 17.13
N ASN D 286 -6.69 -18.00 17.32
CA ASN D 286 -7.68 -18.00 16.24
C ASN D 286 -8.71 -16.87 16.34
N SER D 287 -8.34 -15.80 17.04
CA SER D 287 -9.22 -14.65 17.24
C SER D 287 -9.80 -14.08 15.95
N LYS D 288 -8.96 -13.99 14.92
CA LYS D 288 -9.38 -13.48 13.64
C LYS D 288 -10.44 -14.40 13.05
N LEU D 289 -10.13 -15.68 12.95
CA LEU D 289 -11.08 -16.65 12.44
C LEU D 289 -12.44 -16.61 13.18
N ARG D 290 -12.40 -16.47 14.50
CA ARG D 290 -13.64 -16.47 15.29
C ARG D 290 -14.40 -15.13 15.20
N THR D 291 -13.75 -14.09 14.70
CA THR D 291 -14.44 -12.84 14.41
C THR D 291 -15.26 -12.97 13.12
N TYR D 292 -14.79 -13.77 12.17
CA TYR D 292 -15.51 -14.04 10.93
C TYR D 292 -16.56 -15.16 11.04
N LEU D 293 -16.18 -16.22 11.76
CA LEU D 293 -16.98 -17.43 11.82
C LEU D 293 -17.17 -17.91 13.26
N PRO D 294 -17.93 -17.15 14.05
CA PRO D 294 -18.11 -17.49 15.46
C PRO D 294 -18.88 -18.79 15.69
N ASP D 295 -19.58 -19.27 14.67
CA ASP D 295 -20.42 -20.45 14.80
C ASP D 295 -19.88 -21.67 14.05
N PHE D 296 -18.74 -21.52 13.39
CA PHE D 296 -18.14 -22.68 12.74
C PHE D 296 -17.71 -23.67 13.82
N ARG D 297 -18.01 -24.95 13.60
CA ARG D 297 -17.64 -25.98 14.56
C ARG D 297 -16.70 -27.05 13.98
N PHE D 298 -15.53 -27.20 14.59
CA PHE D 298 -14.58 -28.24 14.20
C PHE D 298 -15.08 -29.62 14.63
N THR D 299 -14.72 -30.63 13.85
CA THR D 299 -14.93 -32.01 14.21
C THR D 299 -14.18 -32.28 15.52
N PRO D 300 -14.83 -33.00 16.47
CA PRO D 300 -14.07 -33.31 17.68
C PRO D 300 -12.83 -34.11 17.35
N PHE D 301 -11.75 -33.83 18.06
CA PHE D 301 -10.47 -34.48 17.86
C PHE D 301 -10.55 -36.01 17.87
N LYS D 302 -11.19 -36.57 18.88
CA LYS D 302 -11.36 -38.02 18.98
C LYS D 302 -12.15 -38.63 17.81
N GLN D 303 -13.08 -37.88 17.25
CA GLN D 303 -13.83 -38.39 16.12
C GLN D 303 -12.99 -38.28 14.84
N ALA D 304 -12.26 -37.19 14.73
CA ALA D 304 -11.41 -37.00 13.57
C ALA D 304 -10.36 -38.12 13.53
N VAL D 305 -9.70 -38.35 14.65
CA VAL D 305 -8.70 -39.41 14.73
C VAL D 305 -9.29 -40.78 14.39
N LYS D 306 -10.49 -41.04 14.88
CA LYS D 306 -11.14 -42.33 14.66
C LYS D 306 -11.30 -42.55 13.15
N GLU D 307 -11.86 -41.54 12.49
CA GLU D 307 -12.12 -41.63 11.06
C GLU D 307 -10.85 -41.77 10.23
N THR D 308 -9.75 -41.18 10.69
CA THR D 308 -8.51 -41.27 9.90
C THR D 308 -7.70 -42.55 10.16
N CYS D 309 -7.76 -43.05 11.40
CA CYS D 309 -7.32 -44.42 11.70
C CYS D 309 -8.10 -45.42 10.86
N ALA D 310 -9.42 -45.30 10.90
CA ALA D 310 -10.28 -46.10 10.04
C ALA D 310 -9.82 -46.02 8.59
N TRP D 311 -9.50 -44.82 8.12
CA TRP D 311 -9.09 -44.67 6.74
C TRP D 311 -7.78 -45.40 6.51
N PHE D 312 -6.88 -45.33 7.48
CA PHE D 312 -5.55 -45.90 7.29
C PHE D 312 -5.59 -47.42 7.22
N THR D 313 -6.30 -48.05 8.15
CA THR D 313 -6.44 -49.51 8.09
C THR D 313 -7.15 -49.90 6.79
N ASP D 314 -8.22 -49.21 6.44
CA ASP D 314 -8.97 -49.52 5.22
C ASP D 314 -8.19 -49.24 3.92
N ASN D 315 -7.07 -48.52 4.01
CA ASN D 315 -6.28 -48.19 2.82
C ASN D 315 -4.78 -48.35 3.03
N TYR D 316 -4.41 -49.29 3.90
CA TYR D 316 -3.01 -49.50 4.25
C TYR D 316 -2.07 -49.61 3.04
N GLU D 317 -2.55 -50.14 1.93
CA GLU D 317 -1.67 -50.40 0.78
C GLU D 317 -1.29 -49.15 -0.01
N GLN D 318 -2.27 -48.29 -0.27
CA GLN D 318 -2.02 -47.09 -1.06
C GLN D 318 -1.58 -45.90 -0.22
N ALA D 319 -1.67 -46.03 1.10
CA ALA D 319 -1.27 -44.93 1.97
C ALA D 319 0.23 -44.70 1.88
N ARG D 320 0.67 -43.43 1.94
CA ARG D 320 2.10 -43.13 2.01
C ARG D 320 2.66 -43.57 3.36
N LYS D 321 3.64 -44.45 3.33
CA LYS D 321 4.23 -45.03 4.54
C LYS D 321 5.73 -44.80 4.64
PA NDP E . -12.39 25.28 -21.84
O1A NDP E . -11.43 25.91 -21.00
O2A NDP E . -12.28 25.40 -23.25
O5B NDP E . -13.74 25.88 -21.39
C5B NDP E . -13.90 26.33 -20.08
C4B NDP E . -15.31 26.69 -19.75
O4B NDP E . -15.44 26.83 -18.35
C3B NDP E . -15.64 28.00 -20.37
O3B NDP E . -16.92 27.97 -20.95
C2B NDP E . -15.57 28.91 -19.18
O2B NDP E . -16.36 30.04 -19.36
C1B NDP E . -16.06 28.04 -18.06
N9A NDP E . -15.69 28.60 -16.75
C8A NDP E . -14.50 28.69 -16.21
N7A NDP E . -14.53 29.27 -15.01
C5A NDP E . -15.78 29.58 -14.77
C6A NDP E . -16.54 30.22 -13.70
N6A NDP E . -15.99 30.68 -12.60
N1A NDP E . -17.84 30.35 -13.89
C2A NDP E . -18.43 29.91 -14.99
N3A NDP E . -17.81 29.34 -15.98
C4A NDP E . -16.52 29.14 -15.94
O3 NDP E . -12.51 23.80 -21.38
PN NDP E . -12.95 22.53 -22.14
O1N NDP E . -14.09 22.70 -22.98
O2N NDP E . -11.81 21.94 -22.72
O5D NDP E . -13.26 21.61 -20.97
C5D NDP E . -14.58 21.17 -20.75
C4D NDP E . -14.69 20.21 -19.62
O4D NDP E . -14.15 19.00 -20.03
C3D NDP E . -13.89 20.68 -18.44
O3D NDP E . -14.69 20.65 -17.29
C2D NDP E . -12.67 19.77 -18.46
O2D NDP E . -12.13 19.53 -17.20
C1D NDP E . -13.16 18.52 -19.16
N1N NDP E . -12.15 17.81 -19.94
C2N NDP E . -11.39 18.42 -20.83
C3N NDP E . -10.45 17.78 -21.59
C7N NDP E . -9.64 18.52 -22.61
O7N NDP E . -8.63 18.08 -23.05
N7N NDP E . -10.04 19.67 -23.08
C4N NDP E . -10.24 16.30 -21.41
C5N NDP E . -11.15 15.76 -20.43
C6N NDP E . -12.05 16.53 -19.74
P2B NDP E . -15.78 31.43 -19.71
O1X NDP E . -15.42 31.42 -21.10
O2X NDP E . -16.95 32.20 -19.39
O3X NDP E . -14.61 31.67 -18.92
PA NDP F . -17.45 15.60 19.46
O1A NDP F . -18.66 15.14 18.82
O2A NDP F . -17.38 15.52 20.90
O5B NDP F . -17.14 17.07 19.08
C5B NDP F . -17.91 17.81 18.19
C4B NDP F . -17.54 19.27 18.29
O4B NDP F . -17.76 19.84 17.02
C3B NDP F . -18.45 19.98 19.24
O3B NDP F . -17.80 21.05 19.87
C2B NDP F . -19.45 20.61 18.34
O2B NDP F . -19.99 21.75 18.94
C1B NDP F . -18.60 20.95 17.16
N9A NDP F . -19.42 21.15 15.99
C8A NDP F . -20.18 20.26 15.37
N7A NDP F . -20.82 20.82 14.34
C5A NDP F . -20.46 22.09 14.32
C6A NDP F . -20.74 23.27 13.52
N6A NDP F . -21.55 23.22 12.48
N1A NDP F . -20.15 24.40 13.85
C2A NDP F . -19.33 24.52 14.87
N3A NDP F . -19.03 23.50 15.64
C4A NDP F . -19.53 22.30 15.41
O3 NDP F . -16.25 14.88 18.82
PN NDP F . -14.80 14.76 19.31
O1N NDP F . -14.41 15.95 20.03
O2N NDP F . -14.57 13.43 19.83
O5D NDP F . -14.05 14.84 17.96
C5D NDP F . -12.74 15.33 17.89
C4D NDP F . -12.27 15.38 16.46
O4D NDP F . -11.30 14.39 16.24
C3D NDP F . -13.36 15.08 15.49
O3D NDP F . -13.16 15.97 14.43
C2D NDP F . -13.10 13.69 14.99
O2D NDP F . -13.32 13.65 13.61
C1D NDP F . -11.64 13.50 15.20
N1N NDP F . -11.34 12.18 15.68
C2N NDP F . -12.02 11.67 16.69
C3N NDP F . -11.73 10.42 17.19
C7N NDP F . -12.49 9.85 18.33
O7N NDP F . -13.38 10.43 18.88
N7N NDP F . -12.14 8.67 18.76
C4N NDP F . -10.61 9.64 16.59
C5N NDP F . -9.95 10.33 15.52
C6N NDP F . -10.33 11.57 15.12
P2B NDP F . -21.47 21.77 19.49
O1X NDP F . -21.42 21.17 20.81
O2X NDP F . -21.80 23.18 19.47
O3X NDP F . -22.18 21.04 18.47
PA NDP G . 24.16 1.06 -9.75
O1A NDP G . 22.79 1.22 -10.09
O2A NDP G . 24.98 2.21 -10.02
O5B NDP G . 24.69 -0.16 -10.59
C5B NDP G . 23.98 -1.35 -10.63
C4B NDP G . 24.63 -2.32 -11.57
O4B NDP G . 23.77 -3.41 -11.70
C3B NDP G . 24.84 -1.73 -12.95
O3B NDP G . 26.13 -2.05 -13.43
C2B NDP G . 23.83 -2.47 -13.78
O2B NDP G . 24.27 -2.56 -15.11
C1B NDP G . 23.77 -3.77 -13.04
N9A NDP G . 22.55 -4.46 -13.39
C8A NDP G . 21.36 -4.05 -13.10
N7A NDP G . 20.49 -4.90 -13.56
C5A NDP G . 21.13 -5.84 -14.16
C6A NDP G . 20.77 -7.05 -14.87
N6A NDP G . 19.49 -7.38 -15.00
N1A NDP G . 21.73 -7.79 -15.34
C2A NDP G . 22.99 -7.46 -15.20
N3A NDP G . 23.39 -6.38 -14.58
C4A NDP G . 22.50 -5.55 -14.05
O3 NDP G . 24.17 0.70 -8.24
PN NDP G . 25.30 0.71 -7.15
O1N NDP G . 26.63 0.49 -7.65
O2N NDP G . 25.00 1.75 -6.20
O5D NDP G . 24.93 -0.59 -6.41
C5D NDP G . 25.70 -1.77 -6.51
C4D NDP G . 25.39 -2.65 -5.33
O4D NDP G . 25.66 -1.95 -4.16
C3D NDP G . 23.92 -2.96 -5.32
O3D NDP G . 23.71 -4.28 -4.97
C2D NDP G . 23.39 -2.17 -4.19
O2D NDP G . 22.42 -2.96 -3.59
C1D NDP G . 24.58 -2.03 -3.28
N1N NDP G . 24.45 -0.90 -2.38
C2N NDP G . 24.36 0.35 -2.79
C3N NDP G . 24.23 1.40 -1.92
C7N NDP G . 24.11 2.83 -2.35
O7N NDP G . 23.85 3.64 -1.54
N7N NDP G . 24.31 3.23 -3.57
C4N NDP G . 24.16 1.15 -0.46
C5N NDP G . 24.27 -0.26 -0.14
C6N NDP G . 24.40 -1.20 -1.11
P2B NDP G . 23.69 -1.73 -16.28
O1X NDP G . 24.56 -0.60 -16.42
O2X NDP G . 23.71 -2.64 -17.39
O3X NDP G . 22.40 -1.19 -15.99
PA NDP H . 1.56 -33.04 0.95
O1A NDP H . 2.83 -33.58 1.34
O2A NDP H . 0.41 -33.83 1.27
O5B NDP H . 1.46 -32.76 -0.57
C5B NDP H . 2.26 -31.83 -1.26
C4B NDP H . 1.71 -31.57 -2.64
O4B NDP H . 2.66 -30.75 -3.31
C3B NDP H . 1.60 -32.85 -3.42
O3B NDP H . 0.44 -32.94 -4.19
C2B NDP H . 2.72 -32.78 -4.38
O2B NDP H . 2.40 -33.49 -5.52
C1B NDP H . 2.85 -31.31 -4.59
N9A NDP H . 4.19 -31.02 -5.08
C8A NDP H . 5.30 -31.21 -4.41
N7A NDP H . 6.33 -30.85 -5.14
C5A NDP H . 5.89 -30.45 -6.31
C6A NDP H . 6.45 -29.94 -7.55
N6A NDP H . 7.76 -29.77 -7.74
N1A NDP H . 5.61 -29.64 -8.52
C2A NDP H . 4.32 -29.77 -8.38
N3A NDP H . 3.77 -30.22 -7.30
C4A NDP H . 4.47 -30.58 -6.26
O3 NDP H . 1.44 -31.63 1.64
PN NDP H . 0.27 -31.11 2.57
O1N NDP H . -0.99 -31.23 1.88
O2N NDP H . 0.40 -31.68 3.88
O5D NDP H . 0.62 -29.61 2.70
C5D NDP H . -0.05 -28.67 1.88
C4D NDP H . 0.40 -27.25 2.14
O4D NDP H . 0.03 -26.81 3.41
C3D NDP H . 1.89 -27.15 2.12
O3D NDP H . 2.20 -25.90 1.57
C2D NDP H . 2.26 -27.21 3.55
O2D NDP H . 3.49 -26.57 3.72
C1D NDP H . 1.13 -26.48 4.21
N1N NDP H . 0.89 -26.87 5.59
C2N NDP H . 0.80 -28.14 5.95
C3N NDP H . 0.57 -28.51 7.27
C7N NDP H . 0.50 -29.96 7.67
O7N NDP H . 0.39 -30.82 6.84
N7N NDP H . 0.58 -30.30 8.91
C4N NDP H . 0.42 -27.47 8.32
C5N NDP H . 0.51 -26.14 7.80
C6N NDP H . 0.74 -25.90 6.48
P2B NDP H . 3.17 -34.78 -5.89
O1X NDP H . 2.64 -35.82 -5.09
O2X NDP H . 2.78 -34.89 -7.23
O3X NDP H . 4.57 -34.47 -5.68
#